data_3ENZ
#
_entry.id   3ENZ
#
_cell.length_a   177.820
_cell.length_b   177.820
_cell.length_c   253.868
_cell.angle_alpha   90.00
_cell.angle_beta   90.00
_cell.angle_gamma   90.00
#
_symmetry.space_group_name_H-M   'I 41 2 2'
#
loop_
_entity.id
_entity.type
_entity.pdbx_description
1 polymer 'Purine nucleoside phosphorylase'
2 non-polymer HYPOXANTHINE
3 non-polymer 1,4-anhydro-D-ribitol
4 non-polymer ARSENATE
5 non-polymer 'FORMIC ACID'
6 non-polymer 'SODIUM ION'
7 water water
#
_entity_poly.entity_id   1
_entity_poly.type   'polypeptide(L)'
_entity_poly.pdbx_seq_one_letter_code
;MDNLLRHLKISKEQITPVVLVVGDPGRVDKIKVVCDSYVDLAYNREYKSVECHYKGQKFLCVSHGVGSAGCAVCFEELCQ
NGAKVIIRAGSCGSLQPDLIKRGDICICNAAVREDRVSHLLIHGDFPAVGDFDVYDTLNKCAQELNVPVFNGISVSSDMY
YPNKIIPSRLEDYSKANAAVVEMELATLMVIGTLRKVKTGGILIVDGCPFKWDEGDFDNNLVPHQLENMIKIALGACAKL
ATKYALEHHHHHH
;
_entity_poly.pdbx_strand_id   A,B,C,D,E,F
#
loop_
_chem_comp.id
_chem_comp.type
_chem_comp.name
_chem_comp.formula
ART non-polymer ARSENATE 'As O4 -3'
FMT non-polymer 'FORMIC ACID' 'C H2 O2'
HPA non-polymer HYPOXANTHINE 'C5 H4 N4 O'
NA non-polymer 'SODIUM ION' 'Na 1'
R1X D-saccharide 1,4-anhydro-D-ribitol 'C5 H10 O4'
#
# COMPACT_ATOMS: atom_id res chain seq x y z
N ASN A 3 33.78 -6.34 -24.79
CA ASN A 3 32.68 -5.42 -24.35
C ASN A 3 32.60 -5.21 -22.84
N LEU A 4 32.53 -3.93 -22.45
CA LEU A 4 32.69 -3.54 -21.05
C LEU A 4 31.35 -3.42 -20.39
N LEU A 5 31.33 -3.64 -19.08
CA LEU A 5 30.13 -3.35 -18.30
C LEU A 5 29.78 -1.86 -18.48
N ARG A 6 28.49 -1.59 -18.65
CA ARG A 6 27.99 -0.28 -19.04
C ARG A 6 28.49 0.86 -18.17
N HIS A 7 28.51 0.64 -16.85
CA HIS A 7 28.83 1.71 -15.92
C HIS A 7 30.18 1.53 -15.24
N LEU A 8 30.51 0.28 -14.92
CA LEU A 8 31.85 -0.03 -14.35
C LEU A 8 33.00 0.11 -15.35
N LYS A 9 32.72 -0.16 -16.63
CA LYS A 9 33.70 -0.01 -17.72
C LYS A 9 34.92 -0.88 -17.48
N ILE A 10 34.70 -2.04 -16.88
CA ILE A 10 35.65 -3.13 -16.86
C ILE A 10 35.02 -4.30 -17.61
N SER A 11 35.81 -5.28 -18.04
CA SER A 11 35.25 -6.47 -18.73
C SER A 11 34.79 -7.51 -17.71
N LYS A 12 33.93 -8.44 -18.14
CA LYS A 12 33.52 -9.55 -17.28
C LYS A 12 34.69 -10.40 -16.77
N GLU A 13 35.76 -10.49 -17.57
CA GLU A 13 36.95 -11.23 -17.18
C GLU A 13 37.67 -10.60 -16.01
N GLN A 14 37.48 -9.30 -15.82
CA GLN A 14 38.11 -8.57 -14.71
C GLN A 14 37.38 -8.69 -13.38
N ILE A 15 36.16 -9.21 -13.39
CA ILE A 15 35.42 -9.43 -12.16
C ILE A 15 35.96 -10.66 -11.40
N THR A 16 36.38 -10.44 -10.16
CA THR A 16 36.88 -11.51 -9.28
C THR A 16 35.71 -12.13 -8.50
N PRO A 17 35.89 -13.37 -8.00
CA PRO A 17 34.85 -13.96 -7.14
C PRO A 17 34.46 -13.07 -5.96
N VAL A 18 35.44 -12.45 -5.30
CA VAL A 18 35.20 -11.59 -4.13
C VAL A 18 35.39 -10.15 -4.56
N VAL A 19 34.45 -9.29 -4.16
CA VAL A 19 34.53 -7.87 -4.39
C VAL A 19 34.26 -7.14 -3.08
N LEU A 20 35.15 -6.21 -2.75
CA LEU A 20 34.92 -5.27 -1.68
C LEU A 20 34.29 -4.00 -2.26
N VAL A 21 33.11 -3.61 -1.79
CA VAL A 21 32.49 -2.33 -2.27
C VAL A 21 32.42 -1.29 -1.19
N VAL A 22 32.61 -0.05 -1.61
CA VAL A 22 32.51 1.12 -0.77
C VAL A 22 31.73 2.24 -1.46
N GLY A 23 31.13 3.10 -0.70
CA GLY A 23 30.38 4.17 -1.34
C GLY A 23 31.25 5.26 -1.98
N ASP A 24 32.29 5.68 -1.28
CA ASP A 24 33.14 6.82 -1.64
C ASP A 24 34.31 6.37 -2.54
N PRO A 25 34.32 6.77 -3.83
CA PRO A 25 35.49 6.49 -4.69
C PRO A 25 36.80 6.90 -4.03
N GLY A 26 36.80 7.97 -3.24
CA GLY A 26 38.03 8.38 -2.51
C GLY A 26 38.56 7.32 -1.53
N ARG A 27 37.64 6.50 -1.00
CA ARG A 27 38.03 5.43 -0.06
C ARG A 27 38.77 4.29 -0.77
N VAL A 28 38.47 4.07 -2.04
CA VAL A 28 39.19 3.07 -2.83
C VAL A 28 40.70 3.34 -2.79
N ASP A 29 41.11 4.60 -2.92
CA ASP A 29 42.53 4.91 -2.83
C ASP A 29 43.12 4.64 -1.44
N LYS A 30 42.37 4.95 -0.38
CA LYS A 30 42.79 4.63 1.00
C LYS A 30 42.98 3.14 1.26
N ILE A 31 42.12 2.33 0.65
CA ILE A 31 42.12 0.89 0.83
C ILE A 31 43.29 0.26 0.05
N LYS A 32 43.45 0.70 -1.17
CA LYS A 32 44.33 0.05 -2.06
C LYS A 32 45.79 0.18 -1.62
N VAL A 33 46.13 1.26 -0.97
CA VAL A 33 47.47 1.43 -0.39
C VAL A 33 47.75 0.58 0.86
N VAL A 34 46.70 0.14 1.55
CA VAL A 34 46.83 -0.84 2.65
C VAL A 34 47.19 -2.23 2.12
N CYS A 35 46.73 -2.55 0.92
CA CYS A 35 47.05 -3.83 0.26
C CYS A 35 48.52 -4.03 -0.06
N ASP A 36 48.91 -5.28 -0.28
CA ASP A 36 50.30 -5.59 -0.67
C ASP A 36 50.64 -4.93 -1.99
N SER A 37 49.68 -4.92 -2.91
CA SER A 37 49.82 -4.23 -4.19
C SER A 37 48.42 -4.07 -4.79
N TYR A 38 48.34 -3.29 -5.86
CA TYR A 38 47.01 -2.99 -6.44
C TYR A 38 47.20 -2.68 -7.92
N VAL A 39 46.16 -2.87 -8.71
CA VAL A 39 46.17 -2.48 -10.12
C VAL A 39 44.92 -1.67 -10.39
N ASP A 40 45.09 -0.38 -10.72
CA ASP A 40 43.98 0.46 -11.14
C ASP A 40 43.34 -0.10 -12.39
N LEU A 41 42.00 -0.15 -12.43
CA LEU A 41 41.29 -0.72 -13.57
C LEU A 41 40.50 0.31 -14.35
N ALA A 42 39.50 0.91 -13.70
CA ALA A 42 38.73 1.93 -14.39
C ALA A 42 38.21 2.95 -13.39
N TYR A 43 37.77 4.10 -13.91
CA TYR A 43 37.02 5.06 -13.10
C TYR A 43 36.05 5.77 -14.05
N ASN A 44 34.76 5.44 -13.92
CA ASN A 44 33.70 6.02 -14.76
C ASN A 44 32.56 6.45 -13.85
N ARG A 45 32.05 7.67 -14.04
CA ARG A 45 31.08 8.27 -13.13
C ARG A 45 31.67 8.13 -11.71
N GLU A 46 30.89 7.64 -10.75
CA GLU A 46 31.36 7.49 -9.40
C GLU A 46 31.87 6.06 -9.12
N TYR A 47 32.08 5.33 -10.18
CA TYR A 47 32.43 3.92 -10.05
C TYR A 47 33.91 3.72 -10.38
N LYS A 48 34.69 3.69 -9.35
CA LYS A 48 36.10 3.36 -9.45
C LYS A 48 36.48 1.93 -9.08
N SER A 49 37.22 1.28 -9.95
CA SER A 49 37.50 -0.16 -9.77
C SER A 49 39.02 -0.36 -9.72
N VAL A 50 39.49 -1.03 -8.68
CA VAL A 50 40.90 -1.42 -8.49
C VAL A 50 40.98 -2.93 -8.15
N GLU A 51 41.96 -3.62 -8.72
CA GLU A 51 42.34 -4.99 -8.29
C GLU A 51 43.25 -4.93 -7.06
N CYS A 52 42.83 -5.48 -5.93
CA CYS A 52 43.65 -5.52 -4.72
C CYS A 52 44.34 -6.86 -4.54
N HIS A 53 45.60 -6.82 -4.09
CA HIS A 53 46.32 -8.03 -3.71
C HIS A 53 46.65 -7.96 -2.24
N TYR A 54 46.17 -8.93 -1.48
CA TYR A 54 46.26 -8.90 -0.03
C TYR A 54 46.30 -10.34 0.49
N LYS A 55 47.32 -10.63 1.29
CA LYS A 55 47.57 -11.98 1.83
C LYS A 55 47.61 -13.07 0.74
N GLY A 56 48.17 -12.73 -0.42
CA GLY A 56 48.26 -13.67 -1.54
C GLY A 56 47.01 -13.87 -2.38
N GLN A 57 45.95 -13.13 -2.06
CA GLN A 57 44.68 -13.20 -2.78
C GLN A 57 44.44 -11.96 -3.64
N LYS A 58 43.51 -12.09 -4.58
CA LYS A 58 43.20 -11.06 -5.54
C LYS A 58 41.70 -10.82 -5.51
N PHE A 59 41.30 -9.57 -5.32
CA PHE A 59 39.86 -9.21 -5.29
C PHE A 59 39.70 -7.76 -5.65
N LEU A 60 38.64 -7.43 -6.38
CA LEU A 60 38.33 -6.04 -6.72
C LEU A 60 37.92 -5.25 -5.50
N CYS A 61 38.26 -3.98 -5.52
CA CYS A 61 37.63 -2.99 -4.69
C CYS A 61 36.97 -1.97 -5.64
N VAL A 62 35.68 -1.76 -5.46
CA VAL A 62 34.86 -0.95 -6.39
C VAL A 62 33.99 0.04 -5.60
N SER A 63 33.94 1.32 -6.00
CA SER A 63 33.05 2.27 -5.35
C SER A 63 31.65 2.15 -5.98
N HIS A 64 30.60 2.28 -5.16
CA HIS A 64 29.24 2.15 -5.66
C HIS A 64 28.43 3.46 -5.60
N GLY A 65 29.04 4.54 -5.09
CA GLY A 65 28.32 5.83 -4.96
C GLY A 65 27.30 5.90 -3.81
N VAL A 66 26.72 7.07 -3.60
CA VAL A 66 25.64 7.24 -2.59
C VAL A 66 24.28 6.81 -3.13
N GLY A 67 23.61 5.88 -2.43
CA GLY A 67 22.18 5.75 -2.59
C GLY A 67 21.88 4.47 -3.34
N SER A 68 20.72 3.89 -3.02
CA SER A 68 20.33 2.54 -3.42
C SER A 68 20.21 2.33 -4.94
N ALA A 69 19.61 3.27 -5.68
CA ALA A 69 19.45 3.11 -7.12
C ALA A 69 20.83 3.14 -7.82
N GLY A 70 21.70 4.04 -7.37
CA GLY A 70 23.07 4.10 -7.96
C GLY A 70 23.91 2.88 -7.64
N CYS A 71 23.84 2.42 -6.39
CA CYS A 71 24.63 1.26 -6.02
C CYS A 71 24.03 0.00 -6.67
N ALA A 72 22.72 -0.02 -6.91
CA ALA A 72 22.13 -1.22 -7.52
C ALA A 72 22.74 -1.42 -8.93
N VAL A 73 22.99 -0.33 -9.64
CA VAL A 73 23.58 -0.43 -10.99
C VAL A 73 24.95 -1.12 -10.88
N CYS A 74 25.74 -0.71 -9.89
CA CYS A 74 27.03 -1.33 -9.62
C CYS A 74 26.84 -2.82 -9.24
N PHE A 75 25.96 -3.08 -8.29
CA PHE A 75 25.81 -4.45 -7.78
C PHE A 75 25.29 -5.40 -8.85
N GLU A 76 24.39 -4.93 -9.73
CA GLU A 76 23.88 -5.80 -10.79
C GLU A 76 24.98 -6.13 -11.76
N GLU A 77 25.80 -5.15 -12.11
CA GLU A 77 26.89 -5.42 -13.06
C GLU A 77 27.90 -6.41 -12.48
N LEU A 78 28.19 -6.31 -11.18
CA LEU A 78 29.06 -7.30 -10.53
C LEU A 78 28.39 -8.69 -10.49
N CYS A 79 27.14 -8.75 -10.03
CA CYS A 79 26.48 -10.04 -9.77
C CYS A 79 26.14 -10.75 -11.07
N GLN A 80 25.88 -10.01 -12.15
CA GLN A 80 25.52 -10.65 -13.43
C GLN A 80 26.74 -11.07 -14.24
N ASN A 81 27.91 -10.74 -13.71
CA ASN A 81 29.13 -10.94 -14.46
C ASN A 81 30.24 -11.65 -13.68
N GLY A 82 29.84 -12.39 -12.66
CA GLY A 82 30.72 -13.37 -12.04
C GLY A 82 31.13 -13.12 -10.59
N ALA A 83 30.73 -12.00 -9.98
CA ALA A 83 30.94 -11.85 -8.53
C ALA A 83 30.18 -12.95 -7.76
N LYS A 84 30.84 -13.53 -6.74
CA LYS A 84 30.23 -14.59 -5.93
C LYS A 84 30.07 -14.15 -4.47
N VAL A 85 30.90 -13.21 -4.03
CA VAL A 85 30.90 -12.67 -2.66
C VAL A 85 31.13 -11.17 -2.77
N ILE A 86 30.28 -10.38 -2.07
CA ILE A 86 30.45 -8.94 -2.02
C ILE A 86 30.28 -8.41 -0.58
N ILE A 87 31.33 -7.76 -0.08
CA ILE A 87 31.30 -7.11 1.21
C ILE A 87 31.26 -5.60 1.00
N ARG A 88 30.28 -4.96 1.64
CA ARG A 88 30.20 -3.50 1.68
C ARG A 88 30.92 -3.03 2.93
N ALA A 89 31.90 -2.13 2.75
CA ALA A 89 32.53 -1.44 3.85
C ALA A 89 32.18 0.04 3.79
N GLY A 90 31.34 0.51 4.73
CA GLY A 90 30.71 1.84 4.59
C GLY A 90 30.71 2.62 5.89
N SER A 91 30.01 3.75 5.89
CA SER A 91 29.85 4.52 7.14
C SER A 91 28.38 4.53 7.45
N CYS A 92 28.02 4.87 8.68
CA CYS A 92 26.65 4.77 9.14
C CYS A 92 26.43 5.75 10.31
N GLY A 93 25.17 5.99 10.65
CA GLY A 93 24.85 6.68 11.89
C GLY A 93 24.37 5.69 12.94
N SER A 94 24.54 6.01 14.21
CA SER A 94 24.09 5.16 15.30
C SER A 94 22.62 5.45 15.58
N LEU A 95 21.83 4.38 15.74
CA LEU A 95 20.44 4.48 16.19
C LEU A 95 20.33 4.11 17.67
N GLN A 96 21.49 3.88 18.30
CA GLN A 96 21.53 3.51 19.72
C GLN A 96 22.60 4.34 20.42
N PRO A 97 22.39 5.67 20.54
CA PRO A 97 23.49 6.56 20.92
C PRO A 97 24.07 6.30 22.32
N ASP A 98 23.30 5.64 23.19
CA ASP A 98 23.81 5.34 24.52
C ASP A 98 24.88 4.25 24.50
N LEU A 99 24.86 3.45 23.44
CA LEU A 99 25.65 2.25 23.33
C LEU A 99 26.66 2.34 22.19
N ILE A 100 26.20 2.83 21.05
CA ILE A 100 27.01 2.88 19.85
C ILE A 100 27.36 4.34 19.52
N LYS A 101 28.67 4.63 19.56
CA LYS A 101 29.23 5.99 19.52
C LYS A 101 29.99 6.25 18.22
N ARG A 102 30.26 7.53 17.93
CA ARG A 102 31.08 7.92 16.78
C ARG A 102 32.40 7.12 16.78
N GLY A 103 32.78 6.57 15.62
CA GLY A 103 33.99 5.78 15.53
C GLY A 103 33.83 4.28 15.75
N ASP A 104 32.74 3.84 16.38
CA ASP A 104 32.49 2.40 16.59
C ASP A 104 32.19 1.69 15.27
N ILE A 105 32.39 0.38 15.25
CA ILE A 105 32.21 -0.43 14.03
C ILE A 105 31.10 -1.45 14.26
N CYS A 106 30.18 -1.54 13.29
CA CYS A 106 29.08 -2.52 13.34
C CYS A 106 29.16 -3.48 12.15
N ILE A 107 29.07 -4.77 12.41
CA ILE A 107 28.98 -5.79 11.38
C ILE A 107 27.51 -6.27 11.34
N CYS A 108 26.87 -6.11 10.20
CA CYS A 108 25.42 -6.22 10.12
C CYS A 108 25.01 -7.48 9.36
N ASN A 109 23.95 -8.13 9.83
CA ASN A 109 23.52 -9.40 9.25
C ASN A 109 22.25 -9.26 8.40
N ALA A 110 21.61 -8.10 8.50
CA ALA A 110 20.33 -7.89 7.85
C ALA A 110 20.00 -6.39 7.83
N ALA A 111 19.03 -6.01 7.01
CA ALA A 111 18.76 -4.58 6.83
C ALA A 111 17.29 -4.29 6.59
N VAL A 112 16.89 -3.06 6.90
CA VAL A 112 15.54 -2.54 6.62
C VAL A 112 15.54 -2.01 5.20
N ARG A 113 14.55 -2.45 4.41
CA ARG A 113 14.47 -2.13 2.96
C ARG A 113 13.73 -0.82 2.69
N GLU A 114 14.26 0.28 3.21
CA GLU A 114 13.68 1.59 2.97
C GLU A 114 14.29 2.21 1.69
N ASP A 115 14.28 1.42 0.61
CA ASP A 115 14.66 1.88 -0.72
C ASP A 115 13.45 1.71 -1.64
N ARG A 116 13.68 1.85 -2.94
CA ARG A 116 12.64 1.47 -3.91
C ARG A 116 13.08 0.30 -4.79
N VAL A 117 14.33 0.30 -5.26
CA VAL A 117 14.78 -0.70 -6.22
C VAL A 117 14.61 -2.19 -5.75
N SER A 118 14.89 -2.49 -4.48
CA SER A 118 14.65 -3.87 -4.04
C SER A 118 13.17 -4.26 -4.22
N HIS A 119 12.26 -3.31 -4.03
CA HIS A 119 10.80 -3.55 -4.13
C HIS A 119 10.35 -3.65 -5.59
N LEU A 120 11.12 -3.04 -6.48
CA LEU A 120 10.92 -3.18 -7.92
C LEU A 120 11.42 -4.55 -8.44
N LEU A 121 12.25 -5.23 -7.63
CA LEU A 121 12.83 -6.54 -7.92
C LEU A 121 12.07 -7.70 -7.24
N ILE A 122 11.57 -7.45 -6.03
CA ILE A 122 10.88 -8.52 -5.29
C ILE A 122 9.97 -7.91 -4.23
N HIS A 123 8.87 -8.59 -3.92
CA HIS A 123 7.86 -8.11 -2.93
C HIS A 123 8.52 -7.64 -1.62
N GLY A 124 7.93 -6.63 -0.98
CA GLY A 124 8.54 -6.04 0.24
C GLY A 124 8.61 -6.96 1.47
N ASP A 125 7.76 -7.99 1.51
CA ASP A 125 7.80 -9.02 2.60
C ASP A 125 9.13 -9.82 2.66
N PHE A 126 9.85 -9.84 1.53
CA PHE A 126 11.11 -10.59 1.38
C PHE A 126 12.22 -9.96 2.24
N PRO A 127 13.01 -10.79 2.99
CA PRO A 127 14.01 -10.19 3.88
C PRO A 127 15.28 -9.73 3.16
N ALA A 128 15.82 -8.56 3.56
CA ALA A 128 17.21 -8.18 3.24
C ALA A 128 18.10 -8.82 4.32
N VAL A 129 18.81 -9.86 3.93
CA VAL A 129 19.58 -10.67 4.85
C VAL A 129 20.93 -10.99 4.18
N GLY A 130 22.00 -10.96 4.96
CA GLY A 130 23.31 -11.24 4.43
C GLY A 130 23.63 -12.70 4.53
N ASP A 131 24.75 -13.08 3.94
CA ASP A 131 25.19 -14.45 3.99
C ASP A 131 25.87 -14.74 5.34
N PHE A 132 25.54 -15.90 5.93
CA PHE A 132 26.18 -16.35 7.20
C PHE A 132 27.69 -16.40 7.22
N ASP A 133 28.29 -17.07 6.24
CA ASP A 133 29.73 -17.27 6.23
C ASP A 133 30.42 -15.92 6.18
N VAL A 134 29.86 -14.99 5.40
CA VAL A 134 30.46 -13.66 5.26
C VAL A 134 30.43 -12.92 6.62
N TYR A 135 29.27 -12.92 7.26
CA TYR A 135 29.08 -12.28 8.55
C TYR A 135 30.08 -12.85 9.59
N ASP A 136 30.15 -14.17 9.63
CA ASP A 136 31.04 -14.91 10.54
C ASP A 136 32.52 -14.61 10.27
N THR A 137 32.89 -14.52 9.00
CA THR A 137 34.27 -14.22 8.66
C THR A 137 34.66 -12.81 9.13
N LEU A 138 33.78 -11.83 8.87
CA LEU A 138 33.97 -10.46 9.36
C LEU A 138 34.16 -10.44 10.90
N ASN A 139 33.28 -11.10 11.64
CA ASN A 139 33.43 -11.20 13.11
C ASN A 139 34.70 -11.88 13.56
N LYS A 140 35.07 -12.95 12.90
CA LYS A 140 36.25 -13.69 13.27
C LYS A 140 37.47 -12.82 13.02
N CYS A 141 37.49 -12.15 11.89
CA CYS A 141 38.62 -11.25 11.59
C CYS A 141 38.78 -10.09 12.59
N ALA A 142 37.66 -9.47 12.98
CA ALA A 142 37.66 -8.43 14.01
C ALA A 142 38.25 -8.98 15.31
N GLN A 143 37.79 -10.17 15.70
CA GLN A 143 38.31 -10.82 16.91
C GLN A 143 39.83 -11.02 16.86
N GLU A 144 40.33 -11.55 15.75
CA GLU A 144 41.76 -11.83 15.56
C GLU A 144 42.59 -10.57 15.63
N LEU A 145 42.04 -9.47 15.12
CA LEU A 145 42.69 -8.17 15.11
C LEU A 145 42.49 -7.42 16.44
N ASN A 146 41.83 -8.07 17.39
CA ASN A 146 41.42 -7.46 18.67
C ASN A 146 40.72 -6.10 18.54
N VAL A 147 39.70 -6.04 17.67
CA VAL A 147 38.93 -4.82 17.43
C VAL A 147 37.49 -5.06 17.88
N PRO A 148 37.04 -4.39 18.96
CA PRO A 148 35.66 -4.57 19.41
C PRO A 148 34.70 -4.11 18.33
N VAL A 149 33.66 -4.88 18.10
CA VAL A 149 32.60 -4.52 17.16
C VAL A 149 31.19 -4.77 17.76
N PHE A 150 30.20 -4.06 17.24
CA PHE A 150 28.81 -4.41 17.46
C PHE A 150 28.25 -5.21 16.29
N ASN A 151 27.10 -5.83 16.52
CA ASN A 151 26.39 -6.61 15.51
C ASN A 151 24.95 -6.16 15.55
N GLY A 152 24.30 -6.07 14.39
CA GLY A 152 22.91 -5.70 14.42
C GLY A 152 22.36 -5.45 13.03
N ILE A 153 21.11 -5.03 13.02
CA ILE A 153 20.41 -4.67 11.77
C ILE A 153 20.71 -3.22 11.40
N SER A 154 20.96 -2.98 10.10
CA SER A 154 21.02 -1.62 9.57
C SER A 154 19.70 -1.17 8.98
N VAL A 155 19.27 0.08 9.27
CA VAL A 155 18.21 0.71 8.46
C VAL A 155 18.89 1.25 7.20
N SER A 156 18.51 0.75 6.02
CA SER A 156 19.01 1.34 4.76
C SER A 156 17.90 2.27 4.24
N SER A 157 18.08 3.57 4.41
CA SER A 157 17.02 4.55 4.06
C SER A 157 17.50 5.41 2.91
N ASP A 158 16.64 5.57 1.90
CA ASP A 158 16.88 6.50 0.80
C ASP A 158 16.82 7.98 1.22
N MET A 159 16.40 8.26 2.46
CA MET A 159 16.31 9.65 2.89
C MET A 159 17.44 9.98 3.87
N TYR A 160 18.35 10.85 3.48
CA TYR A 160 19.39 11.32 4.37
C TYR A 160 18.92 12.58 5.15
N TYR A 161 18.27 13.51 4.47
CA TYR A 161 17.82 14.73 5.11
C TYR A 161 16.28 14.68 5.24
N PRO A 162 15.77 14.48 6.46
CA PRO A 162 14.31 14.43 6.60
C PRO A 162 13.70 15.83 6.53
N ASN A 163 12.41 15.89 6.22
CA ASN A 163 11.70 17.16 6.32
C ASN A 163 10.75 17.12 7.52
N LYS A 164 9.90 18.13 7.66
CA LYS A 164 9.02 18.25 8.81
C LYS A 164 7.58 17.89 8.43
N ILE A 165 7.39 17.22 7.30
CA ILE A 165 6.05 16.85 6.90
C ILE A 165 5.76 15.39 7.24
N ILE A 166 6.56 14.47 6.71
CA ILE A 166 6.41 13.04 6.92
C ILE A 166 7.45 12.65 7.98
N PRO A 167 7.01 12.08 9.13
CA PRO A 167 7.99 11.65 10.17
C PRO A 167 8.97 10.64 9.61
N SER A 168 10.23 10.78 9.94
CA SER A 168 11.21 9.75 9.71
C SER A 168 10.84 8.48 10.50
N ARG A 169 11.15 7.32 9.95
CA ARG A 169 10.92 6.04 10.64
C ARG A 169 12.07 5.64 11.56
N LEU A 170 13.10 6.50 11.65
CA LEU A 170 14.31 6.13 12.40
C LEU A 170 14.05 5.87 13.88
N GLU A 171 13.20 6.68 14.53
CA GLU A 171 12.90 6.42 15.94
C GLU A 171 12.17 5.07 16.15
N ASP A 172 11.17 4.80 15.30
CA ASP A 172 10.50 3.49 15.26
C ASP A 172 11.54 2.35 15.18
N TYR A 173 12.47 2.45 14.24
CA TYR A 173 13.39 1.36 14.04
C TYR A 173 14.41 1.24 15.16
N SER A 174 14.72 2.36 15.81
CA SER A 174 15.58 2.36 17.01
C SER A 174 14.86 1.56 18.12
N LYS A 175 13.57 1.83 18.27
CA LYS A 175 12.74 1.09 19.23
C LYS A 175 12.67 -0.39 18.87
N ALA A 176 12.77 -0.69 17.59
CA ALA A 176 12.73 -2.07 17.11
C ALA A 176 14.11 -2.73 17.20
N ASN A 177 15.10 -1.95 17.61
CA ASN A 177 16.39 -2.50 18.01
C ASN A 177 17.35 -2.65 16.83
N ALA A 178 17.03 -1.95 15.74
CA ALA A 178 18.03 -1.64 14.72
C ALA A 178 19.18 -0.84 15.29
N ALA A 179 20.40 -1.14 14.83
CA ALA A 179 21.60 -0.63 15.48
C ALA A 179 22.07 0.67 14.82
N VAL A 180 22.06 0.69 13.49
CA VAL A 180 22.63 1.80 12.73
C VAL A 180 21.79 2.13 11.51
N VAL A 181 22.15 3.22 10.83
CA VAL A 181 21.45 3.61 9.62
C VAL A 181 22.49 3.96 8.55
N GLU A 182 22.27 3.47 7.34
CA GLU A 182 23.03 3.93 6.19
C GLU A 182 22.11 3.85 4.97
N MET A 183 22.66 3.68 3.77
CA MET A 183 21.86 3.95 2.57
C MET A 183 21.87 2.88 1.46
N GLU A 184 22.63 1.81 1.65
CA GLU A 184 22.91 0.88 0.54
C GLU A 184 22.81 -0.62 0.86
N LEU A 185 22.99 -0.96 2.14
CA LEU A 185 23.17 -2.35 2.51
C LEU A 185 21.97 -3.26 2.18
N ALA A 186 20.73 -2.84 2.51
CA ALA A 186 19.54 -3.61 2.11
C ALA A 186 19.50 -3.97 0.60
N THR A 187 19.86 -3.00 -0.23
CA THR A 187 19.84 -3.14 -1.69
C THR A 187 20.86 -4.18 -2.15
N LEU A 188 22.06 -4.11 -1.57
CA LEU A 188 23.07 -5.17 -1.79
C LEU A 188 22.58 -6.55 -1.41
N MET A 189 22.01 -6.68 -0.22
CA MET A 189 21.59 -7.98 0.29
C MET A 189 20.52 -8.59 -0.59
N VAL A 190 19.49 -7.81 -0.93
CA VAL A 190 18.40 -8.34 -1.75
C VAL A 190 18.92 -8.75 -3.14
N ILE A 191 19.71 -7.88 -3.77
CA ILE A 191 20.24 -8.24 -5.11
C ILE A 191 21.10 -9.51 -5.00
N GLY A 192 21.93 -9.60 -3.96
CA GLY A 192 22.74 -10.79 -3.76
C GLY A 192 21.92 -12.07 -3.61
N THR A 193 20.85 -12.04 -2.80
CA THR A 193 19.98 -13.20 -2.65
C THR A 193 19.37 -13.62 -4.01
N LEU A 194 18.83 -12.65 -4.71
CA LEU A 194 18.21 -12.89 -6.02
C LEU A 194 19.17 -13.45 -7.07
N ARG A 195 20.45 -13.06 -7.00
CA ARG A 195 21.45 -13.40 -8.00
C ARG A 195 22.43 -14.46 -7.48
N LYS A 196 22.14 -15.03 -6.32
CA LYS A 196 22.98 -16.08 -5.71
C LYS A 196 24.41 -15.62 -5.43
N VAL A 197 24.50 -14.45 -4.83
CA VAL A 197 25.78 -13.86 -4.49
C VAL A 197 25.73 -13.68 -2.98
N LYS A 198 26.80 -14.06 -2.28
CA LYS A 198 26.90 -13.95 -0.84
C LYS A 198 27.29 -12.53 -0.46
N THR A 199 26.57 -11.92 0.47
CA THR A 199 26.83 -10.53 0.81
C THR A 199 27.00 -10.33 2.30
N GLY A 200 27.64 -9.20 2.66
CA GLY A 200 27.77 -8.78 4.06
C GLY A 200 28.12 -7.28 4.13
N GLY A 201 28.11 -6.74 5.35
CA GLY A 201 28.38 -5.31 5.58
C GLY A 201 29.12 -5.09 6.88
N ILE A 202 30.09 -4.20 6.83
CA ILE A 202 30.78 -3.70 8.03
C ILE A 202 30.77 -2.17 7.90
N LEU A 203 30.50 -1.48 9.00
CA LEU A 203 30.19 -0.06 8.92
C LEU A 203 30.84 0.66 10.07
N ILE A 204 31.31 1.88 9.79
CA ILE A 204 31.90 2.75 10.82
C ILE A 204 30.95 3.91 11.12
N VAL A 205 30.68 4.12 12.40
CA VAL A 205 29.77 5.18 12.85
C VAL A 205 30.39 6.61 12.72
N ASP A 206 29.69 7.52 12.02
CA ASP A 206 30.19 8.89 11.84
C ASP A 206 29.38 9.94 12.61
N GLY A 207 28.31 9.51 13.26
CA GLY A 207 27.52 10.39 14.15
C GLY A 207 26.23 9.74 14.55
N CYS A 208 25.27 10.55 15.02
CA CYS A 208 23.92 10.10 15.35
C CYS A 208 22.88 11.06 14.78
N PRO A 209 22.03 10.57 13.85
CA PRO A 209 21.01 11.41 13.20
C PRO A 209 20.01 12.06 14.18
N PHE A 210 19.78 11.44 15.33
CA PHE A 210 18.91 12.03 16.36
C PHE A 210 19.54 13.27 16.97
N LYS A 211 20.85 13.42 16.79
CA LYS A 211 21.59 14.49 17.48
C LYS A 211 22.38 15.40 16.54
N TRP A 212 22.07 15.37 15.24
CA TRP A 212 22.75 16.24 14.27
C TRP A 212 22.66 17.73 14.67
N ASP A 213 21.55 18.12 15.27
CA ASP A 213 21.37 19.52 15.72
C ASP A 213 22.21 19.89 16.96
N GLU A 214 22.80 18.89 17.61
CA GLU A 214 23.75 19.10 18.72
C GLU A 214 25.23 19.03 18.31
N GLY A 215 25.46 18.81 17.01
CA GLY A 215 26.80 18.64 16.47
C GLY A 215 27.37 17.22 16.58
N ASP A 216 26.49 16.23 16.82
CA ASP A 216 26.91 14.81 16.87
C ASP A 216 27.07 14.22 15.44
N PHE A 217 28.06 14.77 14.74
CA PHE A 217 28.41 14.35 13.39
C PHE A 217 29.81 14.85 13.02
N ASP A 218 30.57 13.98 12.37
CA ASP A 218 31.84 14.38 11.80
C ASP A 218 32.09 13.58 10.53
N ASN A 219 32.19 14.32 9.43
CA ASN A 219 32.46 13.79 8.10
C ASN A 219 33.82 13.07 8.00
N ASN A 220 34.78 13.55 8.78
CA ASN A 220 36.09 12.88 8.91
C ASN A 220 36.01 11.69 9.88
N LEU A 221 36.13 10.49 9.31
CA LEU A 221 35.95 9.24 10.07
C LEU A 221 37.15 9.05 11.01
N VAL A 222 36.90 8.60 12.24
CA VAL A 222 38.00 8.44 13.23
C VAL A 222 39.10 7.59 12.60
N PRO A 223 40.31 8.19 12.39
CA PRO A 223 41.36 7.59 11.55
C PRO A 223 41.78 6.15 11.89
N HIS A 224 42.02 5.86 13.18
CA HIS A 224 42.45 4.52 13.63
CA HIS A 224 42.45 4.52 13.58
C HIS A 224 41.32 3.49 13.49
N GLN A 225 40.10 3.95 13.64
CA GLN A 225 38.95 3.06 13.51
C GLN A 225 38.66 2.76 12.04
N LEU A 226 38.83 3.75 11.18
CA LEU A 226 38.73 3.49 9.74
C LEU A 226 39.81 2.49 9.30
N GLU A 227 41.04 2.69 9.79
CA GLU A 227 42.15 1.75 9.61
C GLU A 227 41.78 0.33 10.02
N ASN A 228 41.25 0.17 11.25
CA ASN A 228 40.82 -1.15 11.74
C ASN A 228 39.71 -1.75 10.88
N MET A 229 38.73 -0.91 10.50
CA MET A 229 37.62 -1.41 9.66
C MET A 229 38.12 -1.96 8.33
N ILE A 230 39.00 -1.20 7.70
CA ILE A 230 39.64 -1.60 6.45
C ILE A 230 40.46 -2.91 6.60
N LYS A 231 41.23 -3.02 7.68
CA LYS A 231 42.00 -4.25 7.92
C LYS A 231 41.05 -5.44 8.11
N ILE A 232 39.96 -5.21 8.82
CA ILE A 232 38.98 -6.29 8.98
C ILE A 232 38.37 -6.71 7.65
N ALA A 233 37.93 -5.73 6.87
CA ALA A 233 37.29 -5.98 5.57
C ALA A 233 38.27 -6.67 4.59
N LEU A 234 39.49 -6.15 4.49
CA LEU A 234 40.50 -6.75 3.60
C LEU A 234 40.84 -8.20 4.04
N GLY A 235 40.98 -8.42 5.34
CA GLY A 235 41.28 -9.76 5.87
C GLY A 235 40.16 -10.75 5.54
N ALA A 236 38.93 -10.29 5.68
CA ALA A 236 37.77 -11.14 5.40
C ALA A 236 37.65 -11.42 3.92
N CYS A 237 37.92 -10.42 3.09
CA CYS A 237 37.92 -10.58 1.63
C CYS A 237 38.95 -11.64 1.20
N ALA A 238 40.14 -11.58 1.79
CA ALA A 238 41.19 -12.55 1.47
C ALA A 238 40.80 -13.97 1.90
N LYS A 239 40.22 -14.10 3.10
CA LYS A 239 39.78 -15.41 3.60
C LYS A 239 38.69 -15.99 2.74
N LEU A 240 37.71 -15.16 2.39
CA LEU A 240 36.57 -15.60 1.58
C LEU A 240 37.03 -15.98 0.18
N ALA A 241 38.03 -15.28 -0.34
CA ALA A 241 38.63 -15.64 -1.61
C ALA A 241 39.27 -17.06 -1.56
N THR A 242 40.00 -17.41 -0.50
CA THR A 242 40.49 -18.78 -0.33
C THR A 242 39.38 -19.77 -0.03
N LYS A 243 38.40 -19.41 0.80
CA LYS A 243 37.22 -20.27 1.05
C LYS A 243 36.48 -20.57 -0.24
N TYR A 244 36.43 -19.63 -1.14
CA TYR A 244 35.74 -19.80 -2.38
C TYR A 244 36.49 -20.83 -3.26
N ALA A 245 37.80 -20.66 -3.35
CA ALA A 245 38.66 -21.63 -4.03
C ALA A 245 38.36 -23.05 -3.55
N LEU A 246 38.62 -23.25 -2.27
CA LEU A 246 38.21 -24.39 -1.56
C LEU A 246 36.82 -24.80 -1.93
N ASN B 3 30.40 25.35 8.25
CA ASN B 3 31.18 25.88 7.08
C ASN B 3 30.76 25.21 5.75
N LEU B 4 31.32 24.05 5.43
CA LEU B 4 31.20 23.50 4.11
C LEU B 4 30.02 22.59 4.01
N LEU B 5 29.29 22.61 2.90
CA LEU B 5 28.24 21.64 2.83
C LEU B 5 28.86 20.27 2.90
N ARG B 6 28.10 19.38 3.54
CA ARG B 6 28.50 18.04 3.97
C ARG B 6 28.95 17.14 2.83
N HIS B 7 28.23 17.14 1.73
CA HIS B 7 28.57 16.34 0.56
C HIS B 7 29.11 17.13 -0.63
N LEU B 8 28.59 18.34 -0.88
CA LEU B 8 29.17 19.18 -1.95
C LEU B 8 30.55 19.77 -1.61
N LYS B 9 30.80 19.97 -0.32
CA LYS B 9 32.06 20.52 0.19
C LYS B 9 32.33 21.92 -0.38
N ILE B 10 31.26 22.66 -0.63
CA ILE B 10 31.36 24.07 -0.97
C ILE B 10 30.59 24.84 0.11
N SER B 11 30.82 26.14 0.22
CA SER B 11 30.07 26.89 1.21
C SER B 11 28.76 27.45 0.63
N LYS B 12 27.83 27.81 1.53
CA LYS B 12 26.59 28.52 1.21
C LYS B 12 26.84 29.71 0.28
N GLU B 13 27.92 30.45 0.55
CA GLU B 13 28.26 31.64 -0.21
C GLU B 13 28.64 31.36 -1.67
N GLN B 14 29.10 30.15 -1.96
CA GLN B 14 29.44 29.77 -3.34
C GLN B 14 28.21 29.30 -4.14
N ILE B 15 27.07 29.13 -3.51
CA ILE B 15 25.91 28.71 -4.25
C ILE B 15 25.24 29.87 -4.98
N THR B 16 24.97 29.73 -6.26
CA THR B 16 24.39 30.79 -7.07
C THR B 16 22.87 30.54 -7.19
N PRO B 17 22.08 31.61 -7.50
CA PRO B 17 20.64 31.41 -7.70
C PRO B 17 20.30 30.30 -8.72
N VAL B 18 21.05 30.21 -9.82
CA VAL B 18 20.80 29.22 -10.86
C VAL B 18 21.87 28.11 -10.79
N VAL B 19 21.44 26.84 -10.84
CA VAL B 19 22.38 25.71 -10.88
C VAL B 19 21.99 24.72 -11.98
N LEU B 20 22.95 24.40 -12.84
CA LEU B 20 22.82 23.29 -13.78
C LEU B 20 23.32 21.99 -13.15
N VAL B 21 22.46 20.97 -13.07
CA VAL B 21 22.90 19.67 -12.51
C VAL B 21 22.93 18.58 -13.58
N VAL B 22 23.87 17.64 -13.41
CA VAL B 22 24.07 16.54 -14.37
C VAL B 22 24.45 15.33 -13.54
N GLY B 23 24.23 14.15 -14.09
CA GLY B 23 24.49 12.91 -13.33
C GLY B 23 25.97 12.63 -13.26
N ASP B 24 26.62 12.76 -14.41
CA ASP B 24 27.96 12.24 -14.63
C ASP B 24 28.98 13.36 -14.33
N PRO B 25 29.83 13.20 -13.29
CA PRO B 25 30.86 14.25 -13.06
C PRO B 25 31.73 14.51 -14.29
N GLY B 26 31.88 13.50 -15.17
CA GLY B 26 32.48 13.68 -16.48
C GLY B 26 31.81 14.75 -17.35
N ARG B 27 30.49 14.83 -17.29
CA ARG B 27 29.81 15.82 -18.13
C ARG B 27 30.08 17.26 -17.68
N VAL B 28 30.25 17.47 -16.37
CA VAL B 28 30.65 18.79 -15.84
C VAL B 28 31.88 19.34 -16.57
N ASP B 29 32.87 18.47 -16.82
CA ASP B 29 34.08 18.86 -17.54
C ASP B 29 33.79 19.24 -18.99
N LYS B 30 32.93 18.48 -19.64
CA LYS B 30 32.47 18.77 -21.00
C LYS B 30 31.77 20.14 -21.07
N ILE B 31 30.88 20.38 -20.10
CA ILE B 31 30.15 21.66 -19.99
C ILE B 31 31.08 22.88 -19.72
N LYS B 32 32.00 22.72 -18.76
CA LYS B 32 32.77 23.87 -18.31
C LYS B 32 33.68 24.42 -19.43
N VAL B 33 34.10 23.55 -20.35
CA VAL B 33 34.95 23.99 -21.48
C VAL B 33 34.15 24.75 -22.53
N VAL B 34 32.84 24.50 -22.57
CA VAL B 34 31.92 25.19 -23.46
C VAL B 34 31.69 26.64 -22.99
N CYS B 35 31.76 26.86 -21.67
CA CYS B 35 31.55 28.19 -21.08
C CYS B 35 32.68 29.18 -21.42
N ASP B 36 32.44 30.47 -21.21
CA ASP B 36 33.48 31.48 -21.44
C ASP B 36 34.70 31.28 -20.52
N SER B 37 34.42 30.95 -19.26
CA SER B 37 35.45 30.55 -18.32
C SER B 37 34.80 29.77 -17.18
N TYR B 38 35.59 29.25 -16.26
CA TYR B 38 35.01 28.49 -15.15
C TYR B 38 36.00 28.49 -14.00
N VAL B 39 35.54 28.11 -12.81
CA VAL B 39 36.41 27.93 -11.65
C VAL B 39 36.01 26.62 -10.98
N ASP B 40 36.94 25.66 -10.87
CA ASP B 40 36.66 24.41 -10.16
C ASP B 40 36.49 24.74 -8.66
N LEU B 41 35.38 24.33 -8.06
CA LEU B 41 35.15 24.60 -6.63
C LEU B 41 35.51 23.39 -5.75
N ALA B 42 34.96 22.22 -6.05
CA ALA B 42 35.19 21.01 -5.24
C ALA B 42 34.78 19.79 -6.01
N TYR B 43 35.29 18.66 -5.55
CA TYR B 43 34.94 17.33 -6.07
C TYR B 43 35.05 16.34 -4.91
N ASN B 44 33.88 15.97 -4.38
CA ASN B 44 33.79 15.04 -3.28
C ASN B 44 32.79 13.96 -3.63
N ARG B 45 33.16 12.69 -3.43
CA ARG B 45 32.31 11.57 -3.85
C ARG B 45 31.95 11.70 -5.36
N GLU B 46 30.70 11.56 -5.71
CA GLU B 46 30.18 11.77 -7.05
C GLU B 46 29.88 13.25 -7.39
N TYR B 47 30.09 14.11 -6.42
CA TYR B 47 29.60 15.50 -6.52
C TYR B 47 30.73 16.49 -6.88
N LYS B 48 30.74 16.94 -8.13
CA LYS B 48 31.77 17.84 -8.65
C LYS B 48 31.10 19.17 -8.88
N SER B 49 31.68 20.24 -8.34
CA SER B 49 31.06 21.55 -8.40
C SER B 49 31.99 22.53 -9.10
N VAL B 50 31.46 23.20 -10.12
CA VAL B 50 32.24 24.15 -10.92
C VAL B 50 31.43 25.43 -11.06
N GLU B 51 32.08 26.58 -10.92
CA GLU B 51 31.40 27.85 -11.15
C GLU B 51 31.57 28.20 -12.63
N CYS B 52 30.46 28.28 -13.38
CA CYS B 52 30.47 28.60 -14.81
C CYS B 52 30.22 30.08 -15.09
N HIS B 53 30.91 30.57 -16.11
CA HIS B 53 30.69 31.91 -16.61
C HIS B 53 30.31 31.84 -18.09
N TYR B 54 29.10 32.28 -18.39
CA TYR B 54 28.56 32.08 -19.71
C TYR B 54 27.57 33.19 -20.00
N LYS B 55 27.82 33.92 -21.10
CA LYS B 55 26.93 34.97 -21.57
C LYS B 55 26.74 36.08 -20.54
N GLY B 56 27.81 36.37 -19.80
CA GLY B 56 27.78 37.44 -18.81
C GLY B 56 27.33 36.97 -17.44
N GLN B 57 26.90 35.69 -17.34
CA GLN B 57 26.28 35.17 -16.14
C GLN B 57 27.17 34.17 -15.39
N LYS B 58 26.89 34.04 -14.09
CA LYS B 58 27.59 33.16 -13.16
C LYS B 58 26.59 32.15 -12.57
N PHE B 59 26.82 30.86 -12.81
CA PHE B 59 25.97 29.79 -12.25
C PHE B 59 26.80 28.52 -12.07
N LEU B 60 26.44 27.72 -11.06
CA LEU B 60 27.15 26.48 -10.83
C LEU B 60 26.69 25.40 -11.79
N CYS B 61 27.63 24.55 -12.18
CA CYS B 61 27.34 23.22 -12.67
C CYS B 61 27.83 22.18 -11.65
N VAL B 62 26.91 21.33 -11.21
CA VAL B 62 27.15 20.36 -10.13
C VAL B 62 26.69 18.97 -10.60
N SER B 63 27.55 17.94 -10.46
CA SER B 63 27.12 16.56 -10.71
C SER B 63 26.39 15.97 -9.52
N HIS B 64 25.40 15.13 -9.78
CA HIS B 64 24.53 14.56 -8.71
C HIS B 64 24.65 13.05 -8.51
N GLY B 65 25.42 12.38 -9.37
CA GLY B 65 25.55 10.91 -9.30
C GLY B 65 24.33 10.17 -9.90
N VAL B 66 24.47 8.87 -10.04
CA VAL B 66 23.38 7.98 -10.47
C VAL B 66 22.42 7.77 -9.32
N GLY B 67 21.14 8.05 -9.59
CA GLY B 67 20.08 7.52 -8.76
C GLY B 67 19.52 8.49 -7.75
N SER B 68 18.25 8.28 -7.42
CA SER B 68 17.43 9.27 -6.70
C SER B 68 17.93 9.56 -5.26
N ALA B 69 18.33 8.54 -4.51
CA ALA B 69 18.76 8.78 -3.11
C ALA B 69 20.06 9.64 -3.06
N GLY B 70 20.98 9.39 -3.98
CA GLY B 70 22.25 10.09 -3.98
C GLY B 70 22.04 11.50 -4.54
N CYS B 71 21.15 11.64 -5.53
CA CYS B 71 20.88 12.97 -6.08
C CYS B 71 20.09 13.84 -5.09
N ALA B 72 19.23 13.22 -4.28
CA ALA B 72 18.47 13.97 -3.26
C ALA B 72 19.40 14.67 -2.25
N VAL B 73 20.47 14.00 -1.88
CA VAL B 73 21.53 14.64 -1.04
C VAL B 73 22.09 15.92 -1.67
N CYS B 74 22.50 15.83 -2.93
CA CYS B 74 22.91 16.98 -3.71
C CYS B 74 21.81 18.08 -3.75
N PHE B 75 20.59 17.70 -4.13
CA PHE B 75 19.50 18.66 -4.31
C PHE B 75 19.11 19.34 -3.03
N GLU B 76 19.08 18.58 -1.93
CA GLU B 76 18.80 19.20 -0.62
C GLU B 76 19.88 20.20 -0.21
N GLU B 77 21.16 19.85 -0.41
CA GLU B 77 22.24 20.77 -0.03
C GLU B 77 22.14 22.05 -0.86
N LEU B 78 21.74 21.93 -2.12
CA LEU B 78 21.54 23.10 -2.98
C LEU B 78 20.35 23.93 -2.56
N CYS B 79 19.18 23.30 -2.42
CA CYS B 79 17.93 23.97 -2.16
C CYS B 79 17.87 24.61 -0.77
N GLN B 80 18.53 23.99 0.19
CA GLN B 80 18.51 24.52 1.55
C GLN B 80 19.57 25.62 1.78
N ASN B 81 20.41 25.86 0.80
CA ASN B 81 21.49 26.83 0.95
C ASN B 81 21.55 27.89 -0.16
N GLY B 82 20.44 28.10 -0.85
CA GLY B 82 20.25 29.30 -1.66
C GLY B 82 20.01 29.13 -3.14
N ALA B 83 20.00 27.88 -3.66
CA ALA B 83 19.65 27.70 -5.09
C ALA B 83 18.18 28.12 -5.26
N LYS B 84 17.89 28.83 -6.36
CA LYS B 84 16.53 29.26 -6.70
C LYS B 84 15.96 28.59 -7.94
N VAL B 85 16.85 28.10 -8.80
CA VAL B 85 16.50 27.48 -10.07
C VAL B 85 17.53 26.35 -10.32
N ILE B 86 17.06 25.14 -10.58
CA ILE B 86 17.90 24.03 -10.88
C ILE B 86 17.35 23.37 -12.15
N ILE B 87 18.19 23.31 -13.17
CA ILE B 87 17.92 22.54 -14.38
C ILE B 87 18.75 21.26 -14.38
N ARG B 88 18.10 20.11 -14.56
CA ARG B 88 18.80 18.86 -14.79
C ARG B 88 19.03 18.64 -16.29
N ALA B 89 20.26 18.35 -16.68
CA ALA B 89 20.56 17.98 -18.06
C ALA B 89 21.15 16.57 -18.08
N GLY B 90 20.41 15.62 -18.60
CA GLY B 90 20.73 14.21 -18.33
C GLY B 90 20.60 13.36 -19.58
N SER B 91 20.73 12.04 -19.41
CA SER B 91 20.47 11.13 -20.50
C SER B 91 19.24 10.29 -20.14
N CYS B 92 18.64 9.65 -21.14
CA CYS B 92 17.42 8.87 -20.90
C CYS B 92 17.25 7.79 -21.95
N GLY B 93 16.31 6.88 -21.71
CA GLY B 93 15.87 5.90 -22.72
C GLY B 93 14.55 6.37 -23.32
N SER B 94 14.32 6.06 -24.59
CA SER B 94 13.01 6.31 -25.22
C SER B 94 11.94 5.27 -24.83
N LEU B 95 10.76 5.74 -24.47
CA LEU B 95 9.63 4.85 -24.28
C LEU B 95 8.68 4.87 -25.45
N GLN B 96 9.02 5.64 -26.48
CA GLN B 96 8.20 5.74 -27.69
C GLN B 96 9.13 5.48 -28.89
N PRO B 97 9.61 4.23 -29.03
CA PRO B 97 10.67 3.93 -29.99
C PRO B 97 10.31 4.23 -31.44
N ASP B 98 9.02 4.25 -31.75
CA ASP B 98 8.61 4.63 -33.12
C ASP B 98 8.82 6.10 -33.41
N LEU B 99 8.97 6.92 -32.38
CA LEU B 99 8.90 8.37 -32.51
C LEU B 99 10.19 9.02 -32.07
N ILE B 100 10.67 8.61 -30.92
CA ILE B 100 11.81 9.19 -30.29
C ILE B 100 12.95 8.20 -30.34
N LYS B 101 14.05 8.64 -30.95
CA LYS B 101 15.16 7.78 -31.31
C LYS B 101 16.44 8.20 -30.59
N ARG B 102 17.46 7.36 -30.67
CA ARG B 102 18.77 7.61 -30.09
C ARG B 102 19.28 8.97 -30.58
N GLY B 103 19.76 9.79 -29.66
CA GLY B 103 20.26 11.11 -29.99
C GLY B 103 19.22 12.22 -29.94
N ASP B 104 17.93 11.86 -29.92
CA ASP B 104 16.86 12.85 -29.84
C ASP B 104 16.88 13.52 -28.47
N ILE B 105 16.35 14.74 -28.41
CA ILE B 105 16.34 15.53 -27.15
C ILE B 105 14.90 15.74 -26.65
N CYS B 106 14.66 15.47 -25.37
CA CYS B 106 13.34 15.65 -24.77
C CYS B 106 13.41 16.62 -23.58
N ILE B 107 12.52 17.60 -23.59
CA ILE B 107 12.40 18.53 -22.51
C ILE B 107 11.13 18.20 -21.73
N CYS B 108 11.27 18.01 -20.43
CA CYS B 108 10.23 17.34 -19.64
C CYS B 108 9.64 18.29 -18.61
N ASN B 109 8.31 18.33 -18.52
CA ASN B 109 7.63 19.18 -17.54
C ASN B 109 7.14 18.44 -16.26
N ALA B 110 7.17 17.13 -16.28
CA ALA B 110 6.70 16.32 -15.14
C ALA B 110 7.32 14.93 -15.15
N ALA B 111 7.18 14.18 -14.04
CA ALA B 111 7.83 12.88 -13.96
C ALA B 111 7.03 11.89 -13.11
N VAL B 112 7.21 10.61 -13.39
CA VAL B 112 6.76 9.50 -12.59
C VAL B 112 7.68 9.29 -11.39
N ARG B 113 7.09 9.28 -10.20
CA ARG B 113 7.85 9.18 -8.94
C ARG B 113 8.15 7.71 -8.57
N GLU B 114 8.87 7.01 -9.46
CA GLU B 114 9.19 5.64 -9.19
C GLU B 114 10.54 5.60 -8.41
N ASP B 115 10.61 6.42 -7.37
CA ASP B 115 11.71 6.43 -6.39
C ASP B 115 11.21 6.03 -5.00
N ARG B 116 12.06 6.21 -4.00
CA ARG B 116 11.60 6.15 -2.61
C ARG B 116 11.68 7.49 -1.88
N VAL B 117 12.77 8.24 -2.10
CA VAL B 117 13.02 9.41 -1.29
C VAL B 117 11.88 10.48 -1.38
N SER B 118 11.29 10.68 -2.57
CA SER B 118 10.20 11.64 -2.67
C SER B 118 9.05 11.20 -1.77
N HIS B 119 8.81 9.88 -1.72
CA HIS B 119 7.70 9.30 -0.88
C HIS B 119 7.96 9.43 0.61
N LEU B 120 9.22 9.53 0.99
CA LEU B 120 9.60 9.71 2.38
C LEU B 120 9.51 11.17 2.77
N LEU B 121 9.35 12.05 1.79
CA LEU B 121 9.21 13.49 2.00
C LEU B 121 7.75 13.98 1.88
N ILE B 122 7.01 13.37 0.96
CA ILE B 122 5.60 13.73 0.76
C ILE B 122 4.76 12.59 0.19
N HIS B 123 3.47 12.53 0.53
CA HIS B 123 2.57 11.45 0.09
C HIS B 123 2.65 11.20 -1.41
N GLY B 124 2.53 9.93 -1.81
CA GLY B 124 2.67 9.58 -3.24
C GLY B 124 1.73 10.28 -4.22
N ASP B 125 0.55 10.71 -3.75
CA ASP B 125 -0.45 11.36 -4.61
C ASP B 125 0.06 12.72 -5.14
N PHE B 126 1.10 13.28 -4.49
CA PHE B 126 1.60 14.61 -4.85
C PHE B 126 2.34 14.56 -6.21
N PRO B 127 2.13 15.55 -7.10
CA PRO B 127 2.77 15.47 -8.43
C PRO B 127 4.26 15.85 -8.45
N ALA B 128 5.07 15.11 -9.22
CA ALA B 128 6.40 15.58 -9.62
C ALA B 128 6.24 16.44 -10.88
N VAL B 129 6.33 17.76 -10.69
CA VAL B 129 6.13 18.71 -11.76
C VAL B 129 7.22 19.79 -11.71
N GLY B 130 7.65 20.21 -12.90
CA GLY B 130 8.62 21.28 -13.01
C GLY B 130 7.99 22.66 -13.00
N ASP B 131 8.81 23.68 -12.80
CA ASP B 131 8.40 25.06 -13.04
C ASP B 131 8.22 25.31 -14.54
N PHE B 132 7.07 25.89 -14.89
CA PHE B 132 6.62 25.91 -16.28
C PHE B 132 7.29 27.04 -17.07
N ASP B 133 7.91 27.97 -16.34
CA ASP B 133 8.69 29.03 -16.97
C ASP B 133 10.10 28.55 -17.31
N VAL B 134 10.66 27.71 -16.44
CA VAL B 134 11.89 27.00 -16.75
C VAL B 134 11.71 26.09 -17.97
N TYR B 135 10.65 25.28 -17.94
CA TYR B 135 10.24 24.51 -19.13
C TYR B 135 10.15 25.36 -20.42
N ASP B 136 9.45 26.48 -20.34
CA ASP B 136 9.28 27.39 -21.48
C ASP B 136 10.62 28.00 -21.96
N THR B 137 11.50 28.33 -21.01
CA THR B 137 12.82 28.85 -21.34
C THR B 137 13.65 27.81 -22.08
N LEU B 138 13.69 26.58 -21.57
CA LEU B 138 14.35 25.47 -22.27
C LEU B 138 13.83 25.32 -23.71
N ASN B 139 12.50 25.28 -23.86
CA ASN B 139 11.89 25.20 -25.19
C ASN B 139 12.25 26.35 -26.14
N LYS B 140 12.17 27.55 -25.63
CA LYS B 140 12.52 28.75 -26.33
C LYS B 140 13.99 28.75 -26.78
N CYS B 141 14.87 28.33 -25.89
CA CYS B 141 16.30 28.23 -26.24
C CYS B 141 16.56 27.21 -27.33
N ALA B 142 15.92 26.04 -27.26
CA ALA B 142 16.03 25.02 -28.34
C ALA B 142 15.63 25.59 -29.70
N GLN B 143 14.50 26.30 -29.70
CA GLN B 143 13.97 26.96 -30.89
C GLN B 143 14.94 28.03 -31.42
N GLU B 144 15.37 28.94 -30.55
CA GLU B 144 16.36 29.97 -30.93
C GLU B 144 17.59 29.34 -31.59
N LEU B 145 17.97 28.15 -31.10
CA LEU B 145 19.17 27.46 -31.56
C LEU B 145 18.92 26.54 -32.78
N ASN B 146 17.67 26.51 -33.27
CA ASN B 146 17.21 25.55 -34.31
C ASN B 146 17.52 24.07 -34.02
N VAL B 147 17.26 23.67 -32.78
CA VAL B 147 17.33 22.26 -32.40
C VAL B 147 15.91 21.71 -32.15
N PRO B 148 15.43 20.78 -33.02
CA PRO B 148 14.16 20.11 -32.76
C PRO B 148 14.25 19.34 -31.44
N VAL B 149 13.17 19.32 -30.67
CA VAL B 149 13.08 18.65 -29.39
C VAL B 149 11.70 18.03 -29.24
N PHE B 150 11.64 16.99 -28.43
CA PHE B 150 10.35 16.46 -27.97
C PHE B 150 10.02 17.01 -26.58
N ASN B 151 8.75 16.90 -26.22
CA ASN B 151 8.28 17.25 -24.87
C ASN B 151 7.46 16.13 -24.33
N GLY B 152 7.49 15.93 -23.02
CA GLY B 152 6.64 14.94 -22.40
C GLY B 152 7.11 14.60 -21.00
N ILE B 153 6.48 13.56 -20.46
CA ILE B 153 6.71 13.13 -19.09
C ILE B 153 7.90 12.16 -19.07
N SER B 154 8.74 12.28 -18.06
CA SER B 154 9.74 11.26 -17.83
C SER B 154 9.30 10.26 -16.75
N VAL B 155 9.47 8.98 -17.00
CA VAL B 155 9.52 7.99 -15.93
C VAL B 155 10.83 8.05 -15.15
N SER B 156 10.80 8.52 -13.89
CA SER B 156 12.05 8.43 -13.11
C SER B 156 12.02 7.13 -12.29
N SER B 157 12.77 6.12 -12.72
CA SER B 157 12.73 4.80 -12.05
C SER B 157 14.04 4.48 -11.38
N ASP B 158 13.96 3.95 -10.17
CA ASP B 158 15.12 3.50 -9.39
C ASP B 158 15.69 2.18 -9.90
N MET B 159 14.99 1.54 -10.84
CA MET B 159 15.47 0.28 -11.38
C MET B 159 15.97 0.48 -12.81
N TYR B 160 17.26 0.27 -13.00
CA TYR B 160 17.83 0.34 -14.32
C TYR B 160 17.84 -1.04 -15.00
N TYR B 161 18.28 -2.07 -14.25
CA TYR B 161 18.24 -3.47 -14.72
C TYR B 161 17.05 -4.27 -14.12
N PRO B 162 16.02 -4.54 -14.92
CA PRO B 162 14.87 -5.34 -14.41
C PRO B 162 15.21 -6.83 -14.24
N ASN B 163 14.50 -7.50 -13.34
CA ASN B 163 14.56 -8.95 -13.27
C ASN B 163 13.35 -9.59 -13.94
N LYS B 164 13.27 -10.91 -13.87
CA LYS B 164 12.19 -11.65 -14.50
C LYS B 164 11.10 -12.04 -13.48
N ILE B 165 11.12 -11.42 -12.30
CA ILE B 165 10.12 -11.76 -11.27
C ILE B 165 8.99 -10.75 -11.20
N ILE B 166 9.32 -9.50 -10.91
CA ILE B 166 8.34 -8.43 -10.90
C ILE B 166 8.40 -7.68 -12.23
N PRO B 167 7.29 -7.60 -12.95
CA PRO B 167 7.34 -6.90 -14.27
C PRO B 167 7.67 -5.42 -14.07
N SER B 168 8.49 -4.88 -14.95
CA SER B 168 8.75 -3.47 -15.02
C SER B 168 7.46 -2.72 -15.41
N ARG B 169 7.23 -1.53 -14.84
CA ARG B 169 6.08 -0.69 -15.24
C ARG B 169 6.29 0.12 -16.54
N LEU B 170 7.45 -0.08 -17.20
CA LEU B 170 7.79 0.80 -18.33
C LEU B 170 6.80 0.67 -19.46
N GLU B 171 6.37 -0.55 -19.76
CA GLU B 171 5.38 -0.70 -20.82
C GLU B 171 4.02 -0.06 -20.49
N ASP B 172 3.61 -0.15 -19.22
CA ASP B 172 2.39 0.57 -18.74
C ASP B 172 2.52 2.07 -18.96
N TYR B 173 3.68 2.63 -18.58
CA TYR B 173 3.90 4.08 -18.71
C TYR B 173 4.04 4.53 -20.16
N SER B 174 4.58 3.66 -21.00
CA SER B 174 4.60 3.90 -22.45
C SER B 174 3.17 4.04 -23.00
N LYS B 175 2.29 3.11 -22.60
CA LYS B 175 0.89 3.15 -22.96
C LYS B 175 0.19 4.40 -22.41
N ALA B 176 0.64 4.86 -21.25
CA ALA B 176 0.14 6.06 -20.61
C ALA B 176 0.72 7.36 -21.19
N ASN B 177 1.63 7.21 -22.17
CA ASN B 177 2.15 8.32 -22.96
C ASN B 177 3.36 9.05 -22.35
N ALA B 178 4.01 8.44 -21.37
CA ALA B 178 5.34 8.91 -20.91
C ALA B 178 6.30 8.85 -22.11
N ALA B 179 7.16 9.84 -22.27
CA ALA B 179 7.99 9.92 -23.46
C ALA B 179 9.28 9.08 -23.28
N VAL B 180 9.83 9.13 -22.07
CA VAL B 180 11.22 8.73 -21.79
C VAL B 180 11.37 8.20 -20.36
N VAL B 181 12.51 7.55 -20.09
CA VAL B 181 12.81 7.06 -18.76
C VAL B 181 14.22 7.47 -18.34
N GLU B 182 14.36 7.97 -17.12
CA GLU B 182 15.69 8.17 -16.54
C GLU B 182 15.54 7.93 -15.04
N MET B 183 16.42 8.48 -14.20
CA MET B 183 16.49 8.04 -12.79
C MET B 183 16.42 9.12 -11.70
N GLU B 184 16.33 10.40 -12.06
CA GLU B 184 16.55 11.47 -11.06
C GLU B 184 15.55 12.61 -11.15
N LEU B 185 14.89 12.77 -12.32
CA LEU B 185 14.13 14.03 -12.51
C LEU B 185 12.97 14.19 -11.51
N ALA B 186 12.20 13.12 -11.23
CA ALA B 186 11.06 13.26 -10.31
C ALA B 186 11.49 13.73 -8.93
N THR B 187 12.64 13.23 -8.47
CA THR B 187 13.19 13.54 -7.16
C THR B 187 13.56 15.04 -7.12
N LEU B 188 14.23 15.53 -8.17
CA LEU B 188 14.50 16.96 -8.27
C LEU B 188 13.22 17.80 -8.19
N MET B 189 12.19 17.39 -8.94
CA MET B 189 10.98 18.17 -9.08
C MET B 189 10.26 18.26 -7.72
N VAL B 190 10.10 17.11 -7.07
CA VAL B 190 9.45 17.10 -5.78
C VAL B 190 10.23 17.93 -4.72
N ILE B 191 11.55 17.73 -4.62
CA ILE B 191 12.35 18.50 -3.66
C ILE B 191 12.22 20.01 -3.95
N GLY B 192 12.29 20.37 -5.23
CA GLY B 192 12.12 21.75 -5.66
C GLY B 192 10.80 22.34 -5.20
N THR B 193 9.70 21.63 -5.42
CA THR B 193 8.38 22.14 -5.02
C THR B 193 8.34 22.34 -3.50
N LEU B 194 8.76 21.32 -2.77
CA LEU B 194 8.84 21.39 -1.33
C LEU B 194 9.70 22.52 -0.82
N ARG B 195 10.77 22.82 -1.50
CA ARG B 195 11.76 23.83 -1.03
C ARG B 195 11.64 25.21 -1.68
N LYS B 196 10.60 25.42 -2.48
CA LYS B 196 10.40 26.67 -3.23
C LYS B 196 11.57 26.97 -4.21
N VAL B 197 11.95 25.96 -4.99
CA VAL B 197 13.01 26.10 -5.98
C VAL B 197 12.43 25.67 -7.32
N LYS B 198 12.64 26.51 -8.34
CA LYS B 198 12.11 26.23 -9.67
C LYS B 198 12.97 25.16 -10.34
N THR B 199 12.35 24.15 -10.93
CA THR B 199 13.14 23.09 -11.59
C THR B 199 12.71 22.80 -13.01
N GLY B 200 13.60 22.17 -13.76
CA GLY B 200 13.29 21.70 -15.07
C GLY B 200 14.23 20.61 -15.51
N GLY B 201 13.97 20.05 -16.71
CA GLY B 201 14.71 18.87 -17.16
C GLY B 201 14.84 18.81 -18.67
N ILE B 202 16.07 18.62 -19.13
CA ILE B 202 16.30 18.39 -20.55
C ILE B 202 17.13 17.12 -20.67
N LEU B 203 16.77 16.25 -21.60
CA LEU B 203 17.41 14.93 -21.67
C LEU B 203 17.79 14.47 -23.08
N ILE B 204 18.94 13.78 -23.19
CA ILE B 204 19.34 13.16 -24.47
C ILE B 204 19.13 11.63 -24.44
N VAL B 205 18.50 11.11 -25.45
CA VAL B 205 18.20 9.70 -25.56
C VAL B 205 19.43 8.84 -25.89
N ASP B 206 19.71 7.81 -25.11
CA ASP B 206 20.84 6.90 -25.43
C ASP B 206 20.44 5.51 -25.94
N GLY B 207 19.15 5.24 -26.00
CA GLY B 207 18.69 3.92 -26.43
C GLY B 207 17.23 3.71 -26.10
N CYS B 208 16.75 2.48 -26.27
CA CYS B 208 15.37 2.14 -25.87
C CYS B 208 15.42 0.86 -25.04
N PRO B 209 14.99 0.95 -23.75
CA PRO B 209 15.10 -0.19 -22.85
C PRO B 209 14.22 -1.38 -23.29
N PHE B 210 13.24 -1.16 -24.16
CA PHE B 210 12.43 -2.27 -24.72
C PHE B 210 13.21 -3.13 -25.72
N LYS B 211 14.32 -2.58 -26.24
CA LYS B 211 15.07 -3.20 -27.32
C LYS B 211 16.57 -3.31 -27.01
N TRP B 212 16.93 -3.26 -25.72
CA TRP B 212 18.33 -3.48 -25.29
C TRP B 212 18.86 -4.86 -25.73
N ASP B 213 18.03 -5.90 -25.72
CA ASP B 213 18.42 -7.22 -26.27
C ASP B 213 18.73 -7.22 -27.78
N GLU B 214 18.20 -6.23 -28.51
CA GLU B 214 18.48 -6.04 -29.95
C GLU B 214 19.74 -5.20 -30.25
N GLY B 215 20.34 -4.61 -29.22
CA GLY B 215 21.50 -3.72 -29.41
C GLY B 215 21.12 -2.24 -29.48
N ASP B 216 19.86 -1.92 -29.18
CA ASP B 216 19.36 -0.55 -29.18
C ASP B 216 19.79 0.26 -27.95
N PHE B 217 21.10 0.41 -27.83
CA PHE B 217 21.77 1.13 -26.76
C PHE B 217 23.19 1.51 -27.16
N ASP B 218 23.53 2.77 -26.90
CA ASP B 218 24.92 3.19 -27.00
C ASP B 218 25.22 4.19 -25.89
N ASN B 219 26.19 3.82 -25.07
CA ASN B 219 26.64 4.59 -23.92
C ASN B 219 27.32 5.91 -24.34
N ASN B 220 27.96 5.87 -25.51
CA ASN B 220 28.48 7.05 -26.16
C ASN B 220 27.36 7.84 -26.83
N LEU B 221 27.06 9.00 -26.26
CA LEU B 221 25.96 9.84 -26.72
C LEU B 221 26.30 10.44 -28.07
N VAL B 222 25.28 10.65 -28.92
CA VAL B 222 25.52 11.21 -30.25
C VAL B 222 26.16 12.60 -30.07
N PRO B 223 27.43 12.76 -30.54
CA PRO B 223 28.24 13.93 -30.17
C PRO B 223 27.61 15.31 -30.49
N HIS B 224 27.08 15.51 -31.70
CA HIS B 224 26.49 16.81 -32.06
CA HIS B 224 26.49 16.80 -32.08
C HIS B 224 25.20 17.09 -31.30
N GLN B 225 24.44 16.03 -31.00
CA GLN B 225 23.22 16.17 -30.25
C GLN B 225 23.51 16.47 -28.79
N LEU B 226 24.52 15.82 -28.21
CA LEU B 226 25.02 16.15 -26.88
C LEU B 226 25.45 17.63 -26.82
N GLU B 227 26.22 18.05 -27.83
CA GLU B 227 26.62 19.46 -27.93
C GLU B 227 25.41 20.40 -27.93
N ASN B 228 24.39 20.04 -28.72
CA ASN B 228 23.15 20.83 -28.78
C ASN B 228 22.44 20.92 -27.43
N MET B 229 22.32 19.80 -26.71
CA MET B 229 21.68 19.79 -25.39
C MET B 229 22.39 20.69 -24.37
N ILE B 230 23.73 20.63 -24.34
CA ILE B 230 24.52 21.46 -23.47
C ILE B 230 24.33 22.94 -23.83
N LYS B 231 24.35 23.27 -25.13
CA LYS B 231 24.09 24.66 -25.57
C LYS B 231 22.71 25.15 -25.11
N ILE B 232 21.68 24.30 -25.27
CA ILE B 232 20.32 24.68 -24.83
C ILE B 232 20.30 24.85 -23.30
N ALA B 233 20.90 23.90 -22.58
CA ALA B 233 20.88 23.96 -21.11
C ALA B 233 21.64 25.19 -20.58
N LEU B 234 22.83 25.47 -21.14
CA LEU B 234 23.60 26.63 -20.76
C LEU B 234 22.89 27.94 -21.11
N GLY B 235 22.30 28.01 -22.31
CA GLY B 235 21.55 29.20 -22.73
C GLY B 235 20.40 29.45 -21.76
N ALA B 236 19.71 28.38 -21.36
CA ALA B 236 18.56 28.53 -20.43
C ALA B 236 19.04 28.98 -19.05
N CYS B 237 20.15 28.42 -18.58
CA CYS B 237 20.68 28.83 -17.26
C CYS B 237 21.07 30.31 -17.25
N ALA B 238 21.69 30.77 -18.32
CA ALA B 238 22.08 32.17 -18.46
C ALA B 238 20.87 33.07 -18.52
N LYS B 239 19.89 32.68 -19.30
CA LYS B 239 18.63 33.45 -19.37
C LYS B 239 17.93 33.54 -18.03
N LEU B 240 17.80 32.42 -17.33
CA LEU B 240 17.14 32.43 -16.02
C LEU B 240 17.94 33.19 -14.97
N ALA B 241 19.26 33.06 -15.00
CA ALA B 241 20.12 33.90 -14.18
C ALA B 241 19.90 35.40 -14.40
N THR B 242 19.84 35.91 -15.70
CA THR B 242 19.61 37.32 -15.99
C THR B 242 18.22 37.71 -15.51
N LYS B 243 17.20 36.78 -15.72
CA LYS B 243 15.82 36.99 -15.25
C LYS B 243 15.79 37.15 -13.72
N TYR B 244 16.48 36.25 -13.02
CA TYR B 244 16.56 36.29 -11.58
C TYR B 244 17.22 37.60 -11.12
N ALA B 245 18.39 37.91 -11.70
CA ALA B 245 19.13 39.14 -11.36
C ALA B 245 18.34 40.45 -11.53
N LEU B 246 17.53 40.66 -12.58
CA LEU B 246 16.58 41.75 -12.81
C LEU B 246 15.54 41.79 -11.71
N GLU B 247 14.91 40.76 -11.35
CA GLU B 247 13.69 40.70 -10.56
C GLU B 247 13.97 40.90 -9.08
N ASN C 3 -0.37 -14.34 38.61
CA ASN C 3 -1.27 -14.88 37.54
C ASN C 3 -0.55 -15.65 36.42
N LEU C 4 -1.11 -16.82 36.06
CA LEU C 4 -0.66 -17.61 34.92
C LEU C 4 -0.69 -16.82 33.60
N LEU C 5 0.21 -17.13 32.69
CA LEU C 5 0.12 -16.60 31.36
C LEU C 5 -1.23 -16.98 30.74
N ARG C 6 -1.83 -16.05 30.02
CA ARG C 6 -3.24 -16.14 29.63
C ARG C 6 -3.53 -17.37 28.79
N HIS C 7 -2.63 -17.71 27.86
CA HIS C 7 -2.86 -18.82 26.96
C HIS C 7 -2.02 -20.05 27.25
N LEU C 8 -0.79 -19.84 27.69
CA LEU C 8 0.08 -20.98 28.02
C LEU C 8 -0.29 -21.66 29.35
N LYS C 9 -0.87 -20.87 30.25
CA LYS C 9 -1.34 -21.33 31.56
C LYS C 9 -0.17 -21.94 32.33
N ILE C 10 1.02 -21.40 32.16
CA ILE C 10 2.11 -21.62 33.04
C ILE C 10 2.57 -20.31 33.66
N SER C 11 3.32 -20.37 34.73
CA SER C 11 3.75 -19.12 35.34
C SER C 11 5.04 -18.61 34.73
N LYS C 12 5.33 -17.32 34.96
CA LYS C 12 6.53 -16.66 34.49
C LYS C 12 7.76 -17.39 35.01
N GLU C 13 7.66 -17.92 36.23
CA GLU C 13 8.76 -18.62 36.90
C GLU C 13 9.12 -19.94 36.21
N GLN C 14 8.16 -20.49 35.46
CA GLN C 14 8.39 -21.73 34.74
C GLN C 14 9.02 -21.54 33.35
N ILE C 15 9.12 -20.30 32.89
CA ILE C 15 9.73 -20.01 31.58
C ILE C 15 11.24 -20.16 31.68
N THR C 16 11.83 -20.98 30.82
CA THR C 16 13.29 -21.15 30.81
C THR C 16 13.96 -20.22 29.79
N PRO C 17 15.26 -19.90 29.98
CA PRO C 17 15.94 -19.03 29.00
C PRO C 17 15.83 -19.57 27.56
N VAL C 18 15.94 -20.89 27.40
CA VAL C 18 15.81 -21.49 26.06
C VAL C 18 14.46 -22.21 25.95
N VAL C 19 13.79 -22.05 24.80
CA VAL C 19 12.48 -22.72 24.53
C VAL C 19 12.49 -23.28 23.12
N LEU C 20 12.11 -24.55 22.99
CA LEU C 20 11.85 -25.17 21.70
C LEU C 20 10.37 -25.11 21.39
N VAL C 21 10.01 -24.53 20.24
CA VAL C 21 8.59 -24.46 19.86
C VAL C 21 8.30 -25.28 18.62
N VAL C 22 7.12 -25.87 18.56
CA VAL C 22 6.64 -26.64 17.46
C VAL C 22 5.16 -26.30 17.18
N GLY C 23 4.67 -26.51 15.98
CA GLY C 23 3.26 -26.18 15.70
C GLY C 23 2.28 -27.15 16.34
N ASP C 24 2.60 -28.44 16.24
CA ASP C 24 1.72 -29.56 16.57
C ASP C 24 1.90 -29.96 18.04
N PRO C 25 0.84 -29.83 18.88
CA PRO C 25 0.92 -30.36 20.25
C PRO C 25 1.34 -31.83 20.29
N GLY C 26 0.93 -32.61 19.29
CA GLY C 26 1.36 -34.02 19.19
C GLY C 26 2.88 -34.21 19.09
N ARG C 27 3.57 -33.28 18.45
CA ARG C 27 5.04 -33.33 18.33
C ARG C 27 5.72 -33.07 19.68
N VAL C 28 5.08 -32.31 20.56
CA VAL C 28 5.61 -32.13 21.91
C VAL C 28 5.70 -33.52 22.61
N ASP C 29 4.71 -34.38 22.38
CA ASP C 29 4.76 -35.76 22.91
C ASP C 29 5.91 -36.59 22.32
N LYS C 30 6.25 -36.41 21.03
CA LYS C 30 7.33 -37.20 20.41
C LYS C 30 8.69 -36.66 20.83
N ILE C 31 8.76 -35.35 21.06
CA ILE C 31 10.03 -34.75 21.50
C ILE C 31 10.34 -35.15 22.94
N LYS C 32 9.36 -35.01 23.83
CA LYS C 32 9.65 -35.17 25.27
C LYS C 32 10.18 -36.56 25.63
N VAL C 33 9.66 -37.60 24.98
CA VAL C 33 10.08 -38.97 25.33
C VAL C 33 11.49 -39.28 24.86
N VAL C 34 12.04 -38.40 24.02
CA VAL C 34 13.43 -38.44 23.59
C VAL C 34 14.37 -37.89 24.65
N CYS C 35 13.86 -37.02 25.49
CA CYS C 35 14.63 -36.39 26.54
C CYS C 35 15.05 -37.32 27.69
N ASP C 36 15.98 -36.90 28.52
CA ASP C 36 16.34 -37.70 29.70
C ASP C 36 15.19 -37.83 30.70
N SER C 37 14.47 -36.73 30.87
CA SER C 37 13.24 -36.70 31.66
C SER C 37 12.45 -35.49 31.22
N TYR C 38 11.19 -35.42 31.61
CA TYR C 38 10.37 -34.28 31.25
C TYR C 38 9.31 -34.06 32.28
N VAL C 39 8.77 -32.85 32.32
CA VAL C 39 7.70 -32.59 33.27
C VAL C 39 6.59 -31.95 32.46
N ASP C 40 5.44 -32.63 32.36
CA ASP C 40 4.27 -32.06 31.69
C ASP C 40 3.80 -30.86 32.53
N LEU C 41 3.70 -29.69 31.92
CA LEU C 41 3.28 -28.47 32.63
C LEU C 41 1.82 -28.09 32.46
N ALA C 42 1.37 -27.95 31.22
CA ALA C 42 0.01 -27.52 30.94
C ALA C 42 -0.33 -27.86 29.52
N TYR C 43 -1.62 -27.89 29.22
CA TYR C 43 -2.08 -28.07 27.85
C TYR C 43 -3.39 -27.30 27.81
N ASN C 44 -3.37 -26.11 27.21
CA ASN C 44 -4.56 -25.23 27.12
C ASN C 44 -4.71 -24.82 25.68
N ARG C 45 -5.94 -24.93 25.16
CA ARG C 45 -6.19 -24.78 23.72
C ARG C 45 -5.16 -25.62 22.95
N GLU C 46 -4.40 -25.13 21.93
CA GLU C 46 -3.38 -25.82 21.17
C GLU C 46 -1.94 -25.73 21.72
N TYR C 47 -1.84 -25.11 22.87
CA TYR C 47 -0.63 -24.77 23.55
C TYR C 47 -0.29 -25.81 24.64
N LYS C 48 0.57 -26.77 24.30
CA LYS C 48 1.05 -27.84 25.20
C LYS C 48 2.48 -27.48 25.62
N SER C 49 2.72 -27.35 26.92
CA SER C 49 4.03 -26.97 27.47
C SER C 49 4.59 -28.09 28.35
N VAL C 50 5.84 -28.45 28.08
CA VAL C 50 6.55 -29.50 28.86
C VAL C 50 7.95 -28.96 29.19
N GLU C 51 8.48 -29.21 30.40
CA GLU C 51 9.92 -28.98 30.61
C GLU C 51 10.75 -30.18 30.17
N CYS C 52 11.73 -29.96 29.31
CA CYS C 52 12.60 -31.04 28.87
C CYS C 52 13.90 -30.97 29.64
N HIS C 53 14.39 -32.15 30.01
CA HIS C 53 15.73 -32.29 30.60
C HIS C 53 16.55 -33.16 29.66
N TYR C 54 17.60 -32.58 29.09
CA TYR C 54 18.35 -33.23 28.04
C TYR C 54 19.78 -32.73 28.11
N LYS C 55 20.70 -33.69 28.17
CA LYS C 55 22.12 -33.41 28.22
C LYS C 55 22.49 -32.43 29.33
N GLY C 56 21.91 -32.62 30.52
CA GLY C 56 22.23 -31.77 31.65
C GLY C 56 21.48 -30.44 31.73
N GLN C 57 20.68 -30.14 30.69
CA GLN C 57 20.08 -28.84 30.52
C GLN C 57 18.56 -28.92 30.66
N LYS C 58 17.96 -27.77 30.97
CA LYS C 58 16.52 -27.67 31.17
C LYS C 58 15.98 -26.58 30.28
N PHE C 59 14.99 -26.93 29.45
CA PHE C 59 14.36 -26.00 28.54
C PHE C 59 12.93 -26.44 28.22
N LEU C 60 12.03 -25.49 28.05
CA LEU C 60 10.66 -25.83 27.69
C LEU C 60 10.57 -26.30 26.24
N CYS C 61 9.64 -27.21 26.00
CA CYS C 61 9.10 -27.40 24.66
C CYS C 61 7.61 -27.05 24.69
N VAL C 62 7.20 -26.20 23.73
CA VAL C 62 5.86 -25.61 23.73
C VAL C 62 5.26 -25.67 22.31
N SER C 63 4.00 -26.07 22.18
CA SER C 63 3.39 -26.03 20.84
C SER C 63 2.74 -24.67 20.64
N HIS C 64 2.75 -24.16 19.41
CA HIS C 64 2.26 -22.82 19.09
C HIS C 64 1.02 -22.78 18.20
N GLY C 65 0.58 -23.96 17.73
CA GLY C 65 -0.61 -24.06 16.85
C GLY C 65 -0.28 -23.71 15.42
N VAL C 66 -1.23 -23.90 14.51
CA VAL C 66 -1.07 -23.48 13.11
C VAL C 66 -1.33 -21.98 12.97
N GLY C 67 -0.39 -21.26 12.37
CA GLY C 67 -0.72 -19.96 11.81
C GLY C 67 -0.11 -18.83 12.63
N SER C 68 0.14 -17.71 11.95
CA SER C 68 0.99 -16.62 12.50
C SER C 68 0.30 -15.92 13.68
N ALA C 69 -0.99 -15.62 13.59
CA ALA C 69 -1.65 -14.91 14.71
C ALA C 69 -1.73 -15.76 15.98
N GLY C 70 -2.01 -17.05 15.81
CA GLY C 70 -2.06 -17.95 16.96
C GLY C 70 -0.68 -18.18 17.55
N CYS C 71 0.34 -18.31 16.70
CA CYS C 71 1.70 -18.50 17.24
C CYS C 71 2.22 -17.23 17.91
N ALA C 72 1.81 -16.05 17.41
CA ALA C 72 2.26 -14.78 18.01
C ALA C 72 1.85 -14.70 19.51
N VAL C 73 0.65 -15.13 19.84
CA VAL C 73 0.19 -15.13 21.25
C VAL C 73 1.13 -15.91 22.17
N CYS C 74 1.51 -17.10 21.69
CA CYS C 74 2.48 -17.99 22.36
C CYS C 74 3.84 -17.31 22.46
N PHE C 75 4.35 -16.81 21.33
CA PHE C 75 5.70 -16.20 21.32
C PHE C 75 5.75 -14.95 22.21
N GLU C 76 4.71 -14.11 22.15
CA GLU C 76 4.65 -12.92 23.03
C GLU C 76 4.67 -13.32 24.51
N GLU C 77 3.90 -14.32 24.90
CA GLU C 77 3.89 -14.78 26.27
C GLU C 77 5.23 -15.33 26.72
N LEU C 78 5.89 -16.03 25.84
CA LEU C 78 7.28 -16.46 26.10
C LEU C 78 8.29 -15.31 26.20
N CYS C 79 8.33 -14.46 25.18
CA CYS C 79 9.27 -13.34 25.14
C CYS C 79 9.03 -12.28 26.21
N GLN C 80 7.76 -12.03 26.58
CA GLN C 80 7.52 -11.03 27.62
C GLN C 80 7.73 -11.53 29.05
N ASN C 81 8.04 -12.82 29.20
CA ASN C 81 8.16 -13.43 30.52
C ASN C 81 9.44 -14.23 30.73
N GLY C 82 10.46 -13.94 29.94
CA GLY C 82 11.81 -14.38 30.30
C GLY C 82 12.53 -15.29 29.30
N ALA C 83 11.87 -15.72 28.22
CA ALA C 83 12.57 -16.57 27.24
C ALA C 83 13.70 -15.74 26.58
N LYS C 84 14.84 -16.34 26.29
CA LYS C 84 15.95 -15.57 25.73
C LYS C 84 16.37 -16.11 24.36
N VAL C 85 15.99 -17.36 24.11
CA VAL C 85 16.32 -18.08 22.88
C VAL C 85 15.12 -18.95 22.53
N ILE C 86 14.61 -18.83 21.29
CA ILE C 86 13.50 -19.69 20.85
C ILE C 86 13.85 -20.29 19.48
N ILE C 87 13.89 -21.62 19.43
CA ILE C 87 14.08 -22.33 18.18
C ILE C 87 12.74 -22.94 17.81
N ARG C 88 12.32 -22.67 16.57
CA ARG C 88 11.19 -23.37 15.97
C ARG C 88 11.63 -24.65 15.22
N ALA C 89 11.00 -25.80 15.51
CA ALA C 89 11.21 -27.00 14.73
C ALA C 89 9.89 -27.39 14.12
N GLY C 90 9.81 -27.30 12.81
CA GLY C 90 8.50 -27.29 12.14
C GLY C 90 8.51 -28.19 10.92
N SER C 91 7.41 -28.15 10.16
CA SER C 91 7.37 -28.80 8.86
C SER C 91 7.20 -27.74 7.78
N CYS C 92 7.45 -28.09 6.53
CA CYS C 92 7.47 -27.08 5.44
C CYS C 92 7.26 -27.77 4.11
N GLY C 93 6.99 -26.97 3.09
CA GLY C 93 6.92 -27.47 1.73
C GLY C 93 8.20 -27.05 0.99
N SER C 94 8.60 -27.80 -0.02
CA SER C 94 9.71 -27.38 -0.88
C SER C 94 9.30 -26.38 -1.96
N LEU C 95 10.07 -25.30 -2.07
CA LEU C 95 9.95 -24.41 -3.20
C LEU C 95 11.02 -24.69 -4.24
N GLN C 96 11.89 -25.68 -3.99
CA GLN C 96 12.89 -26.04 -5.00
C GLN C 96 12.81 -27.55 -5.22
N PRO C 97 11.74 -28.01 -5.89
CA PRO C 97 11.49 -29.47 -5.92
C PRO C 97 12.59 -30.29 -6.59
N ASP C 98 13.36 -29.66 -7.48
CA ASP C 98 14.48 -30.37 -8.11
C ASP C 98 15.64 -30.67 -7.17
N LEU C 99 15.71 -29.94 -6.06
CA LEU C 99 16.83 -29.99 -5.12
C LEU C 99 16.38 -30.45 -3.73
N ILE C 100 15.27 -29.94 -3.27
CA ILE C 100 14.80 -30.22 -1.94
C ILE C 100 13.56 -31.05 -1.95
N LYS C 101 13.63 -32.24 -1.37
CA LYS C 101 12.55 -33.22 -1.50
C LYS C 101 11.90 -33.59 -0.15
N ARG C 102 10.76 -34.29 -0.21
CA ARG C 102 10.09 -34.79 0.98
C ARG C 102 11.09 -35.49 1.92
N GLY C 103 11.07 -35.11 3.21
CA GLY C 103 11.93 -35.76 4.20
C GLY C 103 13.22 -34.99 4.48
N ASP C 104 13.60 -34.09 3.57
CA ASP C 104 14.80 -33.27 3.76
C ASP C 104 14.62 -32.25 4.87
N ILE C 105 15.72 -31.78 5.43
CA ILE C 105 15.69 -30.83 6.56
C ILE C 105 16.39 -29.57 6.09
N CYS C 106 15.78 -28.43 6.41
CA CYS C 106 16.30 -27.10 6.06
C CYS C 106 16.40 -26.26 7.33
N ILE C 107 17.58 -25.69 7.55
CA ILE C 107 17.75 -24.70 8.62
C ILE C 107 17.80 -23.28 8.06
N CYS C 108 16.88 -22.44 8.53
CA CYS C 108 16.61 -21.16 7.88
C CYS C 108 17.01 -20.00 8.79
N ASN C 109 17.53 -18.94 8.19
CA ASN C 109 18.08 -17.81 8.95
C ASN C 109 17.37 -16.51 8.62
N ALA C 110 16.40 -16.57 7.71
CA ALA C 110 15.47 -15.47 7.50
C ALA C 110 14.20 -15.94 6.82
N ALA C 111 13.20 -15.07 6.74
CA ALA C 111 11.88 -15.44 6.28
C ALA C 111 11.12 -14.30 5.63
N VAL C 112 10.25 -14.65 4.72
CA VAL C 112 9.34 -13.77 4.08
C VAL C 112 8.13 -13.48 4.96
N ARG C 113 7.86 -12.20 5.19
CA ARG C 113 6.79 -11.81 6.15
C ARG C 113 5.38 -11.77 5.51
N GLU C 114 4.91 -12.90 5.01
CA GLU C 114 3.60 -12.98 4.42
C GLU C 114 2.55 -13.29 5.49
N ASP C 115 2.62 -12.51 6.56
CA ASP C 115 1.61 -12.56 7.63
C ASP C 115 0.97 -11.19 7.77
N ARG C 116 0.26 -11.00 8.84
CA ARG C 116 -0.21 -9.71 9.24
C ARG C 116 0.34 -9.21 10.55
N VAL C 117 0.37 -10.08 11.56
CA VAL C 117 0.76 -9.60 12.90
C VAL C 117 2.15 -8.93 12.92
N SER C 118 3.12 -9.40 12.14
CA SER C 118 4.42 -8.74 12.21
C SER C 118 4.28 -7.28 11.69
N HIS C 119 3.42 -7.07 10.70
CA HIS C 119 3.18 -5.76 10.11
C HIS C 119 2.39 -4.84 11.08
N LEU C 120 1.62 -5.44 11.99
CA LEU C 120 0.93 -4.67 13.02
C LEU C 120 1.89 -4.27 14.14
N LEU C 121 3.08 -4.89 14.15
CA LEU C 121 4.11 -4.58 15.15
C LEU C 121 5.24 -3.67 14.64
N ILE C 122 5.61 -3.84 13.37
CA ILE C 122 6.67 -3.03 12.76
C ILE C 122 6.48 -2.94 11.24
N HIS C 123 6.95 -1.82 10.66
CA HIS C 123 6.84 -1.58 9.21
C HIS C 123 7.36 -2.76 8.39
N GLY C 124 6.69 -3.01 7.26
CA GLY C 124 7.03 -4.16 6.39
C GLY C 124 8.46 -4.23 5.87
N ASP C 125 9.12 -3.07 5.73
CA ASP C 125 10.53 -3.02 5.27
C ASP C 125 11.51 -3.73 6.25
N PHE C 126 11.10 -3.87 7.51
CA PHE C 126 11.94 -4.50 8.56
C PHE C 126 12.16 -6.00 8.24
N PRO C 127 13.39 -6.50 8.37
CA PRO C 127 13.64 -7.93 8.02
C PRO C 127 13.19 -8.91 9.10
N ALA C 128 12.61 -10.03 8.67
CA ALA C 128 12.50 -11.28 9.49
C ALA C 128 13.76 -12.09 9.37
N VAL C 129 14.61 -11.98 10.39
CA VAL C 129 15.91 -12.59 10.36
C VAL C 129 16.16 -13.28 11.69
N GLY C 130 16.83 -14.43 11.62
CA GLY C 130 17.19 -15.17 12.81
C GLY C 130 18.47 -14.67 13.44
N ASP C 131 18.73 -15.14 14.65
CA ASP C 131 20.00 -15.00 15.29
C ASP C 131 21.03 -15.94 14.70
N PHE C 132 22.18 -15.42 14.35
CA PHE C 132 23.09 -16.19 13.52
C PHE C 132 23.94 -17.13 14.35
N ASP C 133 24.04 -16.89 15.65
CA ASP C 133 24.57 -17.88 16.61
C ASP C 133 23.63 -19.08 16.74
N VAL C 134 22.34 -18.83 16.86
CA VAL C 134 21.37 -19.92 16.85
C VAL C 134 21.46 -20.73 15.55
N TYR C 135 21.45 -20.04 14.40
CA TYR C 135 21.61 -20.65 13.09
C TYR C 135 22.88 -21.53 13.04
N ASP C 136 23.98 -20.97 13.52
CA ASP C 136 25.25 -21.69 13.50
C ASP C 136 25.23 -22.93 14.40
N THR C 137 24.58 -22.82 15.56
CA THR C 137 24.50 -23.96 16.48
C THR C 137 23.67 -25.10 15.85
N LEU C 138 22.51 -24.75 15.27
CA LEU C 138 21.71 -25.75 14.55
C LEU C 138 22.53 -26.45 13.44
N ASN C 139 23.19 -25.67 12.59
CA ASN C 139 24.11 -26.26 11.57
C ASN C 139 25.22 -27.13 12.16
N LYS C 140 25.85 -26.67 13.24
CA LYS C 140 26.92 -27.45 13.83
C LYS C 140 26.41 -28.76 14.44
N CYS C 141 25.22 -28.74 15.02
CA CYS C 141 24.61 -29.94 15.59
C CYS C 141 24.27 -30.95 14.49
N ALA C 142 23.71 -30.46 13.38
CA ALA C 142 23.43 -31.29 12.22
C ALA C 142 24.71 -31.99 11.71
N GLN C 143 25.79 -31.24 11.65
CA GLN C 143 27.08 -31.77 11.32
C GLN C 143 27.61 -32.84 12.26
N GLU C 144 27.58 -32.56 13.54
CA GLU C 144 28.03 -33.52 14.53
C GLU C 144 27.22 -34.81 14.48
N LEU C 145 25.95 -34.70 14.17
CA LEU C 145 25.09 -35.88 14.06
C LEU C 145 25.16 -36.59 12.70
N ASN C 146 26.02 -36.10 11.81
CA ASN C 146 26.05 -36.52 10.39
C ASN C 146 24.71 -36.52 9.68
N VAL C 147 23.96 -35.43 9.84
CA VAL C 147 22.71 -35.25 9.13
C VAL C 147 22.90 -34.13 8.11
N PRO C 148 22.91 -34.48 6.80
CA PRO C 148 22.90 -33.44 5.77
C PRO C 148 21.65 -32.57 5.86
N VAL C 149 21.83 -31.27 5.71
CA VAL C 149 20.74 -30.31 5.75
C VAL C 149 20.91 -29.31 4.61
N PHE C 150 19.82 -28.64 4.24
CA PHE C 150 19.85 -27.42 3.40
C PHE C 150 19.77 -26.19 4.26
N ASN C 151 20.13 -25.05 3.67
CA ASN C 151 19.96 -23.76 4.33
C ASN C 151 19.27 -22.80 3.36
N GLY C 152 18.50 -21.85 3.89
CA GLY C 152 17.94 -20.79 3.06
C GLY C 152 16.74 -20.11 3.69
N ILE C 153 16.03 -19.32 2.88
CA ILE C 153 14.94 -18.49 3.40
C ILE C 153 13.66 -19.30 3.37
N SER C 154 12.83 -19.16 4.41
CA SER C 154 11.48 -19.70 4.35
C SER C 154 10.46 -18.63 3.94
N VAL C 155 9.57 -18.97 3.07
CA VAL C 155 8.39 -18.18 2.92
C VAL C 155 7.39 -18.45 4.05
N SER C 156 7.10 -17.49 4.89
CA SER C 156 6.08 -17.77 5.93
C SER C 156 4.77 -17.17 5.45
N SER C 157 3.85 -17.97 4.94
CA SER C 157 2.58 -17.48 4.40
C SER C 157 1.37 -17.86 5.20
N ASP C 158 0.51 -16.89 5.40
CA ASP C 158 -0.75 -17.14 6.11
C ASP C 158 -1.75 -17.94 5.23
N MET C 159 -1.44 -18.12 3.96
CA MET C 159 -2.32 -18.88 3.07
C MET C 159 -1.80 -20.28 2.75
N TYR C 160 -2.51 -21.31 3.19
CA TYR C 160 -2.13 -22.69 2.92
C TYR C 160 -2.83 -23.20 1.65
N TYR C 161 -4.13 -22.93 1.55
CA TYR C 161 -4.95 -23.33 0.41
C TYR C 161 -5.21 -22.13 -0.52
N PRO C 162 -4.48 -22.03 -1.65
CA PRO C 162 -4.75 -20.85 -2.52
C PRO C 162 -6.05 -20.95 -3.29
N ASN C 163 -6.60 -19.80 -3.71
CA ASN C 163 -7.72 -19.82 -4.65
C ASN C 163 -7.30 -19.46 -6.08
N LYS C 164 -8.27 -19.35 -6.96
CA LYS C 164 -8.01 -19.03 -8.36
C LYS C 164 -8.21 -17.55 -8.71
N ILE C 165 -8.30 -16.69 -7.71
CA ILE C 165 -8.52 -15.28 -7.92
C ILE C 165 -7.24 -14.44 -7.82
N ILE C 166 -6.61 -14.44 -6.67
CA ILE C 166 -5.35 -13.78 -6.46
C ILE C 166 -4.26 -14.82 -6.54
N PRO C 167 -3.44 -14.71 -7.55
CA PRO C 167 -2.30 -15.60 -7.74
C PRO C 167 -1.41 -15.67 -6.50
N SER C 168 -0.96 -16.87 -6.15
CA SER C 168 0.01 -17.05 -5.09
C SER C 168 1.36 -16.43 -5.45
N ARG C 169 2.10 -15.98 -4.45
CA ARG C 169 3.40 -15.37 -4.67
C ARG C 169 4.52 -16.40 -4.56
N LEU C 170 4.14 -17.67 -4.54
CA LEU C 170 5.06 -18.74 -4.15
C LEU C 170 6.08 -19.01 -5.25
N GLU C 171 5.62 -18.97 -6.50
CA GLU C 171 6.52 -19.12 -7.65
C GLU C 171 7.48 -17.94 -7.74
N ASP C 172 6.97 -16.73 -7.52
CA ASP C 172 7.81 -15.55 -7.40
C ASP C 172 8.96 -15.78 -6.43
N TYR C 173 8.63 -16.29 -5.24
CA TYR C 173 9.61 -16.43 -4.17
C TYR C 173 10.54 -17.61 -4.45
N SER C 174 10.05 -18.60 -5.17
CA SER C 174 10.88 -19.67 -5.67
C SER C 174 11.94 -19.15 -6.63
N LYS C 175 11.51 -18.32 -7.59
CA LYS C 175 12.44 -17.62 -8.48
C LYS C 175 13.47 -16.76 -7.73
N ALA C 176 13.04 -16.18 -6.61
CA ALA C 176 13.88 -15.34 -5.75
C ALA C 176 14.82 -16.16 -4.86
N ASN C 177 14.76 -17.49 -4.99
CA ASN C 177 15.67 -18.45 -4.26
C ASN C 177 15.29 -18.78 -2.80
N ALA C 178 14.04 -18.48 -2.42
CA ALA C 178 13.48 -18.97 -1.15
C ALA C 178 13.47 -20.52 -1.28
N ALA C 179 13.85 -21.24 -0.22
CA ALA C 179 14.04 -22.71 -0.30
C ALA C 179 12.74 -23.44 0.01
N VAL C 180 12.00 -22.94 0.99
CA VAL C 180 10.88 -23.70 1.58
C VAL C 180 9.73 -22.75 1.99
N VAL C 181 8.55 -23.32 2.25
CA VAL C 181 7.40 -22.55 2.70
C VAL C 181 6.80 -23.18 3.96
N GLU C 182 6.52 -22.32 4.94
CA GLU C 182 5.70 -22.76 6.09
C GLU C 182 4.88 -21.53 6.55
N MET C 183 4.50 -21.46 7.83
CA MET C 183 3.45 -20.52 8.22
C MET C 183 3.73 -19.67 9.47
N GLU C 184 4.89 -19.86 10.14
CA GLU C 184 5.13 -19.23 11.46
C GLU C 184 6.50 -18.58 11.67
N LEU C 185 7.49 -18.95 10.88
CA LEU C 185 8.87 -18.60 11.21
C LEU C 185 9.11 -17.07 11.17
N ALA C 186 8.58 -16.37 10.14
CA ALA C 186 8.76 -14.89 10.09
C ALA C 186 8.24 -14.18 11.32
N THR C 187 7.10 -14.63 11.78
CA THR C 187 6.46 -14.07 12.94
C THR C 187 7.32 -14.24 14.22
N LEU C 188 7.84 -15.46 14.42
CA LEU C 188 8.78 -15.72 15.49
C LEU C 188 10.00 -14.78 15.40
N MET C 189 10.58 -14.68 14.21
CA MET C 189 11.79 -13.88 14.05
C MET C 189 11.59 -12.39 14.38
N VAL C 190 10.53 -11.80 13.81
CA VAL C 190 10.23 -10.37 14.05
C VAL C 190 9.95 -10.10 15.56
N ILE C 191 9.06 -10.92 16.14
CA ILE C 191 8.82 -10.80 17.58
C ILE C 191 10.11 -10.94 18.37
N GLY C 192 10.94 -11.92 18.06
CA GLY C 192 12.22 -12.08 18.79
C GLY C 192 13.11 -10.83 18.70
N THR C 193 13.26 -10.30 17.49
CA THR C 193 14.06 -9.08 17.28
C THR C 193 13.50 -7.91 18.10
N LEU C 194 12.20 -7.66 18.00
CA LEU C 194 11.56 -6.59 18.79
C LEU C 194 11.70 -6.79 20.29
N ARG C 195 11.72 -8.06 20.74
CA ARG C 195 11.71 -8.33 22.19
C ARG C 195 13.10 -8.75 22.73
N LYS C 196 14.13 -8.61 21.90
CA LYS C 196 15.50 -9.00 22.25
C LYS C 196 15.61 -10.50 22.64
N VAL C 197 15.01 -11.36 21.83
CA VAL C 197 15.08 -12.80 22.01
C VAL C 197 15.70 -13.37 20.72
N LYS C 198 16.68 -14.27 20.88
CA LYS C 198 17.42 -14.86 19.77
C LYS C 198 16.56 -15.99 19.20
N THR C 199 16.41 -16.06 17.88
CA THR C 199 15.49 -17.08 17.32
C THR C 199 16.20 -17.89 16.24
N GLY C 200 15.63 -19.06 15.92
CA GLY C 200 16.04 -19.79 14.73
C GLY C 200 15.00 -20.81 14.37
N GLY C 201 15.25 -21.50 13.28
CA GLY C 201 14.27 -22.38 12.66
C GLY C 201 14.93 -23.54 11.97
N ILE C 202 14.39 -24.73 12.24
CA ILE C 202 14.72 -25.94 11.50
C ILE C 202 13.41 -26.59 11.08
N LEU C 203 13.37 -27.10 9.86
CA LEU C 203 12.13 -27.56 9.26
C LEU C 203 12.30 -28.82 8.46
N ILE C 204 11.29 -29.70 8.52
CA ILE C 204 11.29 -30.94 7.71
C ILE C 204 10.26 -30.83 6.58
N VAL C 205 10.69 -31.17 5.39
CA VAL C 205 9.86 -31.13 4.21
C VAL C 205 8.81 -32.24 4.14
N ASP C 206 7.54 -31.85 3.99
CA ASP C 206 6.46 -32.85 3.86
C ASP C 206 5.83 -32.90 2.46
N GLY C 207 6.36 -32.12 1.53
CA GLY C 207 5.76 -32.10 0.19
C GLY C 207 6.24 -30.90 -0.60
N CYS C 208 5.70 -30.74 -1.81
CA CYS C 208 5.92 -29.56 -2.62
C CYS C 208 4.56 -29.05 -3.07
N PRO C 209 4.20 -27.83 -2.63
CA PRO C 209 2.92 -27.14 -2.93
C PRO C 209 2.65 -26.92 -4.41
N PHE C 210 3.71 -26.91 -5.23
CA PHE C 210 3.55 -26.82 -6.69
C PHE C 210 3.04 -28.12 -7.30
N LYS C 211 3.09 -29.21 -6.52
CA LYS C 211 2.92 -30.55 -7.06
C LYS C 211 1.89 -31.34 -6.22
N TRP C 212 1.15 -30.62 -5.38
CA TRP C 212 0.07 -31.21 -4.60
C TRP C 212 -0.97 -31.93 -5.47
N ASP C 213 -1.26 -31.36 -6.65
CA ASP C 213 -2.17 -32.02 -7.60
C ASP C 213 -1.63 -33.35 -8.20
N GLU C 214 -0.33 -33.60 -8.01
CA GLU C 214 0.33 -34.83 -8.45
C GLU C 214 0.59 -35.76 -7.24
N GLY C 215 0.07 -35.38 -6.07
CA GLY C 215 0.23 -36.17 -4.86
C GLY C 215 1.59 -36.02 -4.20
N ASP C 216 2.30 -34.93 -4.48
CA ASP C 216 3.60 -34.65 -3.82
C ASP C 216 3.38 -34.05 -2.41
N PHE C 217 2.89 -34.92 -1.52
CA PHE C 217 2.50 -34.53 -0.15
C PHE C 217 2.27 -35.76 0.73
N ASP C 218 2.68 -35.67 1.99
CA ASP C 218 2.34 -36.65 3.02
C ASP C 218 2.67 -36.01 4.37
N ASN C 219 1.62 -35.70 5.14
CA ASN C 219 1.81 -35.15 6.50
C ASN C 219 2.28 -36.21 7.53
N ASN C 220 2.29 -37.49 7.14
CA ASN C 220 3.17 -38.48 7.83
C ASN C 220 4.64 -38.16 7.55
N LEU C 221 5.29 -37.51 8.49
CA LEU C 221 6.67 -37.07 8.25
C LEU C 221 7.57 -38.30 8.21
N VAL C 222 8.53 -38.30 7.26
CA VAL C 222 9.53 -39.40 7.14
C VAL C 222 10.14 -39.68 8.51
N PRO C 223 9.84 -40.87 9.08
CA PRO C 223 10.11 -41.08 10.52
C PRO C 223 11.58 -40.92 10.96
N HIS C 224 12.52 -41.48 10.20
CA HIS C 224 13.94 -41.37 10.54
CA HIS C 224 13.95 -41.37 10.47
C HIS C 224 14.43 -39.91 10.41
N GLN C 225 13.87 -39.16 9.47
CA GLN C 225 14.22 -37.75 9.34
C GLN C 225 13.62 -36.87 10.43
N LEU C 226 12.38 -37.16 10.82
CA LEU C 226 11.80 -36.50 11.96
C LEU C 226 12.65 -36.74 13.20
N GLU C 227 13.04 -38.00 13.43
CA GLU C 227 13.96 -38.34 14.52
C GLU C 227 15.25 -37.50 14.46
N ASN C 228 15.86 -37.43 13.28
CA ASN C 228 17.05 -36.58 13.10
C ASN C 228 16.77 -35.10 13.42
N MET C 229 15.67 -34.55 12.90
CA MET C 229 15.38 -33.13 13.17
C MET C 229 15.23 -32.88 14.67
N ILE C 230 14.56 -33.79 15.38
CA ILE C 230 14.33 -33.66 16.82
C ILE C 230 15.67 -33.70 17.57
N LYS C 231 16.58 -34.57 17.13
CA LYS C 231 17.87 -34.71 17.81
C LYS C 231 18.69 -33.44 17.60
N ILE C 232 18.66 -32.91 16.39
CA ILE C 232 19.39 -31.64 16.08
C ILE C 232 18.87 -30.46 16.90
N ALA C 233 17.53 -30.32 16.90
CA ALA C 233 16.83 -29.29 17.67
C ALA C 233 17.09 -29.39 19.16
N LEU C 234 16.98 -30.62 19.71
CA LEU C 234 17.24 -30.80 21.13
C LEU C 234 18.71 -30.52 21.46
N GLY C 235 19.63 -31.00 20.61
CA GLY C 235 21.06 -30.78 20.83
C GLY C 235 21.40 -29.29 20.82
N ALA C 236 20.76 -28.56 19.92
CA ALA C 236 20.99 -27.11 19.77
C ALA C 236 20.43 -26.36 20.98
N CYS C 237 19.22 -26.74 21.44
CA CYS C 237 18.64 -26.14 22.64
C CYS C 237 19.56 -26.34 23.85
N ALA C 238 20.05 -27.57 24.04
CA ALA C 238 20.95 -27.90 25.16
C ALA C 238 22.25 -27.08 25.09
N LYS C 239 22.80 -26.95 23.91
CA LYS C 239 24.02 -26.23 23.69
C LYS C 239 23.82 -24.75 23.98
N LEU C 240 22.74 -24.17 23.48
CA LEU C 240 22.44 -22.75 23.72
C LEU C 240 22.10 -22.48 25.20
N ALA C 241 21.42 -23.43 25.85
CA ALA C 241 21.16 -23.35 27.30
C ALA C 241 22.46 -23.24 28.12
N THR C 242 23.49 -23.99 27.75
CA THR C 242 24.77 -23.93 28.49
C THR C 242 25.48 -22.65 28.23
N LYS C 243 25.52 -22.24 26.97
CA LYS C 243 26.08 -20.92 26.63
C LYS C 243 25.36 -19.80 27.41
N TYR C 244 24.02 -19.84 27.42
CA TYR C 244 23.28 -18.87 28.20
C TYR C 244 23.74 -18.84 29.66
N ALA C 245 23.68 -20.00 30.33
CA ALA C 245 24.07 -20.12 31.75
C ALA C 245 25.52 -19.71 32.04
N LEU C 246 26.50 -20.13 31.31
CA LEU C 246 27.85 -19.61 31.42
C LEU C 246 27.87 -18.08 31.38
N GLU C 247 27.26 -17.42 30.37
CA GLU C 247 27.33 -15.96 30.22
C GLU C 247 26.53 -15.25 31.29
N HIS C 248 25.44 -15.89 31.74
CA HIS C 248 24.51 -15.26 32.68
C HIS C 248 24.46 -16.06 33.97
N ASN D 3 -25.97 7.15 -32.09
CA ASN D 3 -26.00 6.63 -30.69
C ASN D 3 -25.42 7.69 -29.73
N LEU D 4 -26.21 8.13 -28.77
CA LEU D 4 -25.80 9.19 -27.85
C LEU D 4 -24.82 8.68 -26.78
N LEU D 5 -23.84 9.50 -26.45
CA LEU D 5 -23.08 9.36 -25.24
C LEU D 5 -23.98 9.08 -24.03
N ARG D 6 -23.59 8.08 -23.24
CA ARG D 6 -24.44 7.48 -22.22
C ARG D 6 -24.91 8.49 -21.21
N HIS D 7 -24.01 9.34 -20.75
CA HIS D 7 -24.37 10.28 -19.70
C HIS D 7 -24.57 11.70 -20.18
N LEU D 8 -23.75 12.15 -21.09
CA LEU D 8 -23.88 13.48 -21.64
C LEU D 8 -25.13 13.66 -22.49
N LYS D 9 -25.53 12.60 -23.15
CA LYS D 9 -26.69 12.58 -24.06
C LYS D 9 -26.56 13.54 -25.24
N ILE D 10 -25.34 13.69 -25.74
CA ILE D 10 -25.08 14.37 -27.01
C ILE D 10 -24.39 13.37 -27.95
N SER D 11 -24.41 13.62 -29.26
CA SER D 11 -23.70 12.69 -30.14
C SER D 11 -22.22 13.06 -30.22
N LYS D 12 -21.40 12.08 -30.60
CA LYS D 12 -20.00 12.28 -30.98
C LYS D 12 -19.82 13.50 -31.90
N GLU D 13 -20.74 13.63 -32.86
CA GLU D 13 -20.72 14.71 -33.85
C GLU D 13 -20.84 16.11 -33.24
N GLN D 14 -21.31 16.21 -31.99
CA GLN D 14 -21.56 17.50 -31.34
C GLN D 14 -20.39 17.95 -30.46
N ILE D 15 -19.43 17.06 -30.25
CA ILE D 15 -18.24 17.40 -29.47
C ILE D 15 -17.33 18.35 -30.25
N THR D 16 -16.90 19.43 -29.61
CA THR D 16 -15.96 20.37 -30.26
C THR D 16 -14.53 20.06 -29.80
N PRO D 17 -13.50 20.46 -30.57
CA PRO D 17 -12.09 20.31 -30.10
C PRO D 17 -11.87 20.90 -28.68
N VAL D 18 -12.42 22.07 -28.41
CA VAL D 18 -12.23 22.70 -27.11
C VAL D 18 -13.51 22.56 -26.30
N VAL D 19 -13.36 22.19 -25.02
CA VAL D 19 -14.50 22.14 -24.10
C VAL D 19 -14.13 22.83 -22.79
N LEU D 20 -15.01 23.74 -22.35
CA LEU D 20 -14.96 24.34 -21.00
C LEU D 20 -15.83 23.56 -20.02
N VAL D 21 -15.22 22.98 -18.97
CA VAL D 21 -15.97 22.20 -18.00
C VAL D 21 -16.10 22.93 -16.66
N VAL D 22 -17.25 22.76 -16.01
CA VAL D 22 -17.53 23.32 -14.71
C VAL D 22 -18.27 22.31 -13.83
N GLY D 23 -18.19 22.42 -12.53
CA GLY D 23 -18.91 21.43 -11.67
C GLY D 23 -20.42 21.63 -11.72
N ASP D 24 -20.84 22.90 -11.59
CA ASP D 24 -22.23 23.28 -11.35
C ASP D 24 -22.97 23.50 -12.69
N PRO D 25 -23.99 22.67 -12.99
CA PRO D 25 -24.80 22.90 -14.17
C PRO D 25 -25.40 24.31 -14.24
N GLY D 26 -25.67 24.91 -13.09
CA GLY D 26 -26.11 26.31 -12.99
C GLY D 26 -25.07 27.25 -13.60
N ARG D 27 -23.80 26.93 -13.41
CA ARG D 27 -22.75 27.80 -13.95
C ARG D 27 -22.70 27.79 -15.50
N VAL D 28 -23.03 26.66 -16.12
CA VAL D 28 -23.08 26.57 -17.59
C VAL D 28 -24.01 27.65 -18.11
N ASP D 29 -25.15 27.83 -17.45
CA ASP D 29 -26.10 28.88 -17.87
C ASP D 29 -25.65 30.32 -17.63
N LYS D 30 -24.87 30.56 -16.57
CA LYS D 30 -24.25 31.87 -16.33
C LYS D 30 -23.19 32.17 -17.40
N ILE D 31 -22.45 31.13 -17.79
CA ILE D 31 -21.36 31.30 -18.77
C ILE D 31 -21.89 31.55 -20.17
N LYS D 32 -22.93 30.83 -20.58
CA LYS D 32 -23.45 30.93 -21.96
C LYS D 32 -23.98 32.33 -22.30
N VAL D 33 -24.56 33.02 -21.34
CA VAL D 33 -25.14 34.35 -21.60
C VAL D 33 -24.05 35.41 -21.77
N VAL D 34 -22.83 35.12 -21.31
CA VAL D 34 -21.68 36.02 -21.52
C VAL D 34 -21.18 35.90 -22.96
N CYS D 35 -21.41 34.73 -23.56
CA CYS D 35 -20.99 34.47 -24.94
C CYS D 35 -21.73 35.31 -25.98
N ASP D 36 -21.20 35.30 -27.21
CA ASP D 36 -21.86 36.03 -28.29
C ASP D 36 -23.24 35.44 -28.57
N SER D 37 -23.31 34.12 -28.56
CA SER D 37 -24.55 33.36 -28.68
C SER D 37 -24.28 31.90 -28.24
N TYR D 38 -25.33 31.09 -28.17
CA TYR D 38 -25.22 29.75 -27.59
C TYR D 38 -26.34 28.88 -28.16
N VAL D 39 -26.17 27.57 -28.08
CA VAL D 39 -27.20 26.61 -28.41
C VAL D 39 -27.19 25.55 -27.32
N ASP D 40 -28.34 25.34 -26.66
CA ASP D 40 -28.48 24.31 -25.64
C ASP D 40 -28.52 22.94 -26.32
N LEU D 41 -27.76 21.99 -25.81
CA LEU D 41 -27.64 20.69 -26.48
C LEU D 41 -28.31 19.57 -25.69
N ALA D 42 -28.07 19.53 -24.39
CA ALA D 42 -28.59 18.43 -23.55
C ALA D 42 -28.51 18.79 -22.08
N TYR D 43 -29.32 18.10 -21.28
CA TYR D 43 -29.23 18.18 -19.82
C TYR D 43 -29.74 16.88 -19.22
N ASN D 44 -28.80 16.10 -18.70
CA ASN D 44 -29.05 14.78 -18.16
C ASN D 44 -28.26 14.62 -16.87
N ARG D 45 -28.97 14.30 -15.78
CA ARG D 45 -28.35 14.19 -14.46
C ARG D 45 -27.66 15.51 -14.18
N GLU D 46 -26.43 15.47 -13.71
CA GLU D 46 -25.65 16.66 -13.46
C GLU D 46 -24.97 17.26 -14.71
N TYR D 47 -25.11 16.60 -15.83
CA TYR D 47 -24.37 16.92 -17.05
C TYR D 47 -25.16 17.81 -18.04
N LYS D 48 -24.88 19.08 -18.00
CA LYS D 48 -25.49 20.05 -18.90
C LYS D 48 -24.54 20.53 -19.98
N SER D 49 -24.96 20.44 -21.23
CA SER D 49 -24.08 20.70 -22.38
C SER D 49 -24.67 21.82 -23.26
N VAL D 50 -23.86 22.84 -23.54
CA VAL D 50 -24.27 24.06 -24.28
C VAL D 50 -23.15 24.37 -25.24
N GLU D 51 -23.50 24.61 -26.50
CA GLU D 51 -22.52 25.05 -27.48
C GLU D 51 -22.36 26.57 -27.39
N CYS D 52 -21.15 27.02 -27.06
CA CYS D 52 -20.88 28.45 -26.91
C CYS D 52 -20.25 29.05 -28.18
N HIS D 53 -20.65 30.28 -28.51
CA HIS D 53 -20.02 31.05 -29.59
C HIS D 53 -19.39 32.31 -29.01
N TYR D 54 -18.09 32.43 -29.20
CA TYR D 54 -17.32 33.49 -28.58
C TYR D 54 -16.11 33.83 -29.43
N LYS D 55 -15.98 35.12 -29.76
CA LYS D 55 -14.87 35.61 -30.58
C LYS D 55 -14.73 34.83 -31.90
N GLY D 56 -15.87 34.48 -32.49
CA GLY D 56 -15.90 33.76 -33.76
C GLY D 56 -15.53 32.29 -33.67
N GLN D 57 -15.35 31.78 -32.44
CA GLN D 57 -15.08 30.38 -32.14
C GLN D 57 -16.27 29.65 -31.51
N LYS D 58 -16.24 28.33 -31.64
CA LYS D 58 -17.31 27.46 -31.15
C LYS D 58 -16.65 26.42 -30.23
N PHE D 59 -17.16 26.29 -29.01
CA PHE D 59 -16.68 25.28 -28.08
C PHE D 59 -17.79 24.96 -27.10
N LEU D 60 -17.84 23.72 -26.61
CA LEU D 60 -18.85 23.35 -25.61
C LEU D 60 -18.49 23.91 -24.24
N CYS D 61 -19.52 24.17 -23.43
CA CYS D 61 -19.40 24.28 -21.99
C CYS D 61 -20.30 23.19 -21.41
N VAL D 62 -19.73 22.35 -20.53
CA VAL D 62 -20.34 21.13 -20.05
C VAL D 62 -20.10 21.06 -18.54
N SER D 63 -21.16 20.82 -17.77
CA SER D 63 -20.97 20.59 -16.34
C SER D 63 -20.62 19.12 -16.05
N HIS D 64 -19.85 18.91 -14.98
CA HIS D 64 -19.33 17.58 -14.67
C HIS D 64 -19.79 17.03 -13.32
N GLY D 65 -20.55 17.83 -12.56
CA GLY D 65 -21.00 17.47 -11.20
C GLY D 65 -19.91 17.54 -10.12
N VAL D 66 -20.30 17.36 -8.87
CA VAL D 66 -19.34 17.22 -7.75
C VAL D 66 -18.61 15.85 -7.74
N GLY D 67 -17.27 15.85 -7.76
CA GLY D 67 -16.53 14.65 -7.32
C GLY D 67 -15.87 13.90 -8.45
N SER D 68 -14.77 13.21 -8.15
CA SER D 68 -13.86 12.69 -9.16
C SER D 68 -14.52 11.58 -9.99
N ALA D 69 -15.23 10.66 -9.34
CA ALA D 69 -15.85 9.51 -10.07
C ALA D 69 -16.92 9.99 -11.04
N GLY D 70 -17.75 10.93 -10.63
CA GLY D 70 -18.75 11.50 -11.54
C GLY D 70 -18.17 12.34 -12.67
N CYS D 71 -17.11 13.10 -12.39
CA CYS D 71 -16.53 13.94 -13.42
C CYS D 71 -15.73 13.07 -14.41
N ALA D 72 -15.19 11.95 -13.95
CA ALA D 72 -14.48 11.04 -14.87
C ALA D 72 -15.41 10.50 -15.97
N VAL D 73 -16.67 10.22 -15.64
CA VAL D 73 -17.64 9.75 -16.62
C VAL D 73 -17.79 10.81 -17.73
N CYS D 74 -17.90 12.07 -17.30
CA CYS D 74 -17.99 13.21 -18.21
C CYS D 74 -16.75 13.32 -19.07
N PHE D 75 -15.57 13.34 -18.42
CA PHE D 75 -14.28 13.51 -19.11
C PHE D 75 -13.96 12.37 -20.08
N GLU D 76 -14.28 11.13 -19.70
CA GLU D 76 -14.10 9.96 -20.58
C GLU D 76 -14.96 10.04 -21.84
N GLU D 77 -16.25 10.37 -21.66
CA GLU D 77 -17.13 10.56 -22.81
C GLU D 77 -16.63 11.71 -23.72
N LEU D 78 -16.13 12.80 -23.14
CA LEU D 78 -15.55 13.87 -23.97
C LEU D 78 -14.30 13.39 -24.67
N CYS D 79 -13.37 12.80 -23.89
CA CYS D 79 -12.06 12.49 -24.43
C CYS D 79 -12.08 11.36 -25.46
N GLN D 80 -13.02 10.43 -25.33
CA GLN D 80 -13.08 9.31 -26.23
C GLN D 80 -13.89 9.65 -27.49
N ASN D 81 -14.49 10.84 -27.54
CA ASN D 81 -15.32 11.17 -28.68
C ASN D 81 -15.00 12.50 -29.37
N GLY D 82 -13.76 12.96 -29.26
CA GLY D 82 -13.28 14.06 -30.11
C GLY D 82 -12.76 15.30 -29.41
N ALA D 83 -12.96 15.45 -28.10
CA ALA D 83 -12.40 16.59 -27.37
C ALA D 83 -10.86 16.55 -27.43
N LYS D 84 -10.24 17.72 -27.63
CA LYS D 84 -8.81 17.85 -27.71
C LYS D 84 -8.16 18.73 -26.69
N VAL D 85 -8.94 19.65 -26.19
CA VAL D 85 -8.49 20.60 -25.14
C VAL D 85 -9.64 20.73 -24.15
N ILE D 86 -9.39 20.50 -22.86
CA ILE D 86 -10.40 20.69 -21.82
C ILE D 86 -9.88 21.59 -20.68
N ILE D 87 -10.56 22.72 -20.47
CA ILE D 87 -10.25 23.63 -19.36
C ILE D 87 -11.35 23.50 -18.32
N ARG D 88 -10.95 23.23 -17.08
CA ARG D 88 -11.86 23.27 -15.93
C ARG D 88 -11.83 24.66 -15.29
N ALA D 89 -13.01 25.27 -15.14
CA ALA D 89 -13.17 26.52 -14.41
C ALA D 89 -14.05 26.18 -13.21
N GLY D 90 -13.46 26.23 -12.01
CA GLY D 90 -14.15 25.74 -10.81
C GLY D 90 -13.97 26.64 -9.61
N SER D 91 -14.39 26.15 -8.45
CA SER D 91 -14.18 26.86 -7.21
C SER D 91 -13.26 26.00 -6.32
N CYS D 92 -12.67 26.59 -5.29
CA CYS D 92 -11.65 25.92 -4.48
C CYS D 92 -11.54 26.55 -3.10
N GLY D 93 -10.86 25.89 -2.16
CA GLY D 93 -10.47 26.54 -0.91
C GLY D 93 -8.98 26.90 -0.95
N SER D 94 -8.58 27.90 -0.17
CA SER D 94 -7.18 28.28 -0.08
C SER D 94 -6.49 27.38 0.94
N LEU D 95 -5.29 26.91 0.59
CA LEU D 95 -4.40 26.22 1.52
C LEU D 95 -3.30 27.13 2.05
N GLN D 96 -3.34 28.39 1.62
CA GLN D 96 -2.32 29.37 2.01
C GLN D 96 -3.08 30.64 2.42
N PRO D 97 -3.83 30.57 3.55
CA PRO D 97 -4.77 31.66 3.90
C PRO D 97 -4.13 33.03 4.12
N ASP D 98 -2.82 33.06 4.42
CA ASP D 98 -2.13 34.36 4.55
C ASP D 98 -1.87 35.07 3.22
N LEU D 99 -1.86 34.28 2.15
CA LEU D 99 -1.52 34.76 0.81
C LEU D 99 -2.73 34.77 -0.10
N ILE D 100 -3.49 33.68 -0.09
CA ILE D 100 -4.55 33.47 -1.05
C ILE D 100 -5.88 33.55 -0.31
N LYS D 101 -6.73 34.48 -0.74
CA LYS D 101 -7.91 34.88 0.02
C LYS D 101 -9.17 34.55 -0.77
N ARG D 102 -10.31 34.55 -0.07
CA ARG D 102 -11.64 34.42 -0.69
C ARG D 102 -11.78 35.38 -1.86
N GLY D 103 -12.15 34.83 -3.01
CA GLY D 103 -12.31 35.63 -4.20
C GLY D 103 -11.12 35.71 -5.12
N ASP D 104 -9.94 35.32 -4.64
CA ASP D 104 -8.78 35.24 -5.52
C ASP D 104 -8.88 34.13 -6.57
N ILE D 105 -8.18 34.31 -7.67
CA ILE D 105 -8.14 33.32 -8.76
C ILE D 105 -6.77 32.64 -8.86
N CYS D 106 -6.79 31.33 -9.05
CA CYS D 106 -5.56 30.53 -9.15
C CYS D 106 -5.62 29.69 -10.41
N ILE D 107 -4.58 29.79 -11.19
CA ILE D 107 -4.41 29.00 -12.38
C ILE D 107 -3.42 27.84 -12.08
N CYS D 108 -3.85 26.59 -12.23
CA CYS D 108 -3.13 25.44 -11.65
C CYS D 108 -2.52 24.61 -12.73
N ASN D 109 -1.24 24.32 -12.62
CA ASN D 109 -0.53 23.45 -13.55
C ASN D 109 -0.44 21.97 -13.25
N ALA D 110 -0.79 21.58 -12.03
CA ALA D 110 -0.60 20.21 -11.57
C ALA D 110 -1.54 19.97 -10.38
N ALA D 111 -1.76 18.70 -10.01
CA ALA D 111 -2.64 18.40 -8.89
C ALA D 111 -2.28 17.15 -8.08
N VAL D 112 -2.75 17.10 -6.84
CA VAL D 112 -2.53 15.94 -5.99
C VAL D 112 -3.65 14.96 -6.28
N ARG D 113 -3.32 13.70 -6.59
CA ARG D 113 -4.33 12.66 -6.94
C ARG D 113 -5.00 12.01 -5.73
N GLU D 114 -5.68 12.80 -4.91
CA GLU D 114 -6.37 12.22 -3.78
C GLU D 114 -7.79 11.75 -4.21
N ASP D 115 -7.84 10.99 -5.28
CA ASP D 115 -9.07 10.39 -5.79
C ASP D 115 -8.90 8.84 -5.78
N ARG D 116 -9.83 8.12 -6.40
CA ARG D 116 -9.60 6.70 -6.69
C ARG D 116 -9.50 6.42 -8.19
N VAL D 117 -10.39 7.02 -8.99
CA VAL D 117 -10.50 6.68 -10.41
C VAL D 117 -9.15 6.83 -11.17
N SER D 118 -8.36 7.87 -10.89
CA SER D 118 -7.06 7.97 -11.59
C SER D 118 -6.15 6.77 -11.29
N HIS D 119 -6.20 6.26 -10.05
CA HIS D 119 -5.41 5.11 -9.60
C HIS D 119 -5.91 3.79 -10.21
N LEU D 120 -7.18 3.77 -10.57
CA LEU D 120 -7.77 2.62 -11.28
C LEU D 120 -7.41 2.64 -12.75
N LEU D 121 -6.85 3.76 -13.20
CA LEU D 121 -6.44 3.94 -14.59
C LEU D 121 -4.91 3.82 -14.81
N ILE D 122 -4.14 4.30 -13.83
CA ILE D 122 -2.69 4.28 -13.93
C ILE D 122 -2.08 4.37 -12.54
N HIS D 123 -0.89 3.81 -12.38
CA HIS D 123 -0.22 3.74 -11.09
C HIS D 123 -0.10 5.10 -10.44
N GLY D 124 -0.23 5.12 -9.11
CA GLY D 124 -0.08 6.31 -8.27
C GLY D 124 1.12 7.25 -8.50
N ASP D 125 2.25 6.66 -8.87
CA ASP D 125 3.47 7.44 -9.12
C ASP D 125 3.34 8.43 -10.29
N PHE D 126 2.39 8.18 -11.19
CA PHE D 126 2.21 8.99 -12.42
C PHE D 126 1.66 10.41 -12.04
N PRO D 127 2.20 11.47 -12.64
CA PRO D 127 1.81 12.83 -12.21
C PRO D 127 0.50 13.26 -12.80
N ALA D 128 -0.33 13.96 -12.01
CA ALA D 128 -1.44 14.76 -12.55
C ALA D 128 -0.91 16.16 -12.91
N VAL D 129 -0.79 16.42 -14.22
CA VAL D 129 -0.09 17.58 -14.71
C VAL D 129 -0.89 18.09 -15.91
N GLY D 130 -0.99 19.41 -16.01
CA GLY D 130 -1.74 20.03 -17.08
C GLY D 130 -0.86 20.26 -18.29
N ASP D 131 -1.51 20.60 -19.41
CA ASP D 131 -0.80 21.02 -20.61
C ASP D 131 -0.16 22.41 -20.46
N PHE D 132 1.14 22.56 -20.81
CA PHE D 132 1.80 23.90 -20.80
C PHE D 132 1.11 24.96 -21.61
N ASP D 133 0.72 24.66 -22.85
CA ASP D 133 0.03 25.63 -23.70
C ASP D 133 -1.24 26.18 -23.05
N VAL D 134 -2.01 25.28 -22.44
CA VAL D 134 -3.27 25.67 -21.85
C VAL D 134 -2.99 26.58 -20.63
N TYR D 135 -2.08 26.14 -19.77
CA TYR D 135 -1.62 26.96 -18.64
C TYR D 135 -1.16 28.37 -19.11
N ASP D 136 -0.30 28.40 -20.12
CA ASP D 136 0.28 29.65 -20.62
C ASP D 136 -0.81 30.58 -21.20
N THR D 137 -1.78 30.00 -21.90
CA THR D 137 -2.84 30.77 -22.54
C THR D 137 -3.73 31.37 -21.44
N LEU D 138 -4.05 30.57 -20.42
CA LEU D 138 -4.84 31.06 -19.29
C LEU D 138 -4.10 32.23 -18.60
N ASN D 139 -2.81 32.03 -18.28
CA ASN D 139 -2.00 33.12 -17.73
C ASN D 139 -1.95 34.36 -18.60
N LYS D 140 -1.75 34.19 -19.90
CA LYS D 140 -1.70 35.33 -20.81
C LYS D 140 -3.02 36.11 -20.90
N CYS D 141 -4.15 35.40 -20.91
CA CYS D 141 -5.46 36.05 -20.90
C CYS D 141 -5.75 36.82 -19.62
N ALA D 142 -5.33 36.27 -18.48
CA ALA D 142 -5.48 36.97 -17.23
C ALA D 142 -4.70 38.32 -17.28
N GLN D 143 -3.45 38.24 -17.75
CA GLN D 143 -2.61 39.41 -17.94
C GLN D 143 -3.23 40.44 -18.93
N GLU D 144 -3.67 39.95 -20.09
CA GLU D 144 -4.34 40.79 -21.06
C GLU D 144 -5.59 41.46 -20.47
N LEU D 145 -6.29 40.78 -19.56
CA LEU D 145 -7.44 41.39 -18.89
C LEU D 145 -7.08 42.19 -17.63
N ASN D 146 -5.79 42.28 -17.34
CA ASN D 146 -5.27 42.86 -16.10
C ASN D 146 -5.97 42.32 -14.83
N VAL D 147 -6.15 41.00 -14.79
CA VAL D 147 -6.69 40.29 -13.62
C VAL D 147 -5.52 39.59 -12.91
N PRO D 148 -5.24 40.00 -11.65
CA PRO D 148 -4.14 39.33 -10.93
C PRO D 148 -4.53 37.88 -10.61
N VAL D 149 -3.60 36.96 -10.74
CA VAL D 149 -3.84 35.57 -10.39
C VAL D 149 -2.66 34.93 -9.67
N PHE D 150 -2.95 33.87 -8.93
CA PHE D 150 -1.94 32.99 -8.35
C PHE D 150 -1.75 31.78 -9.26
N ASN D 151 -0.61 31.14 -9.11
CA ASN D 151 -0.34 29.90 -9.82
C ASN D 151 0.11 28.87 -8.79
N GLY D 152 -0.26 27.62 -9.00
CA GLY D 152 0.17 26.56 -8.10
C GLY D 152 -0.53 25.23 -8.27
N ILE D 153 -0.26 24.33 -7.36
CA ILE D 153 -0.78 22.97 -7.40
C ILE D 153 -2.09 22.96 -6.61
N SER D 154 -3.09 22.26 -7.13
CA SER D 154 -4.31 22.02 -6.36
C SER D 154 -4.26 20.66 -5.68
N VAL D 155 -4.69 20.56 -4.45
CA VAL D 155 -5.05 19.25 -3.93
C VAL D 155 -6.46 18.89 -4.44
N SER D 156 -6.57 17.80 -5.21
CA SER D 156 -7.89 17.30 -5.58
C SER D 156 -8.25 16.16 -4.62
N SER D 157 -9.09 16.45 -3.63
CA SER D 157 -9.43 15.47 -2.62
C SER D 157 -10.87 15.02 -2.76
N ASP D 158 -11.09 13.70 -2.70
CA ASP D 158 -12.45 13.15 -2.66
C ASP D 158 -13.22 13.41 -1.36
N MET D 159 -12.54 13.91 -0.33
CA MET D 159 -13.18 14.19 0.97
C MET D 159 -13.38 15.70 1.20
N TYR D 160 -14.65 16.12 1.23
CA TYR D 160 -14.96 17.52 1.51
C TYR D 160 -15.10 17.72 3.04
N TYR D 161 -15.78 16.78 3.69
CA TYR D 161 -16.04 16.86 5.14
C TYR D 161 -15.17 15.81 5.87
N PRO D 162 -14.09 16.26 6.53
CA PRO D 162 -13.25 15.29 7.26
C PRO D 162 -13.92 14.84 8.56
N ASN D 163 -13.46 13.70 9.09
CA ASN D 163 -13.96 13.18 10.34
C ASN D 163 -12.88 13.23 11.38
N LYS D 164 -13.12 12.68 12.57
CA LYS D 164 -12.13 12.79 13.63
C LYS D 164 -11.26 11.53 13.81
N ILE D 165 -11.29 10.63 12.82
CA ILE D 165 -10.56 9.38 12.95
C ILE D 165 -9.25 9.37 12.19
N ILE D 166 -9.34 9.48 10.86
CA ILE D 166 -8.21 9.56 9.97
C ILE D 166 -7.96 11.05 9.69
N PRO D 167 -6.76 11.55 10.00
CA PRO D 167 -6.43 12.98 9.80
C PRO D 167 -6.48 13.32 8.32
N SER D 168 -7.02 14.48 7.98
CA SER D 168 -6.90 15.09 6.65
C SER D 168 -5.41 15.31 6.30
N ARG D 169 -5.08 15.11 5.04
CA ARG D 169 -3.72 15.43 4.58
C ARG D 169 -3.56 16.90 4.15
N LEU D 170 -4.60 17.71 4.33
CA LEU D 170 -4.58 19.09 3.81
C LEU D 170 -3.47 19.95 4.44
N GLU D 171 -3.25 19.84 5.75
CA GLU D 171 -2.17 20.58 6.39
C GLU D 171 -0.77 20.12 5.84
N ASP D 172 -0.58 18.81 5.69
CA ASP D 172 0.65 18.30 5.04
C ASP D 172 0.87 18.96 3.67
N TYR D 173 -0.17 18.97 2.85
CA TYR D 173 -0.06 19.52 1.51
C TYR D 173 0.16 21.05 1.47
N SER D 174 -0.37 21.75 2.46
CA SER D 174 -0.12 23.17 2.68
C SER D 174 1.36 23.42 2.99
N LYS D 175 1.91 22.60 3.87
CA LYS D 175 3.35 22.63 4.17
C LYS D 175 4.20 22.31 2.93
N ALA D 176 3.68 21.43 2.06
CA ALA D 176 4.32 21.07 0.82
C ALA D 176 4.16 22.12 -0.30
N ASN D 177 3.50 23.25 0.04
CA ASN D 177 3.27 24.39 -0.88
C ASN D 177 2.17 24.23 -1.93
N ALA D 178 1.25 23.27 -1.75
CA ALA D 178 0.03 23.27 -2.57
C ALA D 178 -0.75 24.58 -2.25
N ALA D 179 -1.28 25.23 -3.28
CA ALA D 179 -1.93 26.54 -3.14
C ALA D 179 -3.38 26.42 -2.69
N VAL D 180 -4.08 25.44 -3.27
CA VAL D 180 -5.55 25.37 -3.13
C VAL D 180 -6.08 23.93 -3.10
N VAL D 181 -7.37 23.79 -2.78
CA VAL D 181 -8.00 22.49 -2.74
C VAL D 181 -9.34 22.51 -3.46
N GLU D 182 -9.54 21.53 -4.34
CA GLU D 182 -10.89 21.26 -4.89
C GLU D 182 -11.04 19.74 -5.12
N MET D 183 -11.90 19.30 -6.05
CA MET D 183 -12.33 17.90 -6.06
C MET D 183 -12.22 17.13 -7.40
N GLU D 184 -11.76 17.80 -8.46
CA GLU D 184 -11.87 17.22 -9.82
C GLU D 184 -10.61 17.34 -10.71
N LEU D 185 -9.75 18.31 -10.40
CA LEU D 185 -8.73 18.69 -11.37
C LEU D 185 -7.69 17.56 -11.63
N ALA D 186 -7.21 16.86 -10.59
CA ALA D 186 -6.27 15.75 -10.81
C ALA D 186 -6.86 14.68 -11.74
N THR D 187 -8.15 14.39 -11.55
CA THR D 187 -8.85 13.38 -12.37
C THR D 187 -8.87 13.82 -13.87
N LEU D 188 -9.25 15.06 -14.12
CA LEU D 188 -9.18 15.65 -15.46
C LEU D 188 -7.77 15.52 -16.07
N MET D 189 -6.74 15.91 -15.32
CA MET D 189 -5.40 15.95 -15.87
C MET D 189 -4.88 14.55 -16.24
N VAL D 190 -5.12 13.56 -15.38
CA VAL D 190 -4.64 12.19 -15.64
C VAL D 190 -5.38 11.58 -16.85
N ILE D 191 -6.72 11.73 -16.87
CA ILE D 191 -7.50 11.24 -18.04
C ILE D 191 -7.02 11.92 -19.31
N GLY D 192 -6.77 13.23 -19.26
CA GLY D 192 -6.28 13.94 -20.44
C GLY D 192 -4.95 13.41 -20.94
N THR D 193 -3.99 13.24 -20.02
CA THR D 193 -2.69 12.68 -20.38
C THR D 193 -2.82 11.28 -20.99
N LEU D 194 -3.61 10.40 -20.38
CA LEU D 194 -3.84 9.06 -20.92
C LEU D 194 -4.55 9.07 -22.28
N ARG D 195 -5.38 10.07 -22.51
CA ARG D 195 -6.23 10.11 -23.74
C ARG D 195 -5.72 11.10 -24.78
N LYS D 196 -4.54 11.65 -24.53
CA LYS D 196 -3.93 12.65 -25.41
C LYS D 196 -4.79 13.88 -25.60
N VAL D 197 -5.35 14.39 -24.51
CA VAL D 197 -6.17 15.59 -24.52
C VAL D 197 -5.43 16.60 -23.63
N LYS D 198 -5.33 17.84 -24.11
CA LYS D 198 -4.65 18.94 -23.39
C LYS D 198 -5.56 19.49 -22.31
N THR D 199 -5.08 19.62 -21.08
CA THR D 199 -5.95 20.10 -20.00
C THR D 199 -5.39 21.28 -19.20
N GLY D 200 -6.28 21.96 -18.49
CA GLY D 200 -5.88 23.00 -17.56
C GLY D 200 -7.01 23.34 -16.60
N GLY D 201 -6.70 24.17 -15.61
CA GLY D 201 -7.64 24.52 -14.58
C GLY D 201 -7.46 25.94 -14.14
N ILE D 202 -8.58 26.62 -13.95
CA ILE D 202 -8.61 27.94 -13.33
C ILE D 202 -9.68 27.88 -12.27
N LEU D 203 -9.39 28.47 -11.10
CA LEU D 203 -10.21 28.24 -9.93
C LEU D 203 -10.41 29.51 -9.15
N ILE D 204 -11.61 29.68 -8.59
CA ILE D 204 -11.91 30.81 -7.70
C ILE D 204 -12.03 30.35 -6.24
N VAL D 205 -11.34 31.04 -5.34
CA VAL D 205 -11.39 30.72 -3.90
C VAL D 205 -12.73 31.10 -3.25
N ASP D 206 -13.36 30.16 -2.54
CA ASP D 206 -14.63 30.43 -1.81
C ASP D 206 -14.48 30.37 -0.27
N GLY D 207 -13.24 30.21 0.20
CA GLY D 207 -12.99 30.15 1.64
C GLY D 207 -11.68 29.43 1.94
N CYS D 208 -11.48 29.08 3.22
CA CYS D 208 -10.30 28.30 3.65
C CYS D 208 -10.75 27.17 4.57
N PRO D 209 -10.51 25.92 4.15
CA PRO D 209 -10.95 24.76 4.94
C PRO D 209 -10.36 24.70 6.35
N PHE D 210 -9.21 25.33 6.55
CA PHE D 210 -8.60 25.39 7.88
C PHE D 210 -9.43 26.25 8.85
N LYS D 211 -10.28 27.12 8.29
CA LYS D 211 -11.01 28.12 9.07
C LYS D 211 -12.51 28.06 8.90
N TRP D 212 -13.04 26.95 8.43
CA TRP D 212 -14.50 26.79 8.33
C TRP D 212 -15.21 27.03 9.67
N ASP D 213 -14.58 26.56 10.76
CA ASP D 213 -15.13 26.74 12.11
C ASP D 213 -15.17 28.21 12.59
N GLU D 214 -14.41 29.08 11.91
CA GLU D 214 -14.41 30.53 12.17
C GLU D 214 -15.36 31.30 11.25
N GLY D 215 -15.96 30.61 10.27
CA GLY D 215 -16.87 31.26 9.34
C GLY D 215 -16.15 31.76 8.08
N ASP D 216 -14.94 31.26 7.85
CA ASP D 216 -14.19 31.53 6.62
C ASP D 216 -14.67 30.73 5.41
N PHE D 217 -15.90 30.99 4.99
CA PHE D 217 -16.56 30.30 3.89
C PHE D 217 -17.83 31.05 3.42
N ASP D 218 -18.10 30.96 2.12
CA ASP D 218 -19.31 31.52 1.53
C ASP D 218 -19.39 30.99 0.10
N ASN D 219 -20.39 30.15 -0.17
CA ASN D 219 -20.52 29.61 -1.53
C ASN D 219 -21.21 30.57 -2.53
N ASN D 220 -21.64 31.74 -2.05
CA ASN D 220 -21.85 32.88 -2.95
C ASN D 220 -20.49 33.45 -3.38
N LEU D 221 -20.05 33.08 -4.57
CA LEU D 221 -18.75 33.46 -5.09
C LEU D 221 -18.68 34.96 -5.36
N VAL D 222 -17.56 35.59 -5.07
CA VAL D 222 -17.42 37.02 -5.26
C VAL D 222 -17.74 37.46 -6.69
N PRO D 223 -18.76 38.29 -6.88
CA PRO D 223 -19.35 38.50 -8.20
C PRO D 223 -18.39 38.98 -9.27
N HIS D 224 -17.67 40.05 -9.04
CA HIS D 224 -16.75 40.61 -10.01
CA HIS D 224 -16.77 40.60 -10.03
C HIS D 224 -15.54 39.69 -10.30
N GLN D 225 -15.18 38.91 -9.30
CA GLN D 225 -14.12 37.93 -9.45
C GLN D 225 -14.54 36.70 -10.28
N LEU D 226 -15.75 36.20 -10.02
CA LEU D 226 -16.32 35.13 -10.84
C LEU D 226 -16.45 35.61 -12.31
N GLU D 227 -16.90 36.86 -12.47
CA GLU D 227 -17.00 37.49 -13.79
C GLU D 227 -15.61 37.49 -14.45
N ASN D 228 -14.60 37.95 -13.73
CA ASN D 228 -13.23 37.94 -14.26
C ASN D 228 -12.75 36.55 -14.68
N MET D 229 -13.00 35.55 -13.84
CA MET D 229 -12.55 34.20 -14.13
C MET D 229 -13.21 33.61 -15.39
N ILE D 230 -14.52 33.81 -15.50
CA ILE D 230 -15.27 33.42 -16.71
C ILE D 230 -14.70 34.14 -17.96
N LYS D 231 -14.42 35.42 -17.86
CA LYS D 231 -13.82 36.16 -19.02
C LYS D 231 -12.48 35.52 -19.47
N ILE D 232 -11.60 35.25 -18.51
CA ILE D 232 -10.31 34.60 -18.80
C ILE D 232 -10.53 33.21 -19.40
N ALA D 233 -11.39 32.41 -18.77
CA ALA D 233 -11.65 31.05 -19.27
C ALA D 233 -12.20 31.06 -20.70
N LEU D 234 -13.14 31.97 -20.98
CA LEU D 234 -13.75 32.02 -22.32
C LEU D 234 -12.74 32.55 -23.38
N GLY D 235 -11.96 33.54 -23.01
CA GLY D 235 -10.85 34.03 -23.87
C GLY D 235 -9.87 32.91 -24.21
N ALA D 236 -9.46 32.15 -23.19
CA ALA D 236 -8.52 31.07 -23.40
C ALA D 236 -9.05 29.97 -24.31
N CYS D 237 -10.32 29.57 -24.11
CA CYS D 237 -10.99 28.58 -24.97
C CYS D 237 -11.02 29.03 -26.43
N ALA D 238 -11.33 30.32 -26.66
CA ALA D 238 -11.43 30.84 -28.01
C ALA D 238 -10.04 30.81 -28.64
N LYS D 239 -9.06 31.33 -27.90
CA LYS D 239 -7.67 31.31 -28.36
C LYS D 239 -7.18 29.87 -28.67
N LEU D 240 -7.42 28.94 -27.75
CA LEU D 240 -6.99 27.55 -27.95
C LEU D 240 -7.75 26.86 -29.08
N ALA D 241 -9.00 27.24 -29.33
CA ALA D 241 -9.71 26.73 -30.50
C ALA D 241 -8.97 27.09 -31.82
N THR D 242 -8.48 28.32 -31.93
CA THR D 242 -7.70 28.71 -33.13
C THR D 242 -6.31 28.09 -33.17
N LYS D 243 -5.64 28.01 -32.01
CA LYS D 243 -4.34 27.30 -31.92
C LYS D 243 -4.47 25.83 -32.33
N TYR D 244 -5.56 25.18 -31.99
CA TYR D 244 -5.83 23.85 -32.46
C TYR D 244 -6.00 23.81 -33.97
N ALA D 245 -6.74 24.74 -34.48
CA ALA D 245 -6.95 24.79 -35.95
C ALA D 245 -5.64 24.91 -36.77
N LEU D 246 -4.67 25.67 -36.27
CA LEU D 246 -3.35 25.77 -36.85
C LEU D 246 -2.60 24.45 -36.76
N ASN E 3 -9.90 -40.17 0.72
CA ASN E 3 -9.15 -40.19 2.01
C ASN E 3 -9.41 -38.94 2.90
N LEU E 4 -8.73 -38.86 4.04
CA LEU E 4 -9.04 -37.87 5.08
C LEU E 4 -8.65 -36.42 4.74
N LEU E 5 -9.45 -35.46 5.17
CA LEU E 5 -9.02 -34.09 5.22
C LEU E 5 -7.69 -33.91 5.93
N ARG E 6 -6.79 -33.17 5.32
CA ARG E 6 -5.41 -33.07 5.80
C ARG E 6 -5.26 -32.74 7.28
N HIS E 7 -6.02 -31.74 7.74
CA HIS E 7 -5.88 -31.22 9.10
C HIS E 7 -7.03 -31.63 10.05
N LEU E 8 -8.26 -31.66 9.55
CA LEU E 8 -9.38 -32.11 10.39
C LEU E 8 -9.37 -33.60 10.63
N LYS E 9 -8.79 -34.36 9.68
CA LYS E 9 -8.67 -35.83 9.75
C LYS E 9 -10.04 -36.48 9.86
N ILE E 10 -11.01 -35.90 9.17
CA ILE E 10 -12.28 -36.59 8.95
C ILE E 10 -12.44 -36.71 7.43
N SER E 11 -13.33 -37.58 6.99
CA SER E 11 -13.65 -37.68 5.56
C SER E 11 -14.73 -36.67 5.16
N LYS E 12 -14.79 -36.36 3.88
CA LYS E 12 -15.86 -35.56 3.35
C LYS E 12 -17.24 -36.06 3.64
N GLU E 13 -17.35 -37.37 3.77
CA GLU E 13 -18.65 -38.00 4.03
C GLU E 13 -19.16 -37.61 5.43
N GLN E 14 -18.26 -37.14 6.30
CA GLN E 14 -18.60 -36.87 7.71
C GLN E 14 -19.02 -35.42 7.92
N ILE E 15 -18.80 -34.61 6.93
CA ILE E 15 -19.16 -33.23 7.05
C ILE E 15 -20.64 -32.99 6.83
N THR E 16 -21.27 -32.31 7.73
CA THR E 16 -22.70 -32.08 7.69
C THR E 16 -22.96 -30.70 7.02
N PRO E 17 -24.18 -30.46 6.53
CA PRO E 17 -24.52 -29.12 6.01
C PRO E 17 -24.24 -27.97 6.99
N VAL E 18 -24.53 -28.18 8.28
CA VAL E 18 -24.34 -27.13 9.28
C VAL E 18 -23.17 -27.51 10.16
N VAL E 19 -22.26 -26.54 10.38
CA VAL E 19 -21.14 -26.77 11.28
C VAL E 19 -21.05 -25.61 12.27
N LEU E 20 -20.97 -25.96 13.55
CA LEU E 20 -20.63 -25.00 14.59
C LEU E 20 -19.11 -25.02 14.82
N VAL E 21 -18.46 -23.87 14.72
CA VAL E 21 -17.01 -23.74 14.97
C VAL E 21 -16.72 -22.87 16.21
N VAL E 22 -15.67 -23.25 16.92
CA VAL E 22 -15.21 -22.54 18.11
C VAL E 22 -13.70 -22.57 18.05
N GLY E 23 -13.06 -21.66 18.76
CA GLY E 23 -11.61 -21.62 18.75
C GLY E 23 -10.96 -22.67 19.63
N ASP E 24 -11.55 -22.87 20.80
CA ASP E 24 -10.95 -23.70 21.83
C ASP E 24 -11.47 -25.15 21.71
N PRO E 25 -10.57 -26.12 21.46
CA PRO E 25 -11.01 -27.53 21.49
C PRO E 25 -11.70 -27.96 22.81
N GLY E 26 -11.29 -27.37 23.93
CA GLY E 26 -11.95 -27.59 25.23
C GLY E 26 -13.43 -27.16 25.18
N ARG E 27 -13.76 -26.20 24.32
CA ARG E 27 -15.16 -25.74 24.23
C ARG E 27 -16.03 -26.77 23.50
N VAL E 28 -15.44 -27.49 22.55
CA VAL E 28 -16.11 -28.58 21.86
C VAL E 28 -16.59 -29.63 22.87
N ASP E 29 -15.73 -29.95 23.84
CA ASP E 29 -16.09 -30.94 24.85
C ASP E 29 -17.19 -30.42 25.77
N LYS E 30 -17.13 -29.17 26.09
CA LYS E 30 -18.19 -28.49 26.77
C LYS E 30 -19.53 -28.45 26.06
N ILE E 31 -19.51 -28.16 24.78
CA ILE E 31 -20.71 -28.13 23.93
C ILE E 31 -21.35 -29.51 23.78
N LYS E 32 -20.54 -30.52 23.47
CA LYS E 32 -21.07 -31.83 23.11
C LYS E 32 -21.92 -32.45 24.22
N VAL E 33 -21.62 -32.10 25.47
CA VAL E 33 -22.34 -32.66 26.61
C VAL E 33 -23.66 -31.93 26.89
N VAL E 34 -23.82 -30.71 26.37
CA VAL E 34 -25.13 -30.04 26.33
C VAL E 34 -26.07 -30.70 25.30
N CYS E 35 -25.49 -31.31 24.26
CA CYS E 35 -26.30 -31.97 23.23
C CYS E 35 -27.02 -33.22 23.77
N ASP E 36 -28.03 -33.67 23.02
CA ASP E 36 -28.77 -34.88 23.36
C ASP E 36 -27.87 -36.13 23.28
N SER E 37 -26.97 -36.15 22.29
CA SER E 37 -25.92 -37.16 22.18
C SER E 37 -24.81 -36.66 21.27
N TYR E 38 -23.71 -37.41 21.19
CA TYR E 38 -22.60 -37.00 20.34
C TYR E 38 -21.73 -38.19 19.93
N VAL E 39 -20.94 -37.99 18.89
CA VAL E 39 -19.94 -38.97 18.49
C VAL E 39 -18.65 -38.20 18.27
N ASP E 40 -17.63 -38.50 19.08
CA ASP E 40 -16.29 -37.98 18.82
C ASP E 40 -15.76 -38.51 17.48
N LEU E 41 -15.33 -37.61 16.60
CA LEU E 41 -14.81 -38.02 15.31
C LEU E 41 -13.29 -38.01 15.21
N ALA E 42 -12.67 -36.88 15.55
CA ALA E 42 -11.22 -36.69 15.36
C ALA E 42 -10.68 -35.64 16.30
N TYR E 43 -9.38 -35.72 16.58
CA TYR E 43 -8.66 -34.66 17.27
C TYR E 43 -7.23 -34.61 16.76
N ASN E 44 -6.94 -33.62 15.92
CA ASN E 44 -5.64 -33.48 15.32
C ASN E 44 -5.23 -32.05 15.46
N ARG E 45 -4.01 -31.85 15.96
CA ARG E 45 -3.50 -30.49 16.21
C ARG E 45 -4.54 -29.76 17.08
N GLU E 46 -4.91 -28.55 16.73
CA GLU E 46 -5.95 -27.81 17.41
C GLU E 46 -7.39 -28.14 16.96
N TYR E 47 -7.52 -29.05 16.02
CA TYR E 47 -8.79 -29.31 15.36
C TYR E 47 -9.50 -30.54 15.94
N LYS E 48 -10.50 -30.30 16.79
CA LYS E 48 -11.30 -31.37 17.41
C LYS E 48 -12.67 -31.33 16.77
N SER E 49 -13.13 -32.49 16.28
CA SER E 49 -14.37 -32.63 15.52
C SER E 49 -15.27 -33.61 16.24
N VAL E 50 -16.50 -33.17 16.49
CA VAL E 50 -17.54 -33.99 17.12
C VAL E 50 -18.84 -33.88 16.31
N GLU E 51 -19.53 -35.01 16.14
CA GLU E 51 -20.87 -34.97 15.54
C GLU E 51 -21.89 -34.77 16.64
N CYS E 52 -22.60 -33.63 16.62
CA CYS E 52 -23.61 -33.34 17.62
C CYS E 52 -25.01 -33.74 17.15
N HIS E 53 -25.81 -34.17 18.11
CA HIS E 53 -27.22 -34.48 17.88
C HIS E 53 -28.00 -33.66 18.89
N TYR E 54 -28.81 -32.75 18.37
CA TYR E 54 -29.49 -31.75 19.17
C TYR E 54 -30.80 -31.40 18.48
N LYS E 55 -31.91 -31.49 19.24
CA LYS E 55 -33.26 -31.16 18.79
C LYS E 55 -33.63 -31.92 17.50
N GLY E 56 -33.27 -33.21 17.46
CA GLY E 56 -33.55 -34.04 16.30
C GLY E 56 -32.72 -33.80 15.06
N GLN E 57 -31.68 -32.95 15.18
CA GLN E 57 -30.78 -32.60 14.07
C GLN E 57 -29.33 -33.06 14.31
N LYS E 58 -28.59 -33.14 13.22
CA LYS E 58 -27.22 -33.61 13.22
C LYS E 58 -26.35 -32.53 12.59
N PHE E 59 -25.31 -32.11 13.32
CA PHE E 59 -24.34 -31.12 12.84
C PHE E 59 -22.99 -31.31 13.52
N LEU E 60 -21.91 -30.99 12.81
CA LEU E 60 -20.57 -31.05 13.44
C LEU E 60 -20.35 -29.87 14.38
N CYS E 61 -19.53 -30.09 15.39
CA CYS E 61 -18.90 -29.00 16.10
C CYS E 61 -17.38 -29.25 16.01
N VAL E 62 -16.64 -28.26 15.53
CA VAL E 62 -15.21 -28.40 15.18
C VAL E 62 -14.47 -27.20 15.76
N SER E 63 -13.31 -27.41 16.37
CA SER E 63 -12.50 -26.27 16.84
C SER E 63 -11.56 -25.83 15.72
N HIS E 64 -11.28 -24.52 15.67
CA HIS E 64 -10.50 -23.91 14.58
C HIS E 64 -9.13 -23.35 15.07
N GLY E 65 -8.88 -23.40 16.39
CA GLY E 65 -7.66 -22.82 16.97
C GLY E 65 -7.61 -21.29 17.04
N VAL E 66 -6.56 -20.75 17.68
CA VAL E 66 -6.38 -19.29 17.69
C VAL E 66 -5.82 -18.77 16.36
N GLY E 67 -6.50 -17.77 15.77
CA GLY E 67 -5.85 -16.91 14.81
C GLY E 67 -6.26 -17.24 13.40
N SER E 68 -6.17 -16.22 12.54
CA SER E 68 -6.83 -16.25 11.23
C SER E 68 -6.23 -17.32 10.26
N ALA E 69 -4.89 -17.42 10.16
CA ALA E 69 -4.23 -18.39 9.29
C ALA E 69 -4.56 -19.85 9.64
N GLY E 70 -4.54 -20.18 10.95
CA GLY E 70 -4.96 -21.51 11.41
C GLY E 70 -6.43 -21.84 11.22
N CYS E 71 -7.30 -20.85 11.44
CA CYS E 71 -8.72 -21.11 11.27
C CYS E 71 -9.05 -21.19 9.78
N ALA E 72 -8.32 -20.47 8.93
CA ALA E 72 -8.60 -20.54 7.50
C ALA E 72 -8.41 -21.99 7.00
N VAL E 73 -7.43 -22.70 7.55
CA VAL E 73 -7.14 -24.08 7.17
C VAL E 73 -8.37 -24.96 7.48
N CYS E 74 -8.91 -24.79 8.69
CA CYS E 74 -10.15 -25.44 9.11
C CYS E 74 -11.33 -25.06 8.23
N PHE E 75 -11.52 -23.76 7.98
CA PHE E 75 -12.65 -23.30 7.20
C PHE E 75 -12.61 -23.73 5.74
N GLU E 76 -11.43 -23.76 5.11
CA GLU E 76 -11.33 -24.21 3.73
C GLU E 76 -11.67 -25.70 3.60
N GLU E 77 -11.18 -26.50 4.55
CA GLU E 77 -11.46 -27.91 4.56
C GLU E 77 -12.95 -28.22 4.69
N LEU E 78 -13.63 -27.45 5.52
CA LEU E 78 -15.10 -27.52 5.66
C LEU E 78 -15.83 -27.08 4.40
N CYS E 79 -15.51 -25.86 3.91
CA CYS E 79 -16.23 -25.25 2.78
C CYS E 79 -16.00 -25.97 1.47
N GLN E 80 -14.82 -26.58 1.33
CA GLN E 80 -14.47 -27.28 0.08
C GLN E 80 -14.98 -28.72 0.04
N ASN E 81 -15.53 -29.20 1.15
CA ASN E 81 -15.97 -30.59 1.26
C ASN E 81 -17.40 -30.73 1.82
N GLY E 82 -18.23 -29.72 1.58
CA GLY E 82 -19.65 -29.88 1.79
C GLY E 82 -20.36 -29.04 2.82
N ALA E 83 -19.64 -28.29 3.68
CA ALA E 83 -20.35 -27.39 4.61
C ALA E 83 -21.18 -26.35 3.82
N LYS E 84 -22.40 -26.08 4.31
CA LYS E 84 -23.27 -25.08 3.70
C LYS E 84 -23.47 -23.88 4.59
N VAL E 85 -23.38 -24.10 5.89
CA VAL E 85 -23.57 -23.06 6.88
C VAL E 85 -22.53 -23.25 7.98
N ILE E 86 -21.80 -22.20 8.33
CA ILE E 86 -20.89 -22.29 9.44
C ILE E 86 -21.13 -21.15 10.43
N ILE E 87 -21.35 -21.49 11.68
CA ILE E 87 -21.50 -20.47 12.71
C ILE E 87 -20.30 -20.52 13.66
N ARG E 88 -19.66 -19.38 13.85
CA ARG E 88 -18.62 -19.24 14.89
C ARG E 88 -19.21 -18.77 16.22
N ALA E 89 -18.89 -19.49 17.30
CA ALA E 89 -19.29 -19.07 18.63
C ALA E 89 -18.00 -18.90 19.39
N GLY E 90 -17.65 -17.67 19.73
CA GLY E 90 -16.31 -17.38 20.21
C GLY E 90 -16.31 -16.45 21.41
N SER E 91 -15.12 -16.01 21.81
CA SER E 91 -14.97 -14.99 22.84
C SER E 91 -14.37 -13.73 22.20
N CYS E 92 -14.54 -12.60 22.89
CA CYS E 92 -14.15 -11.29 22.34
C CYS E 92 -13.85 -10.31 23.45
N GLY E 93 -13.20 -9.20 23.09
CA GLY E 93 -13.06 -8.07 24.01
C GLY E 93 -14.05 -6.97 23.65
N SER E 94 -14.41 -6.13 24.60
CA SER E 94 -15.31 -4.99 24.31
C SER E 94 -14.55 -3.79 23.75
N LEU E 95 -15.08 -3.17 22.69
CA LEU E 95 -14.55 -1.88 22.21
C LEU E 95 -15.40 -0.68 22.63
N GLN E 96 -16.45 -0.97 23.40
CA GLN E 96 -17.40 0.02 23.85
C GLN E 96 -17.68 -0.24 25.33
N PRO E 97 -16.67 -0.02 26.21
CA PRO E 97 -16.76 -0.44 27.60
C PRO E 97 -17.81 0.23 28.47
N ASP E 98 -18.34 1.39 28.05
CA ASP E 98 -19.49 2.01 28.74
C ASP E 98 -20.80 1.24 28.50
N LEU E 99 -20.85 0.50 27.39
CA LEU E 99 -22.09 -0.11 26.93
C LEU E 99 -22.03 -1.63 27.08
N ILE E 100 -20.90 -2.18 26.64
CA ILE E 100 -20.73 -3.63 26.52
C ILE E 100 -19.66 -4.10 27.50
N LYS E 101 -20.08 -4.98 28.43
CA LYS E 101 -19.29 -5.39 29.59
C LYS E 101 -18.95 -6.87 29.54
N ARG E 102 -17.96 -7.26 30.29
CA ARG E 102 -17.61 -8.64 30.55
C ARG E 102 -18.81 -9.53 30.76
N GLY E 103 -18.88 -10.62 30.03
CA GLY E 103 -20.03 -11.51 30.09
C GLY E 103 -21.18 -11.23 29.14
N ASP E 104 -21.23 -10.05 28.55
CA ASP E 104 -22.22 -9.74 27.52
C ASP E 104 -22.02 -10.55 26.24
N ILE E 105 -23.09 -10.69 25.48
CA ILE E 105 -23.05 -11.48 24.26
C ILE E 105 -23.30 -10.57 23.06
N CYS E 106 -22.45 -10.68 22.04
CA CYS E 106 -22.63 -9.91 20.82
C CYS E 106 -22.84 -10.84 19.63
N ILE E 107 -23.86 -10.56 18.85
CA ILE E 107 -24.07 -11.21 17.56
C ILE E 107 -23.72 -10.26 16.39
N CYS E 108 -22.81 -10.67 15.54
CA CYS E 108 -22.15 -9.77 14.60
C CYS E 108 -22.40 -10.19 13.16
N ASN E 109 -22.46 -9.21 12.27
CA ASN E 109 -22.92 -9.45 10.90
C ASN E 109 -21.92 -8.94 9.86
N ALA E 110 -20.90 -8.23 10.32
CA ALA E 110 -19.70 -7.99 9.52
C ALA E 110 -18.48 -7.78 10.40
N ALA E 111 -17.31 -7.72 9.77
CA ALA E 111 -16.06 -7.67 10.51
C ALA E 111 -14.98 -6.86 9.78
N VAL E 112 -14.03 -6.31 10.56
CA VAL E 112 -12.85 -5.67 10.02
C VAL E 112 -11.84 -6.75 9.67
N ARG E 113 -11.31 -6.70 8.45
CA ARG E 113 -10.38 -7.68 7.93
C ARG E 113 -8.93 -7.37 8.31
N GLU E 114 -8.64 -7.33 9.62
CA GLU E 114 -7.26 -7.08 10.05
C GLU E 114 -6.48 -8.43 10.14
N ASP E 115 -6.55 -9.18 9.06
CA ASP E 115 -5.79 -10.44 8.92
C ASP E 115 -4.87 -10.33 7.70
N ARG E 116 -4.25 -11.43 7.29
CA ARG E 116 -3.58 -11.46 6.00
C ARG E 116 -4.29 -12.41 5.03
N VAL E 117 -4.71 -13.58 5.52
CA VAL E 117 -5.19 -14.63 4.62
C VAL E 117 -6.41 -14.17 3.75
N SER E 118 -7.36 -13.41 4.28
CA SER E 118 -8.46 -12.92 3.44
C SER E 118 -7.90 -12.10 2.27
N HIS E 119 -6.82 -11.34 2.52
CA HIS E 119 -6.22 -10.44 1.51
C HIS E 119 -5.45 -11.21 0.44
N LEU E 120 -5.04 -12.43 0.81
CA LEU E 120 -4.30 -13.30 -0.10
C LEU E 120 -5.33 -14.03 -0.98
N LEU E 121 -6.60 -13.96 -0.59
CA LEU E 121 -7.71 -14.55 -1.35
C LEU E 121 -8.53 -13.55 -2.18
N ILE E 122 -8.68 -12.32 -1.72
CA ILE E 122 -9.46 -11.30 -2.45
C ILE E 122 -9.01 -9.93 -2.00
N HIS E 123 -9.08 -8.95 -2.90
CA HIS E 123 -8.68 -7.55 -2.61
C HIS E 123 -9.31 -6.99 -1.32
N GLY E 124 -8.52 -6.19 -0.58
CA GLY E 124 -8.95 -5.62 0.68
C GLY E 124 -10.28 -4.84 0.67
N ASP E 125 -10.69 -4.31 -0.50
CA ASP E 125 -11.91 -3.49 -0.58
C ASP E 125 -13.18 -4.35 -0.37
N PHE E 126 -13.03 -5.65 -0.54
CA PHE E 126 -14.16 -6.61 -0.44
C PHE E 126 -14.65 -6.70 1.02
N PRO E 127 -15.99 -6.74 1.25
CA PRO E 127 -16.47 -6.79 2.63
C PRO E 127 -16.41 -8.18 3.28
N ALA E 128 -16.07 -8.21 4.58
CA ALA E 128 -16.29 -9.39 5.39
C ALA E 128 -17.69 -9.22 5.99
N VAL E 129 -18.64 -10.00 5.48
CA VAL E 129 -20.03 -9.85 5.85
C VAL E 129 -20.62 -11.26 6.04
N GLY E 130 -21.45 -11.41 7.07
CA GLY E 130 -22.11 -12.69 7.39
C GLY E 130 -23.34 -12.84 6.53
N ASP E 131 -23.89 -14.04 6.49
CA ASP E 131 -25.17 -14.23 5.84
C ASP E 131 -26.30 -13.63 6.72
N PHE E 132 -27.16 -12.83 6.13
CA PHE E 132 -28.13 -12.09 6.93
C PHE E 132 -29.24 -13.01 7.50
N ASP E 133 -29.55 -14.10 6.81
CA ASP E 133 -30.44 -15.14 7.36
C ASP E 133 -29.85 -15.86 8.60
N VAL E 134 -28.55 -16.16 8.55
CA VAL E 134 -27.88 -16.75 9.70
C VAL E 134 -27.90 -15.76 10.89
N TYR E 135 -27.59 -14.50 10.62
CA TYR E 135 -27.65 -13.44 11.62
C TYR E 135 -29.03 -13.37 12.29
N ASP E 136 -30.06 -13.32 11.44
CA ASP E 136 -31.42 -13.25 11.91
C ASP E 136 -31.77 -14.48 12.76
N THR E 137 -31.39 -15.67 12.30
CA THR E 137 -31.62 -16.90 13.08
C THR E 137 -30.97 -16.86 14.48
N LEU E 138 -29.73 -16.39 14.56
CA LEU E 138 -29.05 -16.23 15.84
C LEU E 138 -29.79 -15.24 16.76
N ASN E 139 -30.16 -14.09 16.22
CA ASN E 139 -30.91 -13.08 16.97
C ASN E 139 -32.26 -13.56 17.51
N LYS E 140 -33.02 -14.26 16.65
CA LYS E 140 -34.30 -14.84 17.04
C LYS E 140 -34.16 -15.89 18.14
N CYS E 141 -33.12 -16.71 18.04
CA CYS E 141 -32.87 -17.72 19.07
C CYS E 141 -32.55 -17.06 20.41
N ALA E 142 -31.75 -16.00 20.38
CA ALA E 142 -31.47 -15.21 21.58
C ALA E 142 -32.77 -14.65 22.20
N GLN E 143 -33.62 -14.03 21.36
CA GLN E 143 -34.85 -13.43 21.84
C GLN E 143 -35.76 -14.44 22.55
N GLU E 144 -35.85 -15.64 22.01
CA GLU E 144 -36.77 -16.62 22.57
C GLU E 144 -36.24 -17.37 23.79
N LEU E 145 -34.93 -17.31 23.99
CA LEU E 145 -34.33 -17.71 25.25
C LEU E 145 -34.22 -16.54 26.24
N ASN E 146 -34.78 -15.39 25.87
CA ASN E 146 -34.75 -14.19 26.70
C ASN E 146 -33.35 -13.78 27.16
N VAL E 147 -32.40 -13.93 26.23
CA VAL E 147 -31.01 -13.59 26.49
C VAL E 147 -30.73 -12.32 25.71
N PRO E 148 -30.56 -11.18 26.42
CA PRO E 148 -30.22 -9.93 25.77
C PRO E 148 -28.87 -10.05 25.06
N VAL E 149 -28.79 -9.48 23.85
CA VAL E 149 -27.54 -9.48 23.08
C VAL E 149 -27.34 -8.09 22.49
N PHE E 150 -26.07 -7.74 22.25
CA PHE E 150 -25.70 -6.62 21.40
C PHE E 150 -25.50 -7.09 19.95
N ASN E 151 -25.60 -6.16 19.01
CA ASN E 151 -25.25 -6.44 17.61
C ASN E 151 -24.24 -5.43 17.13
N GLY E 152 -23.38 -5.84 16.21
CA GLY E 152 -22.51 -4.88 15.55
C GLY E 152 -21.32 -5.53 14.88
N ILE E 153 -20.36 -4.70 14.49
CA ILE E 153 -19.17 -5.14 13.79
C ILE E 153 -18.09 -5.65 14.76
N SER E 154 -17.45 -6.77 14.41
CA SER E 154 -16.27 -7.20 15.13
C SER E 154 -15.00 -6.74 14.41
N VAL E 155 -14.04 -6.20 15.14
CA VAL E 155 -12.66 -6.12 14.58
C VAL E 155 -12.02 -7.50 14.70
N SER E 156 -11.66 -8.13 13.57
CA SER E 156 -10.87 -9.38 13.64
C SER E 156 -9.41 -8.99 13.42
N SER E 157 -8.62 -8.95 14.50
CA SER E 157 -7.23 -8.52 14.44
C SER E 157 -6.28 -9.68 14.74
N ASP E 158 -5.29 -9.85 13.87
CA ASP E 158 -4.21 -10.80 14.07
C ASP E 158 -3.27 -10.44 15.22
N MET E 159 -3.41 -9.26 15.80
CA MET E 159 -2.57 -8.86 16.94
C MET E 159 -3.34 -8.85 18.24
N TYR E 160 -3.02 -9.76 19.14
CA TYR E 160 -3.65 -9.78 20.46
C TYR E 160 -2.87 -8.87 21.43
N TYR E 161 -1.54 -8.97 21.37
CA TYR E 161 -0.65 -8.19 22.24
C TYR E 161 0.03 -7.06 21.44
N PRO E 162 -0.40 -5.82 21.66
CA PRO E 162 0.19 -4.68 20.93
C PRO E 162 1.56 -4.29 21.49
N ASN E 163 2.40 -3.70 20.63
CA ASN E 163 3.63 -3.08 21.06
C ASN E 163 3.52 -1.54 21.11
N LYS E 164 4.62 -0.88 21.46
CA LYS E 164 4.62 0.55 21.66
C LYS E 164 5.19 1.30 20.43
N ILE E 165 5.32 0.63 19.32
CA ILE E 165 5.87 1.20 18.14
C ILE E 165 4.80 1.59 17.14
N ILE E 166 4.08 0.60 16.62
CA ILE E 166 2.90 0.87 15.79
C ILE E 166 1.63 0.89 16.62
N PRO E 167 0.96 2.04 16.64
CA PRO E 167 -0.35 2.16 17.28
C PRO E 167 -1.31 1.06 16.82
N SER E 168 -1.96 0.40 17.78
CA SER E 168 -3.16 -0.37 17.49
C SER E 168 -4.23 0.49 16.84
N ARG E 169 -5.01 -0.10 15.94
CA ARG E 169 -6.10 0.60 15.28
C ARG E 169 -7.41 0.46 16.07
N LEU E 170 -7.34 -0.11 17.28
CA LEU E 170 -8.54 -0.44 18.04
C LEU E 170 -9.31 0.79 18.47
N GLU E 171 -8.61 1.81 18.92
CA GLU E 171 -9.30 3.04 19.32
C GLU E 171 -9.99 3.70 18.10
N ASP E 172 -9.31 3.71 16.94
CA ASP E 172 -9.93 4.18 15.69
C ASP E 172 -11.22 3.42 15.40
N TYR E 173 -11.16 2.10 15.52
CA TYR E 173 -12.33 1.27 15.22
C TYR E 173 -13.46 1.40 16.23
N SER E 174 -13.10 1.62 17.50
CA SER E 174 -14.09 2.00 18.52
C SER E 174 -14.81 3.29 18.12
N LYS E 175 -14.03 4.29 17.69
CA LYS E 175 -14.61 5.58 17.22
C LYS E 175 -15.51 5.33 15.99
N ALA E 176 -15.13 4.34 15.18
CA ALA E 176 -15.91 3.98 13.98
C ALA E 176 -17.17 3.13 14.31
N ASN E 177 -17.40 2.87 15.61
CA ASN E 177 -18.56 2.10 16.12
C ASN E 177 -18.52 0.59 15.98
N ALA E 178 -17.32 0.04 15.73
CA ALA E 178 -17.13 -1.40 15.92
C ALA E 178 -17.45 -1.75 17.41
N ALA E 179 -18.06 -2.92 17.63
CA ALA E 179 -18.58 -3.28 18.96
C ALA E 179 -17.54 -4.02 19.80
N VAL E 180 -16.85 -4.95 19.16
CA VAL E 180 -15.99 -5.90 19.88
C VAL E 180 -14.77 -6.25 19.02
N VAL E 181 -13.84 -7.00 19.60
CA VAL E 181 -12.63 -7.40 18.89
C VAL E 181 -12.41 -8.90 19.16
N GLU E 182 -12.10 -9.66 18.10
CA GLU E 182 -11.60 -11.03 18.25
C GLU E 182 -10.65 -11.30 17.10
N MET E 183 -10.49 -12.57 16.70
CA MET E 183 -9.36 -12.89 15.82
C MET E 183 -9.67 -13.74 14.58
N GLU E 184 -10.92 -14.16 14.39
CA GLU E 184 -11.24 -15.15 13.36
C GLU E 184 -12.46 -14.86 12.47
N LEU E 185 -13.38 -14.05 12.94
CA LEU E 185 -14.67 -13.89 12.27
C LEU E 185 -14.54 -13.36 10.84
N ALA E 186 -13.74 -12.30 10.63
CA ALA E 186 -13.60 -11.78 9.25
C ALA E 186 -13.13 -12.84 8.27
N THR E 187 -12.18 -13.69 8.71
CA THR E 187 -11.63 -14.75 7.88
C THR E 187 -12.73 -15.76 7.50
N LEU E 188 -13.51 -16.19 8.49
CA LEU E 188 -14.69 -17.01 8.26
C LEU E 188 -15.60 -16.38 7.19
N MET E 189 -15.92 -15.09 7.35
CA MET E 189 -16.94 -14.46 6.52
C MET E 189 -16.49 -14.43 5.07
N VAL E 190 -15.23 -14.02 4.86
CA VAL E 190 -14.67 -13.95 3.50
C VAL E 190 -14.58 -15.30 2.80
N ILE E 191 -14.03 -16.30 3.49
CA ILE E 191 -13.99 -17.66 2.94
C ILE E 191 -15.40 -18.14 2.57
N GLY E 192 -16.34 -17.97 3.51
CA GLY E 192 -17.73 -18.31 3.25
C GLY E 192 -18.29 -17.61 1.99
N THR E 193 -18.09 -16.30 1.88
CA THR E 193 -18.61 -15.58 0.66
C THR E 193 -17.97 -16.16 -0.61
N LEU E 194 -16.66 -16.40 -0.56
CA LEU E 194 -15.93 -16.91 -1.73
C LEU E 194 -16.32 -18.35 -2.12
N ARG E 195 -16.65 -19.15 -1.12
CA ARG E 195 -16.97 -20.58 -1.29
C ARG E 195 -18.46 -20.89 -1.22
N LYS E 196 -19.30 -19.85 -1.31
CA LYS E 196 -20.77 -19.98 -1.25
C LYS E 196 -21.26 -20.72 -0.01
N VAL E 197 -20.71 -20.32 1.13
CA VAL E 197 -21.11 -20.89 2.40
C VAL E 197 -21.67 -19.77 3.26
N LYS E 198 -22.79 -20.03 3.92
CA LYS E 198 -23.48 -19.06 4.75
C LYS E 198 -22.83 -19.03 6.13
N THR E 199 -22.41 -17.85 6.61
CA THR E 199 -21.66 -17.76 7.86
C THR E 199 -22.32 -16.80 8.85
N GLY E 200 -21.95 -16.96 10.12
CA GLY E 200 -22.41 -16.07 11.20
C GLY E 200 -21.50 -16.17 12.43
N GLY E 201 -21.71 -15.28 13.40
CA GLY E 201 -20.80 -15.14 14.56
C GLY E 201 -21.59 -14.68 15.78
N ILE E 202 -21.39 -15.38 16.90
CA ILE E 202 -21.92 -15.00 18.22
C ILE E 202 -20.72 -15.06 19.16
N LEU E 203 -20.58 -14.08 20.06
CA LEU E 203 -19.33 -13.89 20.78
C LEU E 203 -19.63 -13.49 22.21
N ILE E 204 -18.88 -14.01 23.17
CA ILE E 204 -19.05 -13.60 24.57
C ILE E 204 -17.86 -12.74 25.02
N VAL E 205 -18.17 -11.62 25.66
CA VAL E 205 -17.12 -10.66 26.07
C VAL E 205 -16.33 -11.18 27.31
N ASP E 206 -15.00 -11.24 27.21
CA ASP E 206 -14.16 -11.64 28.35
C ASP E 206 -13.37 -10.49 29.02
N GLY E 207 -13.56 -9.27 28.51
CA GLY E 207 -12.84 -8.11 29.04
C GLY E 207 -12.81 -6.95 28.05
N CYS E 208 -12.00 -5.94 28.33
CA CYS E 208 -11.83 -4.79 27.45
C CYS E 208 -10.35 -4.50 27.28
N PRO E 209 -9.84 -4.61 26.03
CA PRO E 209 -8.41 -4.41 25.76
C PRO E 209 -7.90 -2.99 26.09
N PHE E 210 -8.80 -2.00 26.17
CA PHE E 210 -8.41 -0.64 26.54
C PHE E 210 -8.04 -0.52 28.01
N LYS E 211 -8.52 -1.47 28.81
CA LYS E 211 -8.41 -1.44 30.26
C LYS E 211 -7.75 -2.71 30.83
N TRP E 212 -7.02 -3.45 30.00
CA TRP E 212 -6.30 -4.63 30.49
C TRP E 212 -5.33 -4.29 31.63
N ASP E 213 -4.70 -3.12 31.56
CA ASP E 213 -3.80 -2.65 32.63
C ASP E 213 -4.52 -2.24 33.93
N GLU E 214 -5.85 -2.23 33.91
CA GLU E 214 -6.65 -1.98 35.11
C GLU E 214 -7.26 -3.28 35.69
N GLY E 215 -6.99 -4.40 35.02
CA GLY E 215 -7.49 -5.71 35.44
C GLY E 215 -8.79 -6.11 34.77
N ASP E 216 -9.15 -5.41 33.69
CA ASP E 216 -10.44 -5.64 33.01
C ASP E 216 -10.34 -6.82 32.04
N PHE E 217 -10.20 -8.01 32.64
CA PHE E 217 -10.02 -9.26 31.92
C PHE E 217 -10.21 -10.45 32.86
N ASP E 218 -10.88 -11.47 32.36
CA ASP E 218 -10.90 -12.79 32.97
C ASP E 218 -11.25 -13.77 31.87
N ASN E 219 -10.34 -14.69 31.56
CA ASN E 219 -10.63 -15.67 30.50
C ASN E 219 -11.36 -16.92 31.03
N ASN E 220 -11.64 -16.92 32.35
CA ASN E 220 -12.81 -17.65 32.86
C ASN E 220 -14.09 -16.93 32.46
N LEU E 221 -14.76 -17.46 31.45
CA LEU E 221 -15.94 -16.82 30.91
C LEU E 221 -17.09 -16.93 31.94
N VAL E 222 -17.91 -15.88 32.05
CA VAL E 222 -19.06 -15.92 32.97
C VAL E 222 -19.91 -17.17 32.65
N PRO E 223 -19.98 -18.13 33.59
CA PRO E 223 -20.52 -19.46 33.30
C PRO E 223 -21.94 -19.47 32.76
N HIS E 224 -22.86 -18.73 33.40
CA HIS E 224 -24.26 -18.70 32.98
CA HIS E 224 -24.26 -18.74 32.94
C HIS E 224 -24.40 -18.04 31.59
N GLN E 225 -23.53 -17.06 31.33
CA GLN E 225 -23.53 -16.38 30.05
C GLN E 225 -22.93 -17.27 28.94
N LEU E 226 -21.89 -18.02 29.27
CA LEU E 226 -21.32 -18.99 28.31
C LEU E 226 -22.35 -20.08 27.96
N GLU E 227 -23.01 -20.60 28.98
CA GLU E 227 -24.16 -21.50 28.79
C GLU E 227 -25.25 -20.90 27.87
N ASN E 228 -25.61 -19.64 28.09
CA ASN E 228 -26.58 -18.95 27.25
C ASN E 228 -26.10 -18.83 25.80
N MET E 229 -24.82 -18.49 25.61
CA MET E 229 -24.29 -18.38 24.25
C MET E 229 -24.34 -19.73 23.54
N ILE E 230 -23.90 -20.77 24.24
CA ILE E 230 -23.94 -22.13 23.70
C ILE E 230 -25.38 -22.58 23.32
N LYS E 231 -26.35 -22.26 24.17
CA LYS E 231 -27.74 -22.62 23.88
C LYS E 231 -28.20 -21.90 22.60
N ILE E 232 -27.84 -20.62 22.49
CA ILE E 232 -28.20 -19.80 21.32
C ILE E 232 -27.58 -20.41 20.06
N ALA E 233 -26.26 -20.66 20.09
CA ALA E 233 -25.52 -21.22 18.93
C ALA E 233 -26.07 -22.62 18.53
N LEU E 234 -26.30 -23.49 19.51
CA LEU E 234 -26.86 -24.82 19.26
C LEU E 234 -28.28 -24.79 18.68
N GLY E 235 -29.14 -23.93 19.23
CA GLY E 235 -30.49 -23.76 18.73
C GLY E 235 -30.47 -23.26 17.28
N ALA E 236 -29.54 -22.36 16.98
CA ALA E 236 -29.46 -21.79 15.63
C ALA E 236 -28.97 -22.86 14.65
N CYS E 237 -27.96 -23.63 15.05
CA CYS E 237 -27.51 -24.75 14.22
C CYS E 237 -28.62 -25.75 13.89
N ALA E 238 -29.42 -26.12 14.86
CA ALA E 238 -30.55 -27.00 14.64
C ALA E 238 -31.60 -26.42 13.73
N LYS E 239 -32.01 -25.20 13.97
CA LYS E 239 -33.02 -24.55 13.17
C LYS E 239 -32.53 -24.48 11.71
N LEU E 240 -31.29 -24.05 11.52
CA LEU E 240 -30.71 -24.01 10.17
C LEU E 240 -30.52 -25.41 9.55
N ALA E 241 -30.23 -26.41 10.38
CA ALA E 241 -30.05 -27.79 9.90
C ALA E 241 -31.33 -28.42 9.34
N THR E 242 -32.58 -28.08 9.88
CA THR E 242 -33.85 -28.60 9.39
C THR E 242 -34.07 -28.24 7.93
N LYS E 243 -33.52 -27.01 7.55
CA LYS E 243 -33.64 -26.50 6.20
C LYS E 243 -32.90 -27.32 5.14
N TYR E 244 -31.94 -28.13 5.57
CA TYR E 244 -31.16 -28.99 4.65
C TYR E 244 -31.60 -30.47 4.70
N ALA E 245 -31.82 -31.05 3.53
CA ALA E 245 -33.17 -31.20 3.00
C ALA E 245 -33.48 -32.67 2.69
N ASN F 3 -27.51 28.76 8.29
CA ASN F 3 -28.86 28.11 8.37
C ASN F 3 -29.01 26.88 7.48
N LEU F 4 -28.67 27.04 6.21
CA LEU F 4 -28.88 26.03 5.20
C LEU F 4 -27.66 25.14 5.04
N LEU F 5 -27.87 23.85 4.88
CA LEU F 5 -26.83 22.95 4.49
C LEU F 5 -26.18 23.41 3.19
N ARG F 6 -24.86 23.24 3.14
CA ARG F 6 -24.05 23.86 2.12
C ARG F 6 -24.41 23.43 0.72
N HIS F 7 -24.64 22.14 0.52
CA HIS F 7 -24.95 21.67 -0.84
C HIS F 7 -26.43 21.31 -1.04
N LEU F 8 -27.10 20.83 0.00
CA LEU F 8 -28.50 20.47 -0.18
C LEU F 8 -29.41 21.68 -0.14
N LYS F 9 -28.95 22.75 0.52
CA LYS F 9 -29.71 23.99 0.68
C LYS F 9 -31.08 23.75 1.33
N ILE F 10 -31.15 22.77 2.23
CA ILE F 10 -32.32 22.63 3.09
C ILE F 10 -31.87 22.84 4.52
N SER F 11 -32.79 23.12 5.42
CA SER F 11 -32.41 23.22 6.84
C SER F 11 -32.44 21.85 7.52
N LYS F 12 -31.79 21.77 8.68
CA LYS F 12 -31.82 20.60 9.57
C LYS F 12 -33.27 20.19 9.85
N GLU F 13 -34.13 21.18 10.07
CA GLU F 13 -35.53 20.97 10.42
C GLU F 13 -36.32 20.26 9.31
N GLN F 14 -35.85 20.40 8.08
CA GLN F 14 -36.51 19.79 6.93
C GLN F 14 -36.11 18.33 6.71
N ILE F 15 -35.08 17.86 7.37
CA ILE F 15 -34.71 16.47 7.26
C ILE F 15 -35.62 15.52 8.02
N THR F 16 -36.13 14.51 7.34
CA THR F 16 -36.97 13.49 7.97
C THR F 16 -36.07 12.37 8.49
N PRO F 17 -36.54 11.57 9.47
CA PRO F 17 -35.77 10.40 9.92
C PRO F 17 -35.41 9.43 8.79
N VAL F 18 -36.32 9.22 7.84
CA VAL F 18 -36.06 8.34 6.69
C VAL F 18 -35.84 9.15 5.41
N VAL F 19 -34.79 8.79 4.67
CA VAL F 19 -34.52 9.42 3.37
C VAL F 19 -34.31 8.37 2.26
N LEU F 20 -34.98 8.54 1.16
CA LEU F 20 -34.66 7.81 -0.02
C LEU F 20 -33.68 8.58 -0.91
N VAL F 21 -32.55 8.00 -1.23
CA VAL F 21 -31.59 8.65 -2.10
C VAL F 21 -31.50 7.95 -3.45
N VAL F 22 -31.32 8.75 -4.49
CA VAL F 22 -31.18 8.26 -5.84
C VAL F 22 -30.06 9.08 -6.53
N GLY F 23 -29.45 8.52 -7.57
CA GLY F 23 -28.38 9.25 -8.26
C GLY F 23 -28.85 10.46 -9.04
N ASP F 24 -29.95 10.29 -9.79
CA ASP F 24 -30.37 11.26 -10.82
C ASP F 24 -31.43 12.23 -10.24
N PRO F 25 -31.15 13.55 -10.26
CA PRO F 25 -32.24 14.48 -9.87
C PRO F 25 -33.51 14.29 -10.70
N GLY F 26 -33.38 13.85 -11.95
CA GLY F 26 -34.55 13.55 -12.80
C GLY F 26 -35.42 12.46 -12.18
N ARG F 27 -34.78 11.51 -11.52
CA ARG F 27 -35.49 10.48 -10.85
C ARG F 27 -36.28 10.91 -9.64
N VAL F 28 -35.81 11.87 -8.89
CA VAL F 28 -36.65 12.46 -7.82
C VAL F 28 -38.00 13.00 -8.36
N ASP F 29 -37.98 13.63 -9.54
CA ASP F 29 -39.22 14.13 -10.18
C ASP F 29 -40.14 12.98 -10.58
N LYS F 30 -39.56 11.86 -10.98
CA LYS F 30 -40.33 10.72 -11.45
C LYS F 30 -40.91 9.94 -10.28
N ILE F 31 -40.23 9.97 -9.15
CA ILE F 31 -40.66 9.27 -7.97
C ILE F 31 -41.77 10.08 -7.27
N LYS F 32 -41.53 11.36 -7.11
CA LYS F 32 -42.44 12.23 -6.39
C LYS F 32 -43.88 12.24 -6.95
N VAL F 33 -44.00 12.26 -8.26
CA VAL F 33 -45.31 12.25 -8.89
C VAL F 33 -46.04 10.95 -8.66
N VAL F 34 -45.29 9.95 -8.27
CA VAL F 34 -45.87 8.64 -8.03
C VAL F 34 -46.39 8.52 -6.59
N CYS F 35 -45.87 9.37 -5.72
CA CYS F 35 -46.30 9.39 -4.32
C CYS F 35 -47.71 9.96 -4.19
N ASP F 36 -48.31 9.77 -3.02
CA ASP F 36 -49.64 10.31 -2.73
C ASP F 36 -49.63 11.84 -2.83
N SER F 37 -48.52 12.45 -2.43
CA SER F 37 -48.34 13.90 -2.61
C SER F 37 -46.87 14.25 -2.34
N TYR F 38 -46.48 15.51 -2.53
CA TYR F 38 -45.05 15.87 -2.33
C TYR F 38 -44.88 17.37 -2.15
N VAL F 39 -43.73 17.78 -1.63
CA VAL F 39 -43.44 19.20 -1.50
C VAL F 39 -41.99 19.37 -1.93
N ASP F 40 -41.79 20.11 -3.02
CA ASP F 40 -40.43 20.41 -3.49
C ASP F 40 -39.75 21.26 -2.42
N LEU F 41 -38.53 20.91 -2.02
CA LEU F 41 -37.78 21.71 -1.05
C LEU F 41 -36.65 22.54 -1.63
N ALA F 42 -35.75 21.90 -2.38
CA ALA F 42 -34.60 22.64 -2.88
C ALA F 42 -34.04 21.92 -4.07
N TYR F 43 -33.24 22.65 -4.84
CA TYR F 43 -32.48 22.07 -5.94
C TYR F 43 -31.23 22.93 -6.15
N ASN F 44 -30.07 22.35 -5.89
CA ASN F 44 -28.81 23.06 -6.04
C ASN F 44 -27.80 22.06 -6.60
N ARG F 45 -27.05 22.46 -7.63
CA ARG F 45 -26.14 21.56 -8.36
C ARG F 45 -26.98 20.32 -8.76
N GLU F 46 -26.50 19.13 -8.48
CA GLU F 46 -27.25 17.93 -8.79
C GLU F 46 -28.09 17.40 -7.64
N TYR F 47 -28.19 18.17 -6.61
CA TYR F 47 -28.88 17.75 -5.38
C TYR F 47 -30.28 18.33 -5.31
N LYS F 48 -31.25 17.53 -5.62
CA LYS F 48 -32.65 17.91 -5.50
C LYS F 48 -33.35 17.25 -4.31
N SER F 49 -34.08 17.98 -3.50
CA SER F 49 -34.66 17.49 -2.26
C SER F 49 -36.18 17.71 -2.30
N VAL F 50 -36.96 16.64 -2.09
CA VAL F 50 -38.44 16.72 -2.18
C VAL F 50 -38.95 15.90 -0.99
N GLU F 51 -39.88 16.45 -0.23
CA GLU F 51 -40.59 15.67 0.79
C GLU F 51 -41.71 14.83 0.16
N CYS F 52 -41.64 13.52 0.33
CA CYS F 52 -42.63 12.62 -0.24
C CYS F 52 -43.60 12.16 0.84
N HIS F 53 -44.88 12.00 0.46
CA HIS F 53 -45.89 11.39 1.33
C HIS F 53 -46.42 10.11 0.69
N TYR F 54 -46.29 9.02 1.42
CA TYR F 54 -46.66 7.72 0.89
C TYR F 54 -47.20 6.86 2.01
N LYS F 55 -48.36 6.25 1.76
CA LYS F 55 -49.02 5.36 2.71
C LYS F 55 -49.04 5.94 4.13
N GLY F 56 -49.31 7.24 4.23
CA GLY F 56 -49.52 7.93 5.51
C GLY F 56 -48.25 8.35 6.23
N GLN F 57 -47.11 8.14 5.57
CA GLN F 57 -45.80 8.45 6.15
C GLN F 57 -45.11 9.49 5.27
N LYS F 58 -44.13 10.18 5.84
CA LYS F 58 -43.33 11.13 5.09
C LYS F 58 -41.84 10.86 5.19
N PHE F 59 -41.15 11.14 4.10
CA PHE F 59 -39.70 10.90 4.01
C PHE F 59 -39.17 11.71 2.81
N LEU F 60 -37.96 12.22 2.92
CA LEU F 60 -37.37 12.91 1.76
C LEU F 60 -36.95 11.93 0.68
N CYS F 61 -37.05 12.41 -0.57
CA CYS F 61 -36.32 11.84 -1.67
C CYS F 61 -35.31 12.88 -2.15
N VAL F 62 -34.02 12.48 -2.20
CA VAL F 62 -32.90 13.40 -2.44
C VAL F 62 -31.94 12.78 -3.45
N SER F 63 -31.52 13.52 -4.48
CA SER F 63 -30.55 13.00 -5.40
C SER F 63 -29.13 13.28 -4.92
N HIS F 64 -28.21 12.35 -5.21
CA HIS F 64 -26.82 12.41 -4.72
C HIS F 64 -25.78 12.53 -5.82
N GLY F 65 -26.20 12.46 -7.09
CA GLY F 65 -25.26 12.55 -8.20
C GLY F 65 -24.54 11.25 -8.50
N VAL F 66 -23.80 11.25 -9.59
CA VAL F 66 -22.93 10.15 -9.95
C VAL F 66 -21.64 10.24 -9.12
N GLY F 67 -21.32 9.18 -8.40
CA GLY F 67 -19.93 8.95 -7.99
C GLY F 67 -19.75 9.15 -6.51
N SER F 68 -18.80 8.42 -5.94
CA SER F 68 -18.64 8.40 -4.49
C SER F 68 -18.35 9.75 -3.83
N ALA F 69 -17.43 10.55 -4.36
CA ALA F 69 -17.08 11.81 -3.68
C ALA F 69 -18.26 12.80 -3.65
N GLY F 70 -19.02 12.85 -4.74
CA GLY F 70 -20.21 13.73 -4.86
C GLY F 70 -21.32 13.24 -3.93
N CYS F 71 -21.56 11.93 -3.89
CA CYS F 71 -22.62 11.44 -3.02
C CYS F 71 -22.23 11.54 -1.54
N ALA F 72 -20.94 11.53 -1.23
CA ALA F 72 -20.49 11.62 0.19
C ALA F 72 -20.85 12.98 0.77
N VAL F 73 -20.75 14.02 -0.06
CA VAL F 73 -21.16 15.36 0.33
C VAL F 73 -22.65 15.36 0.73
N CYS F 74 -23.49 14.79 -0.13
CA CYS F 74 -24.91 14.63 0.17
C CYS F 74 -25.17 13.80 1.46
N PHE F 75 -24.54 12.63 1.53
CA PHE F 75 -24.75 11.72 2.66
C PHE F 75 -24.27 12.33 3.99
N GLU F 76 -23.10 12.96 4.00
CA GLU F 76 -22.62 13.63 5.22
C GLU F 76 -23.61 14.67 5.68
N GLU F 77 -24.09 15.49 4.75
CA GLU F 77 -25.08 16.52 5.13
C GLU F 77 -26.36 15.95 5.71
N LEU F 78 -26.83 14.84 5.16
CA LEU F 78 -28.03 14.17 5.74
C LEU F 78 -27.70 13.53 7.09
N CYS F 79 -26.58 12.79 7.14
CA CYS F 79 -26.27 12.03 8.36
C CYS F 79 -25.89 12.91 9.56
N GLN F 80 -25.33 14.07 9.29
CA GLN F 80 -24.87 14.96 10.36
C GLN F 80 -25.99 15.88 10.79
N ASN F 81 -27.13 15.84 10.12
CA ASN F 81 -28.24 16.76 10.40
C ASN F 81 -29.59 16.11 10.66
N GLY F 82 -29.56 14.81 10.94
CA GLY F 82 -30.70 14.15 11.53
C GLY F 82 -31.35 13.01 10.78
N ALA F 83 -30.82 12.65 9.60
CA ALA F 83 -31.32 11.43 8.93
C ALA F 83 -31.01 10.22 9.82
N LYS F 84 -31.93 9.27 9.86
CA LYS F 84 -31.70 8.12 10.73
C LYS F 84 -31.64 6.84 9.93
N VAL F 85 -32.28 6.84 8.76
CA VAL F 85 -32.36 5.69 7.86
C VAL F 85 -32.23 6.22 6.44
N ILE F 86 -31.33 5.63 5.66
CA ILE F 86 -31.16 6.01 4.23
C ILE F 86 -31.15 4.79 3.33
N ILE F 87 -32.11 4.75 2.41
CA ILE F 87 -32.11 3.74 1.37
C ILE F 87 -31.69 4.35 0.03
N ARG F 88 -30.66 3.78 -0.59
CA ARG F 88 -30.30 4.13 -1.96
C ARG F 88 -31.10 3.25 -2.93
N ALA F 89 -31.81 3.88 -3.88
CA ALA F 89 -32.37 3.12 -4.98
C ALA F 89 -31.68 3.60 -6.25
N GLY F 90 -31.14 2.68 -7.03
CA GLY F 90 -30.28 3.04 -8.15
C GLY F 90 -30.27 1.98 -9.23
N SER F 91 -29.35 2.14 -10.18
CA SER F 91 -29.14 1.18 -11.26
C SER F 91 -27.75 0.55 -11.13
N CYS F 92 -27.55 -0.57 -11.82
CA CYS F 92 -26.31 -1.34 -11.64
C CYS F 92 -26.06 -2.22 -12.87
N GLY F 93 -24.83 -2.69 -13.02
CA GLY F 93 -24.58 -3.73 -13.99
C GLY F 93 -24.56 -5.12 -13.35
N SER F 94 -24.88 -6.15 -14.13
CA SER F 94 -24.77 -7.52 -13.64
C SER F 94 -23.34 -8.02 -13.70
N LEU F 95 -22.89 -8.61 -12.58
CA LEU F 95 -21.62 -9.35 -12.58
C LEU F 95 -21.81 -10.87 -12.69
N GLN F 96 -23.07 -11.28 -12.82
CA GLN F 96 -23.42 -12.71 -12.95
C GLN F 96 -24.42 -12.87 -14.14
N PRO F 97 -23.92 -12.66 -15.37
CA PRO F 97 -24.82 -12.54 -16.53
C PRO F 97 -25.59 -13.83 -16.87
N ASP F 98 -25.10 -15.00 -16.46
CA ASP F 98 -25.86 -16.25 -16.66
C ASP F 98 -27.08 -16.32 -15.73
N LEU F 99 -27.05 -15.51 -14.67
CA LEU F 99 -28.03 -15.59 -13.59
C LEU F 99 -28.87 -14.31 -13.46
N ILE F 100 -28.23 -13.15 -13.49
CA ILE F 100 -28.87 -11.87 -13.20
C ILE F 100 -28.88 -11.05 -14.49
N LYS F 101 -30.07 -10.72 -14.96
CA LYS F 101 -30.28 -10.22 -16.31
C LYS F 101 -30.75 -8.76 -16.29
N ARG F 102 -30.69 -8.10 -17.45
CA ARG F 102 -31.24 -6.76 -17.60
C ARG F 102 -32.65 -6.71 -17.06
N GLY F 103 -32.93 -5.68 -16.28
CA GLY F 103 -34.22 -5.53 -15.64
C GLY F 103 -34.36 -6.19 -14.27
N ASP F 104 -33.50 -7.15 -13.95
CA ASP F 104 -33.58 -7.86 -12.66
C ASP F 104 -33.31 -6.91 -11.49
N ILE F 105 -33.88 -7.25 -10.33
CA ILE F 105 -33.73 -6.37 -9.17
C ILE F 105 -32.89 -7.04 -8.09
N CYS F 106 -31.91 -6.31 -7.57
CA CYS F 106 -31.03 -6.83 -6.54
C CYS F 106 -31.05 -5.95 -5.29
N ILE F 107 -31.31 -6.56 -4.15
CA ILE F 107 -31.28 -5.88 -2.87
C ILE F 107 -29.95 -6.25 -2.16
N CYS F 108 -29.12 -5.27 -1.80
CA CYS F 108 -27.73 -5.54 -1.38
C CYS F 108 -27.50 -5.26 0.09
N ASN F 109 -26.82 -6.18 0.77
CA ASN F 109 -26.48 -6.03 2.19
C ASN F 109 -25.03 -5.54 2.51
N ALA F 110 -24.16 -5.49 1.50
CA ALA F 110 -22.77 -5.10 1.68
C ALA F 110 -22.19 -4.66 0.34
N ALA F 111 -21.03 -4.01 0.37
CA ALA F 111 -20.42 -3.48 -0.86
C ALA F 111 -18.90 -3.50 -0.85
N VAL F 112 -18.30 -3.61 -2.00
CA VAL F 112 -16.89 -3.43 -2.21
C VAL F 112 -16.50 -1.95 -2.21
N ARG F 113 -15.55 -1.60 -1.34
CA ARG F 113 -15.14 -0.19 -1.21
C ARG F 113 -14.11 0.24 -2.26
N GLU F 114 -14.50 0.17 -3.53
CA GLU F 114 -13.59 0.68 -4.58
C GLU F 114 -13.80 2.20 -4.84
N ASP F 115 -13.73 2.98 -3.76
CA ASP F 115 -13.78 4.44 -3.82
C ASP F 115 -12.51 5.01 -3.16
N ARG F 116 -12.47 6.32 -2.93
CA ARG F 116 -11.38 6.91 -2.08
C ARG F 116 -11.94 7.49 -0.79
N VAL F 117 -13.10 8.15 -0.87
CA VAL F 117 -13.62 8.90 0.29
C VAL F 117 -13.84 7.97 1.52
N SER F 118 -14.35 6.74 1.33
CA SER F 118 -14.54 5.86 2.52
C SER F 118 -13.17 5.65 3.20
N HIS F 119 -12.12 5.53 2.37
CA HIS F 119 -10.77 5.29 2.88
C HIS F 119 -10.15 6.51 3.56
N LEU F 120 -10.63 7.70 3.21
CA LEU F 120 -10.15 8.92 3.84
C LEU F 120 -10.86 9.10 5.19
N LEU F 121 -11.92 8.31 5.42
CA LEU F 121 -12.68 8.33 6.71
C LEU F 121 -12.29 7.21 7.67
N ILE F 122 -11.96 6.03 7.12
CA ILE F 122 -11.68 4.85 7.95
C ILE F 122 -10.84 3.86 7.17
N HIS F 123 -10.01 3.10 7.88
CA HIS F 123 -9.09 2.12 7.27
C HIS F 123 -9.82 1.18 6.32
N GLY F 124 -9.18 0.83 5.21
CA GLY F 124 -9.76 -0.07 4.20
C GLY F 124 -10.25 -1.43 4.69
N ASP F 125 -9.70 -1.93 5.81
CA ASP F 125 -10.13 -3.23 6.33
C ASP F 125 -11.58 -3.22 6.85
N PHE F 126 -12.12 -2.02 7.15
CA PHE F 126 -13.48 -1.88 7.74
C PHE F 126 -14.54 -2.25 6.68
N PRO F 127 -15.58 -3.03 7.05
CA PRO F 127 -16.57 -3.45 6.04
C PRO F 127 -17.57 -2.33 5.63
N ALA F 128 -17.95 -2.28 4.35
CA ALA F 128 -19.12 -1.58 3.92
C ALA F 128 -20.30 -2.54 4.02
N VAL F 129 -21.12 -2.35 5.04
CA VAL F 129 -22.21 -3.25 5.35
C VAL F 129 -23.48 -2.43 5.64
N GLY F 130 -24.62 -2.91 5.17
CA GLY F 130 -25.87 -2.22 5.43
C GLY F 130 -26.49 -2.68 6.75
N ASP F 131 -27.51 -1.97 7.18
CA ASP F 131 -28.30 -2.36 8.34
C ASP F 131 -29.25 -3.55 8.03
N PHE F 132 -29.33 -4.52 8.95
CA PHE F 132 -30.27 -5.67 8.83
C PHE F 132 -31.71 -5.33 8.64
N ASP F 133 -32.27 -4.45 9.48
CA ASP F 133 -33.68 -4.13 9.39
C ASP F 133 -33.99 -3.54 8.03
N VAL F 134 -33.08 -2.74 7.50
CA VAL F 134 -33.34 -2.13 6.22
C VAL F 134 -33.40 -3.19 5.11
N TYR F 135 -32.36 -4.01 5.03
CA TYR F 135 -32.32 -5.15 4.13
C TYR F 135 -33.58 -6.03 4.21
N ASP F 136 -33.93 -6.43 5.43
CA ASP F 136 -35.09 -7.28 5.70
C ASP F 136 -36.39 -6.60 5.27
N THR F 137 -36.50 -5.29 5.49
CA THR F 137 -37.70 -4.53 5.12
C THR F 137 -37.87 -4.49 3.59
N LEU F 138 -36.76 -4.20 2.90
CA LEU F 138 -36.73 -4.24 1.45
C LEU F 138 -37.17 -5.60 0.91
N ASN F 139 -36.53 -6.66 1.39
CA ASN F 139 -36.89 -8.02 0.98
C ASN F 139 -38.36 -8.33 1.23
N LYS F 140 -38.88 -7.88 2.37
CA LYS F 140 -40.22 -8.23 2.79
C LYS F 140 -41.28 -7.53 1.94
N CYS F 141 -40.99 -6.28 1.56
CA CYS F 141 -41.86 -5.55 0.65
C CYS F 141 -41.86 -6.17 -0.74
N ALA F 142 -40.70 -6.68 -1.15
CA ALA F 142 -40.58 -7.33 -2.45
C ALA F 142 -41.46 -8.57 -2.53
N GLN F 143 -41.34 -9.44 -1.54
CA GLN F 143 -42.19 -10.63 -1.45
C GLN F 143 -43.66 -10.25 -1.31
N GLU F 144 -43.93 -9.21 -0.52
CA GLU F 144 -45.28 -8.72 -0.33
C GLU F 144 -45.95 -8.39 -1.67
N LEU F 145 -45.14 -7.92 -2.61
CA LEU F 145 -45.66 -7.40 -3.87
C LEU F 145 -45.47 -8.41 -4.96
N ASN F 146 -45.03 -9.56 -4.53
CA ASN F 146 -44.61 -10.67 -5.40
C ASN F 146 -43.71 -10.27 -6.56
N VAL F 147 -42.62 -9.60 -6.22
CA VAL F 147 -41.59 -9.21 -7.18
C VAL F 147 -40.35 -10.04 -6.83
N PRO F 148 -39.95 -10.96 -7.74
CA PRO F 148 -38.71 -11.69 -7.50
C PRO F 148 -37.53 -10.70 -7.39
N VAL F 149 -36.65 -10.92 -6.43
CA VAL F 149 -35.39 -10.20 -6.33
C VAL F 149 -34.18 -11.09 -6.07
N PHE F 150 -33.02 -10.60 -6.45
CA PHE F 150 -31.77 -11.19 -6.07
C PHE F 150 -31.22 -10.47 -4.85
N ASN F 151 -30.32 -11.15 -4.12
CA ASN F 151 -29.59 -10.55 -3.00
C ASN F 151 -28.12 -10.83 -3.16
N GLY F 152 -27.29 -9.83 -2.85
CA GLY F 152 -25.84 -10.02 -2.80
C GLY F 152 -25.06 -8.75 -2.58
N ILE F 153 -23.76 -8.84 -2.83
CA ILE F 153 -22.81 -7.77 -2.65
C ILE F 153 -22.75 -6.96 -3.95
N SER F 154 -22.72 -5.63 -3.82
CA SER F 154 -22.40 -4.74 -4.93
C SER F 154 -20.93 -4.40 -4.90
N VAL F 155 -20.25 -4.42 -6.02
CA VAL F 155 -19.05 -3.62 -6.20
C VAL F 155 -19.37 -2.14 -6.41
N SER F 156 -18.94 -1.26 -5.52
CA SER F 156 -19.08 0.19 -5.78
C SER F 156 -17.74 0.70 -6.27
N SER F 157 -17.62 0.84 -7.58
CA SER F 157 -16.37 1.25 -8.20
C SER F 157 -16.41 2.70 -8.74
N ASP F 158 -15.38 3.49 -8.41
CA ASP F 158 -15.25 4.83 -8.97
C ASP F 158 -14.95 4.86 -10.47
N MET F 159 -14.73 3.71 -11.10
CA MET F 159 -14.39 3.68 -12.51
C MET F 159 -15.49 3.02 -13.34
N TYR F 160 -16.13 3.82 -14.16
CA TYR F 160 -17.21 3.31 -15.02
C TYR F 160 -16.61 2.83 -16.33
N TYR F 161 -15.67 3.60 -16.88
CA TYR F 161 -15.02 3.28 -18.16
C TYR F 161 -13.55 2.83 -17.92
N PRO F 162 -13.28 1.50 -18.03
CA PRO F 162 -11.92 0.99 -17.84
C PRO F 162 -11.00 1.28 -19.01
N ASN F 163 -9.70 1.33 -18.72
CA ASN F 163 -8.73 1.46 -19.77
C ASN F 163 -7.96 0.15 -19.96
N LYS F 164 -7.02 0.14 -20.90
CA LYS F 164 -6.33 -1.08 -21.25
C LYS F 164 -4.98 -1.21 -20.53
N ILE F 165 -4.73 -0.41 -19.49
CA ILE F 165 -3.44 -0.43 -18.80
C ILE F 165 -3.51 -1.21 -17.48
N ILE F 166 -4.40 -0.79 -16.59
CA ILE F 166 -4.63 -1.47 -15.33
C ILE F 166 -5.94 -2.22 -15.46
N PRO F 167 -5.90 -3.56 -15.30
CA PRO F 167 -7.11 -4.36 -15.37
C PRO F 167 -8.16 -3.92 -14.35
N SER F 168 -9.40 -3.85 -14.81
CA SER F 168 -10.54 -3.73 -13.94
C SER F 168 -10.57 -4.95 -13.01
N ARG F 169 -10.94 -4.76 -11.74
CA ARG F 169 -11.13 -5.88 -10.79
C ARG F 169 -12.49 -6.54 -10.88
N LEU F 170 -13.35 -6.12 -11.82
CA LEU F 170 -14.72 -6.65 -11.89
C LEU F 170 -14.78 -8.16 -12.11
N GLU F 171 -13.92 -8.69 -13.00
CA GLU F 171 -13.87 -10.13 -13.18
C GLU F 171 -13.45 -10.87 -11.89
N ASP F 172 -12.41 -10.39 -11.21
CA ASP F 172 -12.07 -10.90 -9.86
C ASP F 172 -13.27 -10.94 -8.92
N TYR F 173 -13.99 -9.82 -8.84
CA TYR F 173 -15.15 -9.73 -7.94
C TYR F 173 -16.36 -10.59 -8.36
N SER F 174 -16.53 -10.79 -9.67
CA SER F 174 -17.47 -11.79 -10.19
C SER F 174 -17.12 -13.19 -9.67
N LYS F 175 -15.82 -13.53 -9.74
CA LYS F 175 -15.34 -14.83 -9.25
C LYS F 175 -15.57 -14.95 -7.74
N ALA F 176 -15.47 -13.81 -7.05
CA ALA F 176 -15.68 -13.72 -5.60
C ALA F 176 -17.17 -13.73 -5.20
N ASN F 177 -18.07 -13.80 -6.20
CA ASN F 177 -19.52 -13.92 -6.04
C ASN F 177 -20.25 -12.61 -5.74
N ALA F 178 -19.61 -11.46 -6.00
CA ALA F 178 -20.35 -10.18 -6.00
C ALA F 178 -21.38 -10.26 -7.12
N ALA F 179 -22.59 -9.77 -6.82
CA ALA F 179 -23.75 -9.86 -7.70
C ALA F 179 -23.73 -8.81 -8.81
N VAL F 180 -23.42 -7.59 -8.44
CA VAL F 180 -23.68 -6.44 -9.29
C VAL F 180 -22.61 -5.35 -9.08
N VAL F 181 -22.59 -4.35 -9.96
CA VAL F 181 -21.65 -3.22 -9.87
C VAL F 181 -22.40 -1.88 -9.99
N GLU F 182 -22.14 -0.95 -9.10
CA GLU F 182 -22.59 0.45 -9.29
C GLU F 182 -21.55 1.40 -8.67
N MET F 183 -21.94 2.59 -8.20
CA MET F 183 -20.91 3.61 -7.91
C MET F 183 -20.96 4.34 -6.56
N GLU F 184 -21.96 4.04 -5.73
CA GLU F 184 -22.20 4.87 -4.54
C GLU F 184 -22.50 4.09 -3.25
N LEU F 185 -22.93 2.83 -3.37
CA LEU F 185 -23.50 2.16 -2.21
C LEU F 185 -22.51 1.96 -1.03
N ALA F 186 -21.27 1.55 -1.34
CA ALA F 186 -20.25 1.35 -0.29
C ALA F 186 -20.00 2.63 0.48
N THR F 187 -19.96 3.76 -0.24
CA THR F 187 -19.77 5.06 0.37
C THR F 187 -20.94 5.40 1.36
N LEU F 188 -22.18 5.19 0.91
CA LEU F 188 -23.33 5.29 1.80
C LEU F 188 -23.18 4.39 3.04
N MET F 189 -22.81 3.13 2.83
CA MET F 189 -22.77 2.17 3.94
C MET F 189 -21.75 2.55 5.02
N VAL F 190 -20.53 2.87 4.58
CA VAL F 190 -19.50 3.30 5.51
C VAL F 190 -19.85 4.58 6.29
N ILE F 191 -20.28 5.62 5.56
CA ILE F 191 -20.72 6.88 6.22
C ILE F 191 -21.83 6.64 7.22
N GLY F 192 -22.78 5.77 6.84
CA GLY F 192 -23.89 5.36 7.72
C GLY F 192 -23.37 4.71 9.00
N THR F 193 -22.45 3.75 8.85
CA THR F 193 -21.92 3.06 10.01
C THR F 193 -21.18 4.07 10.93
N LEU F 194 -20.36 4.93 10.33
CA LEU F 194 -19.61 5.92 11.10
C LEU F 194 -20.49 6.94 11.82
N ARG F 195 -21.62 7.22 11.23
CA ARG F 195 -22.51 8.22 11.74
C ARG F 195 -23.74 7.66 12.48
N LYS F 196 -23.77 6.36 12.74
CA LYS F 196 -24.93 5.70 13.37
C LYS F 196 -26.21 5.94 12.57
N VAL F 197 -26.11 5.77 11.25
CA VAL F 197 -27.30 5.87 10.40
C VAL F 197 -27.49 4.52 9.71
N LYS F 198 -28.74 4.09 9.65
CA LYS F 198 -29.12 2.78 9.11
C LYS F 198 -29.24 2.86 7.60
N THR F 199 -28.54 2.00 6.85
CA THR F 199 -28.54 2.10 5.39
C THR F 199 -28.91 0.81 4.66
N GLY F 200 -29.25 0.97 3.38
CA GLY F 200 -29.51 -0.17 2.50
C GLY F 200 -29.57 0.26 1.05
N GLY F 201 -29.67 -0.71 0.16
CA GLY F 201 -29.56 -0.47 -1.27
C GLY F 201 -30.48 -1.42 -2.03
N ILE F 202 -31.19 -0.86 -2.99
CA ILE F 202 -31.93 -1.63 -3.98
C ILE F 202 -31.62 -1.20 -5.40
N LEU F 203 -31.33 -2.13 -6.27
CA LEU F 203 -30.79 -1.74 -7.59
C LEU F 203 -31.44 -2.47 -8.74
N ILE F 204 -31.63 -1.78 -9.86
CA ILE F 204 -32.16 -2.42 -11.08
C ILE F 204 -31.02 -2.57 -12.10
N VAL F 205 -30.90 -3.75 -12.74
CA VAL F 205 -29.81 -4.06 -13.67
C VAL F 205 -30.10 -3.42 -15.03
N ASP F 206 -29.15 -2.62 -15.52
CA ASP F 206 -29.29 -1.94 -16.83
C ASP F 206 -28.40 -2.53 -17.94
N GLY F 207 -27.54 -3.47 -17.57
CA GLY F 207 -26.71 -4.16 -18.53
C GLY F 207 -25.66 -5.03 -17.84
N CYS F 208 -24.67 -5.49 -18.60
CA CYS F 208 -23.55 -6.23 -18.03
C CYS F 208 -22.25 -5.67 -18.59
N PRO F 209 -21.40 -5.13 -17.72
CA PRO F 209 -20.13 -4.53 -18.16
C PRO F 209 -19.20 -5.50 -18.89
N PHE F 210 -19.34 -6.81 -18.66
CA PHE F 210 -18.56 -7.79 -19.43
C PHE F 210 -18.96 -7.90 -20.90
N LYS F 211 -20.15 -7.37 -21.22
CA LYS F 211 -20.75 -7.56 -22.54
C LYS F 211 -21.17 -6.24 -23.22
N TRP F 212 -20.70 -5.10 -22.73
CA TRP F 212 -20.96 -3.81 -23.36
C TRP F 212 -20.52 -3.80 -24.82
N ASP F 213 -19.35 -4.40 -25.10
CA ASP F 213 -18.85 -4.54 -26.48
C ASP F 213 -19.67 -5.48 -27.37
N GLU F 214 -20.76 -6.02 -26.84
CA GLU F 214 -21.70 -6.81 -27.65
C GLU F 214 -23.18 -6.45 -27.39
N GLY F 215 -23.40 -5.23 -26.92
CA GLY F 215 -24.75 -4.65 -26.88
C GLY F 215 -25.55 -4.87 -25.59
N ASP F 216 -24.92 -5.47 -24.57
CA ASP F 216 -25.61 -5.79 -23.30
C ASP F 216 -25.70 -4.55 -22.42
N PHE F 217 -26.52 -3.59 -22.89
CA PHE F 217 -26.72 -2.33 -22.21
C PHE F 217 -27.87 -1.57 -22.85
N ASP F 218 -28.60 -0.85 -22.00
CA ASP F 218 -29.70 0.01 -22.41
C ASP F 218 -29.93 1.04 -21.31
N ASN F 219 -29.81 2.32 -21.67
CA ASN F 219 -30.10 3.44 -20.76
C ASN F 219 -31.59 3.61 -20.40
N ASN F 220 -32.46 2.92 -21.14
CA ASN F 220 -33.85 2.83 -20.72
C ASN F 220 -33.99 1.65 -19.80
N LEU F 221 -34.33 1.94 -18.55
CA LEU F 221 -34.55 0.91 -17.56
C LEU F 221 -35.90 0.28 -17.87
N VAL F 222 -35.95 -1.06 -17.83
CA VAL F 222 -37.18 -1.82 -18.08
C VAL F 222 -38.32 -1.24 -17.22
N PRO F 223 -39.31 -0.56 -17.87
CA PRO F 223 -40.28 0.35 -17.24
C PRO F 223 -41.06 -0.27 -16.09
N HIS F 224 -41.44 -1.53 -16.25
CA HIS F 224 -42.31 -2.22 -15.28
CA HIS F 224 -42.31 -2.26 -15.31
C HIS F 224 -41.50 -2.75 -14.11
N GLN F 225 -40.27 -3.18 -14.41
CA GLN F 225 -39.35 -3.59 -13.39
C GLN F 225 -38.90 -2.37 -12.60
N LEU F 226 -38.76 -1.25 -13.26
CA LEU F 226 -38.43 -0.03 -12.60
C LEU F 226 -39.56 0.43 -11.73
N GLU F 227 -40.78 0.40 -12.24
CA GLU F 227 -41.96 0.68 -11.44
C GLU F 227 -42.02 -0.18 -10.18
N ASN F 228 -41.72 -1.48 -10.34
CA ASN F 228 -41.67 -2.42 -9.22
C ASN F 228 -40.56 -2.05 -8.23
N MET F 229 -39.37 -1.80 -8.71
CA MET F 229 -38.34 -1.38 -7.78
C MET F 229 -38.71 -0.21 -6.92
N ILE F 230 -39.30 0.80 -7.51
CA ILE F 230 -39.69 2.03 -6.81
C ILE F 230 -40.84 1.78 -5.83
N LYS F 231 -41.77 0.91 -6.23
CA LYS F 231 -42.86 0.50 -5.35
C LYS F 231 -42.24 -0.19 -4.12
N ILE F 232 -41.26 -1.06 -4.35
CA ILE F 232 -40.57 -1.72 -3.23
C ILE F 232 -39.92 -0.67 -2.32
N ALA F 233 -39.18 0.25 -2.94
CA ALA F 233 -38.39 1.27 -2.22
C ALA F 233 -39.27 2.22 -1.39
N LEU F 234 -40.37 2.71 -1.99
CA LEU F 234 -41.29 3.63 -1.32
C LEU F 234 -42.02 2.92 -0.16
N GLY F 235 -42.52 1.74 -0.42
CA GLY F 235 -43.13 0.91 0.61
C GLY F 235 -42.20 0.68 1.80
N ALA F 236 -40.95 0.32 1.51
CA ALA F 236 -39.94 0.16 2.57
C ALA F 236 -39.69 1.43 3.37
N CYS F 237 -39.53 2.58 2.67
CA CYS F 237 -39.37 3.87 3.34
C CYS F 237 -40.53 4.18 4.29
N ALA F 238 -41.75 3.85 3.86
CA ALA F 238 -42.95 4.03 4.69
C ALA F 238 -42.93 3.12 5.91
N LYS F 239 -42.61 1.84 5.71
CA LYS F 239 -42.52 0.89 6.81
C LYS F 239 -41.48 1.33 7.84
N LEU F 240 -40.32 1.77 7.35
CA LEU F 240 -39.22 2.17 8.23
C LEU F 240 -39.52 3.47 8.95
N ALA F 241 -40.26 4.39 8.31
CA ALA F 241 -40.68 5.62 8.98
C ALA F 241 -41.61 5.36 10.18
N THR F 242 -42.35 4.25 10.11
CA THR F 242 -43.21 3.73 11.20
C THR F 242 -42.37 2.87 12.16
N LYS F 243 -41.53 1.99 11.59
CA LYS F 243 -40.64 1.14 12.38
C LYS F 243 -39.75 2.04 13.23
N TYR F 244 -39.18 3.06 12.59
CA TYR F 244 -38.45 4.13 13.28
C TYR F 244 -39.37 4.82 14.32
N ALA F 245 -40.56 5.24 13.89
CA ALA F 245 -41.43 6.12 14.69
C ALA F 245 -41.31 5.97 16.22
N1 HPA G . 22.46 8.32 7.88
C2 HPA G . 22.43 7.77 6.61
N3 HPA G . 23.63 7.42 6.00
C4 HPA G . 24.79 7.63 6.72
C5 HPA G . 24.79 8.20 8.01
C6 HPA G . 23.64 8.54 8.59
O6 HPA G . 23.72 9.02 9.74
N7 HPA G . 26.06 8.32 8.48
C8 HPA G . 26.84 7.84 7.48
N9 HPA G . 26.08 7.43 6.44
O2 R1X H . 25.41 4.67 3.23
C2 R1X H . 25.69 6.03 3.49
C3 R1X H . 25.90 6.97 2.25
O3 R1X H . 26.51 6.40 1.02
C1 R1X H . 26.93 6.15 4.43
O4 R1X H . 27.52 7.39 3.96
C4 R1X H . 26.88 8.00 2.83
C5 R1X H . 26.20 9.31 3.24
O5 R1X H . 27.12 10.33 3.66
AS ART I . 29.69 5.06 2.42
O1 ART I . 28.42 4.34 3.68
O2 ART I . 30.63 6.34 3.45
O3 ART I . 28.87 5.96 0.91
O4 ART I . 30.71 3.61 1.77
C FMT J . 17.44 -9.12 -9.31
O1 FMT J . 18.59 -8.67 -9.25
O2 FMT J . 17.14 -10.16 -9.90
C FMT K . 32.45 -22.26 -4.83
O1 FMT K . 31.40 -22.08 -4.20
O2 FMT K . 32.54 -22.73 -5.97
C FMT L . 6.54 3.56 -2.52
O1 FMT L . 7.57 4.15 -2.82
O2 FMT L . 5.78 3.13 -3.39
C FMT M . 15.24 11.46 12.47
O1 FMT M . 15.78 12.57 12.46
O2 FMT M . 14.49 11.09 13.39
C FMT N . 21.49 -14.89 1.51
O1 FMT N . 20.53 -14.89 0.72
O2 FMT N . 21.49 -15.35 2.67
C FMT O . 25.09 -6.80 -17.53
O1 FMT O . 23.95 -7.05 -17.11
O2 FMT O . 25.95 -6.19 -16.90
C FMT P . 16.55 0.92 22.33
O1 FMT P . 15.66 0.24 21.81
O2 FMT P . 16.82 2.09 22.04
NA NA Q . 25.01 7.84 -6.64
N1 HPA R . 16.81 3.73 -18.43
C2 HPA R . 17.03 4.40 -17.22
N3 HPA R . 17.93 5.44 -17.15
C4 HPA R . 18.59 5.81 -18.31
C5 HPA R . 18.37 5.13 -19.52
C6 HPA R . 17.47 4.09 -19.59
O6 HPA R . 17.23 3.59 -20.72
N7 HPA R . 19.17 5.66 -20.49
C8 HPA R . 19.85 6.66 -19.89
N9 HPA R . 19.51 6.75 -18.58
O2 R1X S . 19.11 9.20 -15.09
C2 R1X S . 19.92 8.18 -15.65
C3 R1X S . 21.13 7.69 -14.77
O3 R1X S . 21.81 8.65 -13.88
C1 R1X S . 20.45 8.60 -17.04
O4 R1X S . 21.74 7.93 -17.07
C4 R1X S . 22.11 7.25 -15.87
C5 R1X S . 22.13 5.74 -16.09
O5 R1X S . 23.15 5.31 -17.02
AS ART T . 22.73 11.23 -16.45
O1 ART T . 20.92 10.88 -16.81
O2 ART T . 23.69 10.62 -18.01
O3 ART T . 23.34 10.33 -14.84
O4 ART T . 22.98 13.07 -16.06
C FMT U . 11.81 18.42 1.46
O1 FMT U . 12.98 18.63 1.39
O2 FMT U . 11.08 18.93 2.26
C FMT V . 21.26 21.01 4.68
O1 FMT V . 20.99 21.30 5.86
O2 FMT V . 22.28 21.37 4.07
NA NA W . 2.27 18.79 -19.87
N1 HPA X . 2.82 -25.11 2.76
C2 HPA X . 2.61 -24.29 3.87
N3 HPA X . 2.88 -24.81 5.11
C4 HPA X . 3.39 -26.07 5.21
C5 HPA X . 3.63 -26.87 4.09
C6 HPA X . 3.35 -26.38 2.85
O6 HPA X . 3.64 -27.08 1.87
N7 HPA X . 4.11 -28.09 4.46
C8 HPA X . 4.19 -28.02 5.82
N9 HPA X . 3.76 -26.81 6.26
O2 R1X Y . 3.97 -23.90 9.33
C2 R1X Y . 3.06 -24.94 8.91
C3 R1X Y . 1.70 -25.08 9.66
O3 R1X Y . 1.75 -24.91 11.13
C1 R1X Y . 3.72 -26.33 8.91
O4 R1X Y . 2.58 -27.20 9.27
C4 R1X Y . 1.33 -26.51 9.35
C5 R1X Y . 0.55 -26.72 8.05
O5 R1X Y . 0.00 -28.04 8.00
AS ART Z . 4.40 -27.34 12.12
O1 ART Z . 5.32 -26.38 10.76
O2 ART Z . 4.26 -29.09 11.44
O3 ART Z . 2.65 -26.68 12.58
O4 ART Z . 5.53 -27.21 13.64
C FMT AA . 6.68 -6.68 19.68
O1 FMT AA . 6.52 -7.87 20.00
O2 FMT AA . 7.00 -5.76 20.43
C FMT BA . -2.52 -34.02 21.05
O1 FMT BA . -1.82 -33.57 21.98
O2 FMT BA . -2.11 -34.42 19.93
C FMT CA . 0.97 -22.04 -5.53
O1 FMT CA . 0.44 -23.12 -5.26
O2 FMT CA . 1.58 -21.81 -6.59
C FMT DA . 2.38 -11.26 28.40
O1 FMT DA . 2.23 -10.17 28.97
O2 FMT DA . 2.29 -12.36 28.96
C FMT EA . 18.12 -10.88 15.10
O1 FMT EA . 17.44 -9.92 15.51
O2 FMT EA . 19.09 -10.83 14.32
C FMT FA . -0.17 -5.69 5.33
O1 FMT FA . 0.41 -6.78 5.17
O2 FMT FA . 0.18 -4.77 6.10
NA NA GA . -3.85 -21.80 15.73
N1 HPA HA . -12.57 22.11 -0.36
C2 HPA HA . -12.89 21.21 -1.36
N3 HPA HA . -13.57 21.63 -2.47
C4 HPA HA . -13.90 22.96 -2.58
C5 HPA HA . -13.60 23.88 -1.58
C6 HPA HA . -12.91 23.46 -0.47
O6 HPA HA . -12.64 24.31 0.40
N7 HPA HA . -14.05 25.11 -1.94
C8 HPA HA . -14.65 24.96 -3.15
N9 HPA HA . -14.56 23.67 -3.55
O2 R1X IA . -14.11 20.91 -6.77
C2 R1X IA . -15.13 21.35 -5.85
C3 R1X IA . -16.50 20.60 -5.87
O3 R1X IA . -17.08 20.29 -7.18
C1 R1X IA . -15.45 22.85 -5.97
O4 R1X IA . -16.82 22.91 -5.44
C4 R1X IA . -17.41 21.63 -5.19
C5 R1X IA . -17.62 21.38 -3.70
O5 R1X IA . -18.49 22.38 -3.11
AS ART JA . -16.96 23.57 -8.95
O1 ART JA . -15.18 23.44 -8.23
O2 ART JA . -17.73 25.05 -8.01
O3 ART JA . -18.03 21.99 -8.65
O4 ART JA . -16.83 23.83 -10.83
C FMT KA . 0.80 15.80 -20.17
O1 FMT KA . 0.95 17.05 -20.06
O2 FMT KA . -0.27 15.27 -20.41
C FMT LA . -33.60 17.18 -15.23
O1 FMT LA . -32.86 18.02 -15.75
O2 FMT LA . -33.48 15.95 -15.35
C FMT MA . -8.01 6.54 -19.45
O1 FMT MA . -8.84 7.18 -20.02
O2 FMT MA . -7.25 5.78 -19.97
C FMT NA . -1.90 3.56 -5.97
O1 FMT NA . -2.17 3.93 -7.10
O2 FMT NA . -1.11 4.12 -5.18
C FMT OA . -5.73 4.14 -3.83
O1 FMT OA . -5.23 5.18 -3.36
O2 FMT OA . -5.18 3.33 -4.59
NA NA PA . -21.49 13.98 -9.09
NA NA QA . -31.05 17.08 -14.56
N1 HPA RA . -8.83 -9.29 21.88
C2 HPA RA . -8.64 -10.14 20.82
N3 HPA RA . -9.21 -11.40 20.87
C4 HPA RA . -9.99 -11.73 21.96
C5 HPA RA . -10.19 -10.85 23.02
C6 HPA RA . -9.61 -9.61 22.99
O6 HPA RA . -9.81 -8.85 23.97
N7 HPA RA . -10.96 -11.42 23.98
C8 HPA RA . -11.27 -12.65 23.52
N9 HPA RA . -10.68 -12.84 22.30
O2 R1X SA . -10.82 -14.71 18.52
C2 R1X SA . -10.18 -14.86 19.80
C3 R1X SA . -9.02 -15.91 19.93
O3 R1X SA . -9.23 -17.22 19.29
C1 R1X SA . -11.14 -15.15 20.95
O4 R1X SA . -10.27 -15.83 21.93
C4 R1X SA . -8.96 -16.12 21.44
C5 R1X SA . -7.89 -15.29 22.14
O5 R1X SA . -7.88 -15.53 23.57
AS ART TA . -12.40 -18.25 20.80
O1 ART TA . -12.65 -16.42 20.29
O2 ART TA . -12.40 -18.14 22.73
O3 ART TA . -10.66 -18.86 20.26
O4 ART TA . -13.60 -19.48 19.97
C FMT UA . -11.28 -19.58 -1.00
O1 FMT UA . -11.81 -19.46 0.04
O2 FMT UA . -11.37 -18.75 -1.88
N1 HPA VA . -21.36 -0.03 -13.96
C2 HPA VA . -21.27 0.95 -12.99
N3 HPA VA . -22.37 1.67 -12.60
C4 HPA VA . -23.56 1.34 -13.20
C5 HPA VA . -23.67 0.36 -14.18
C6 HPA VA . -22.56 -0.35 -14.57
O6 HPA VA . -22.70 -1.28 -15.39
N7 HPA VA . -24.95 0.27 -14.62
C8 HPA VA . -25.65 1.18 -13.93
N9 HPA VA . -24.82 1.83 -13.07
O2 R1X WA . -24.25 4.09 -9.46
C2 R1X WA . -24.30 4.26 -10.86
C3 R1X WA . -24.08 5.72 -11.31
O3 R1X WA . -24.57 6.72 -10.36
C1 R1X WA . -25.65 3.80 -11.45
O4 R1X WA . -25.87 4.77 -12.52
C4 R1X WA . -24.90 5.81 -12.59
C5 R1X WA . -24.04 5.74 -13.86
O5 R1X WA . -24.77 5.31 -15.02
AS ART XA . -28.19 5.80 -9.95
O1 ART XA . -27.29 4.12 -9.75
O2 ART XA . -29.05 5.50 -11.66
O3 ART XA . -26.84 7.19 -10.15
O4 ART XA . -29.36 6.14 -8.47
C FMT YA . -7.05 1.62 2.41
O1 FMT YA . -7.52 2.36 3.27
O2 FMT YA . -5.99 0.99 2.54
C FMT ZA . -17.52 9.95 8.79
O1 FMT ZA . -18.46 10.53 8.29
O2 FMT ZA . -17.30 9.84 10.00
C FMT AB . -22.40 19.13 7.88
O1 FMT AB . -23.52 19.28 7.38
O2 FMT AB . -21.86 19.95 8.64
#